data_7L2Y
# 
_entry.id   7L2Y 
# 
_audit_conform.dict_name       mmcif_pdbx.dic 
_audit_conform.dict_version    5.353 
_audit_conform.dict_location   http://mmcif.pdb.org/dictionaries/ascii/mmcif_pdbx.dic 
# 
loop_
_database_2.database_id 
_database_2.database_code 
_database_2.pdbx_database_accession 
_database_2.pdbx_DOI 
PDB   7L2Y         pdb_00007l2y 10.2210/pdb7l2y/pdb 
WWPDB D_1000253613 ?            ?                   
# 
_pdbx_database_related.db_name        PDB 
_pdbx_database_related.details        . 
_pdbx_database_related.db_id          6WE7 
_pdbx_database_related.content_type   unspecified 
# 
_pdbx_database_status.status_code                     REL 
_pdbx_database_status.status_code_sf                  REL 
_pdbx_database_status.status_code_mr                  ? 
_pdbx_database_status.entry_id                        7L2Y 
_pdbx_database_status.recvd_initial_deposition_date   2020-12-17 
_pdbx_database_status.SG_entry                        N 
_pdbx_database_status.deposit_site                    RCSB 
_pdbx_database_status.process_site                    RCSB 
_pdbx_database_status.status_code_cs                  ? 
_pdbx_database_status.status_code_nmr_data            ? 
_pdbx_database_status.methods_development_category    ? 
_pdbx_database_status.pdb_format_compatible           N 
# 
loop_
_audit_author.name 
_audit_author.pdbx_ordinal 
_audit_author.identifier_ORCID 
'Gorman, M.A.' 1 0000-0003-3438-8245 
'Parker, M.W.' 2 0000-0002-3101-1138 
# 
_citation.abstract                  ? 
_citation.abstract_id_CAS           ? 
_citation.book_id_ISBN              ? 
_citation.book_publisher            ? 
_citation.book_publisher_city       ? 
_citation.book_title                ? 
_citation.coordinate_linkage        ? 
_citation.country                   ? 
_citation.database_id_Medline       ? 
_citation.details                   ? 
_citation.id                        primary 
_citation.journal_abbrev            'To Be Published' 
_citation.journal_id_ASTM           ? 
_citation.journal_id_CSD            0353 
_citation.journal_id_ISSN           ? 
_citation.journal_full              ? 
_citation.journal_issue             ? 
_citation.journal_volume            ? 
_citation.language                  ? 
_citation.page_first                ? 
_citation.page_last                 ? 
_citation.title                     'HIV Integrase core domain in complex with inhibitor' 
_citation.year                      ? 
_citation.database_id_CSD           ? 
_citation.pdbx_database_id_DOI      ? 
_citation.pdbx_database_id_PubMed   ? 
_citation.unpublished_flag          ? 
# 
loop_
_citation_author.citation_id 
_citation_author.name 
_citation_author.ordinal 
_citation_author.identifier_ORCID 
primary 'Gorman, M.A.' 1 0000-0003-3438-8245 
primary 'Parker, M.W.' 2 0000-0002-3101-1138 
# 
_cell.angle_alpha                  90.000 
_cell.angle_alpha_esd              ? 
_cell.angle_beta                   90.000 
_cell.angle_beta_esd               ? 
_cell.angle_gamma                  90.000 
_cell.angle_gamma_esd              ? 
_cell.entry_id                     7L2Y 
_cell.details                      ? 
_cell.formula_units_Z              ? 
_cell.length_a                     45.980 
_cell.length_a_esd                 ? 
_cell.length_b                     45.980 
_cell.length_b_esd                 ? 
_cell.length_c                     138.870 
_cell.length_c_esd                 ? 
_cell.volume                       ? 
_cell.volume_esd                   ? 
_cell.Z_PDB                        8 
_cell.reciprocal_angle_alpha       ? 
_cell.reciprocal_angle_beta        ? 
_cell.reciprocal_angle_gamma       ? 
_cell.reciprocal_angle_alpha_esd   ? 
_cell.reciprocal_angle_beta_esd    ? 
_cell.reciprocal_angle_gamma_esd   ? 
_cell.reciprocal_length_a          ? 
_cell.reciprocal_length_b          ? 
_cell.reciprocal_length_c          ? 
_cell.reciprocal_length_a_esd      ? 
_cell.reciprocal_length_b_esd      ? 
_cell.reciprocal_length_c_esd      ? 
_cell.pdbx_unique_axis             ? 
# 
_symmetry.entry_id                         7L2Y 
_symmetry.cell_setting                     ? 
_symmetry.Int_Tables_number                96 
_symmetry.space_group_name_Hall            ? 
_symmetry.space_group_name_H-M             'P 43 21 2' 
_symmetry.pdbx_full_space_group_name_H-M   ? 
# 
loop_
_entity.id 
_entity.type 
_entity.src_method 
_entity.pdbx_description 
_entity.formula_weight 
_entity.pdbx_number_of_molecules 
_entity.pdbx_ec 
_entity.pdbx_mutation 
_entity.pdbx_fragment 
_entity.details 
1 polymer     man Integrase                                                               17806.090 1  ? ? 'UNP residues 50-212' ? 
2 non-polymer syn 'SULFATE ION'                                                           96.063    4  ? ? ?                     ? 
3 non-polymer syn 'IODIDE ION'                                                            126.904   5  ? ? ?                     ? 
4 non-polymer syn '4-{[3-(carboxymethyl)-5-methyl-1-benzofuran-2-yl]ethynyl}benzoic acid' 334.322   1  ? ? ?                     ? 
5 water       nat water                                                                   18.015    42 ? ? ?                     ? 
# 
_entity_poly.entity_id                      1 
_entity_poly.type                           'polypeptide(L)' 
_entity_poly.nstd_linkage                   no 
_entity_poly.nstd_monomer                   yes 
_entity_poly.pdbx_seq_one_letter_code       
;MHGEVDSSPGIWQLD(OCS)THLEGKVILVAVHVASGYIEAEVIPAETGQETAYFLLKLAGRWPVKTVHTDNGSNFTSTT
VKAA(OCS)EWAGIKQEFGIPYNPQSQGVIESNKELKKIIGQVRDQAEHLKTAVQMAVFIHNKKRKGGIGGYSAGERIVD
IIATDIETKE
;
_entity_poly.pdbx_seq_one_letter_code_can   
;MHGEVDSSPGIWQLDCTHLEGKVILVAVHVASGYIEAEVIPAETGQETAYFLLKLAGRWPVKTVHTDNGSNFTSTTVKAA
CEWAGIKQEFGIPYNPQSQGVIESNKELKKIIGQVRDQAEHLKTAVQMAVFIHNKKRKGGIGGYSAGERIVDIIATDIET
KE
;
_entity_poly.pdbx_strand_id                 AAA 
_entity_poly.pdbx_target_identifier         ? 
# 
loop_
_entity_poly_seq.entity_id 
_entity_poly_seq.num 
_entity_poly_seq.mon_id 
_entity_poly_seq.hetero 
1 1   MET n 
1 2   HIS n 
1 3   GLY n 
1 4   GLU n 
1 5   VAL n 
1 6   ASP n 
1 7   SER n 
1 8   SER n 
1 9   PRO n 
1 10  GLY n 
1 11  ILE n 
1 12  TRP n 
1 13  GLN n 
1 14  LEU n 
1 15  ASP n 
1 16  OCS n 
1 17  THR n 
1 18  HIS n 
1 19  LEU n 
1 20  GLU n 
1 21  GLY n 
1 22  LYS n 
1 23  VAL n 
1 24  ILE n 
1 25  LEU n 
1 26  VAL n 
1 27  ALA n 
1 28  VAL n 
1 29  HIS n 
1 30  VAL n 
1 31  ALA n 
1 32  SER n 
1 33  GLY n 
1 34  TYR n 
1 35  ILE n 
1 36  GLU n 
1 37  ALA n 
1 38  GLU n 
1 39  VAL n 
1 40  ILE n 
1 41  PRO n 
1 42  ALA n 
1 43  GLU n 
1 44  THR n 
1 45  GLY n 
1 46  GLN n 
1 47  GLU n 
1 48  THR n 
1 49  ALA n 
1 50  TYR n 
1 51  PHE n 
1 52  LEU n 
1 53  LEU n 
1 54  LYS n 
1 55  LEU n 
1 56  ALA n 
1 57  GLY n 
1 58  ARG n 
1 59  TRP n 
1 60  PRO n 
1 61  VAL n 
1 62  LYS n 
1 63  THR n 
1 64  VAL n 
1 65  HIS n 
1 66  THR n 
1 67  ASP n 
1 68  ASN n 
1 69  GLY n 
1 70  SER n 
1 71  ASN n 
1 72  PHE n 
1 73  THR n 
1 74  SER n 
1 75  THR n 
1 76  THR n 
1 77  VAL n 
1 78  LYS n 
1 79  ALA n 
1 80  ALA n 
1 81  OCS n 
1 82  GLU n 
1 83  TRP n 
1 84  ALA n 
1 85  GLY n 
1 86  ILE n 
1 87  LYS n 
1 88  GLN n 
1 89  GLU n 
1 90  PHE n 
1 91  GLY n 
1 92  ILE n 
1 93  PRO n 
1 94  TYR n 
1 95  ASN n 
1 96  PRO n 
1 97  GLN n 
1 98  SER n 
1 99  GLN n 
1 100 GLY n 
1 101 VAL n 
1 102 ILE n 
1 103 GLU n 
1 104 SER n 
1 105 ASN n 
1 106 LYS n 
1 107 GLU n 
1 108 LEU n 
1 109 LYS n 
1 110 LYS n 
1 111 ILE n 
1 112 ILE n 
1 113 GLY n 
1 114 GLN n 
1 115 VAL n 
1 116 ARG n 
1 117 ASP n 
1 118 GLN n 
1 119 ALA n 
1 120 GLU n 
1 121 HIS n 
1 122 LEU n 
1 123 LYS n 
1 124 THR n 
1 125 ALA n 
1 126 VAL n 
1 127 GLN n 
1 128 MET n 
1 129 ALA n 
1 130 VAL n 
1 131 PHE n 
1 132 ILE n 
1 133 HIS n 
1 134 ASN n 
1 135 LYS n 
1 136 LYS n 
1 137 ARG n 
1 138 LYS n 
1 139 GLY n 
1 140 GLY n 
1 141 ILE n 
1 142 GLY n 
1 143 GLY n 
1 144 TYR n 
1 145 SER n 
1 146 ALA n 
1 147 GLY n 
1 148 GLU n 
1 149 ARG n 
1 150 ILE n 
1 151 VAL n 
1 152 ASP n 
1 153 ILE n 
1 154 ILE n 
1 155 ALA n 
1 156 THR n 
1 157 ASP n 
1 158 ILE n 
1 159 GLU n 
1 160 THR n 
1 161 LYS n 
1 162 GLU n 
# 
_entity_src_gen.entity_id                          1 
_entity_src_gen.pdbx_src_id                        1 
_entity_src_gen.pdbx_alt_source_flag               sample 
_entity_src_gen.pdbx_seq_type                      'Biological sequence' 
_entity_src_gen.pdbx_beg_seq_num                   1 
_entity_src_gen.pdbx_end_seq_num                   162 
_entity_src_gen.gene_src_common_name               HIV-1 
_entity_src_gen.gene_src_genus                     ? 
_entity_src_gen.pdbx_gene_src_gene                 pol 
_entity_src_gen.gene_src_species                   ? 
_entity_src_gen.gene_src_strain                    ? 
_entity_src_gen.gene_src_tissue                    ? 
_entity_src_gen.gene_src_tissue_fraction           ? 
_entity_src_gen.gene_src_details                   ? 
_entity_src_gen.pdbx_gene_src_fragment             ? 
_entity_src_gen.pdbx_gene_src_scientific_name      'Human immunodeficiency virus 1' 
_entity_src_gen.pdbx_gene_src_ncbi_taxonomy_id     11676 
_entity_src_gen.pdbx_gene_src_variant              ? 
_entity_src_gen.pdbx_gene_src_cell_line            ? 
_entity_src_gen.pdbx_gene_src_atcc                 ? 
_entity_src_gen.pdbx_gene_src_organ                ? 
_entity_src_gen.pdbx_gene_src_organelle            ? 
_entity_src_gen.pdbx_gene_src_cell                 ? 
_entity_src_gen.pdbx_gene_src_cellular_location    ? 
_entity_src_gen.host_org_common_name               ? 
_entity_src_gen.pdbx_host_org_scientific_name      'Escherichia coli' 
_entity_src_gen.pdbx_host_org_ncbi_taxonomy_id     562 
_entity_src_gen.host_org_genus                     ? 
_entity_src_gen.pdbx_host_org_gene                 ? 
_entity_src_gen.pdbx_host_org_organ                ? 
_entity_src_gen.host_org_species                   ? 
_entity_src_gen.pdbx_host_org_tissue               ? 
_entity_src_gen.pdbx_host_org_tissue_fraction      ? 
_entity_src_gen.pdbx_host_org_strain               ? 
_entity_src_gen.pdbx_host_org_variant              ? 
_entity_src_gen.pdbx_host_org_cell_line            ? 
_entity_src_gen.pdbx_host_org_atcc                 ? 
_entity_src_gen.pdbx_host_org_culture_collection   ? 
_entity_src_gen.pdbx_host_org_cell                 ? 
_entity_src_gen.pdbx_host_org_organelle            ? 
_entity_src_gen.pdbx_host_org_cellular_location    ? 
_entity_src_gen.pdbx_host_org_vector_type          ? 
_entity_src_gen.pdbx_host_org_vector               ? 
_entity_src_gen.host_org_details                   ? 
_entity_src_gen.expression_system_id               ? 
_entity_src_gen.plasmid_name                       ? 
_entity_src_gen.plasmid_details                    ? 
_entity_src_gen.pdbx_description                   ? 
# 
_struct_ref.id                         1 
_struct_ref.db_name                    UNP 
_struct_ref.db_code                    F2WR52_9HIV1 
_struct_ref.pdbx_db_accession          F2WR52 
_struct_ref.pdbx_db_isoform            ? 
_struct_ref.entity_id                  1 
_struct_ref.pdbx_seq_one_letter_code   
;MHGQVDCSPGIWQLDCTHLEGKVILVAVHVASGYIEAEVIPAETGQETAYFLLKLAGRWPVKTVHTDNGSNFTSTTVKAA
CWWAGIKQEFGIPYNPQSQGVIESMNKELKKIIGQVRDQAEHLKTAVQMAVFIHNFKRKGGIGGYSAGERIVDIIATDIQ
TKE
;
_struct_ref.pdbx_align_begin           50 
# 
_struct_ref_seq.align_id                      1 
_struct_ref_seq.ref_id                        1 
_struct_ref_seq.pdbx_PDB_id_code              7L2Y 
_struct_ref_seq.pdbx_strand_id                AAA 
_struct_ref_seq.seq_align_beg                 1 
_struct_ref_seq.pdbx_seq_align_beg_ins_code   ? 
_struct_ref_seq.seq_align_end                 162 
_struct_ref_seq.pdbx_seq_align_end_ins_code   ? 
_struct_ref_seq.pdbx_db_accession             F2WR52 
_struct_ref_seq.db_align_beg                  50 
_struct_ref_seq.pdbx_db_align_beg_ins_code    ? 
_struct_ref_seq.db_align_end                  212 
_struct_ref_seq.pdbx_db_align_end_ins_code    ? 
_struct_ref_seq.pdbx_auth_seq_align_beg       50 
_struct_ref_seq.pdbx_auth_seq_align_end       212 
# 
loop_
_struct_ref_seq_dif.align_id 
_struct_ref_seq_dif.pdbx_pdb_id_code 
_struct_ref_seq_dif.mon_id 
_struct_ref_seq_dif.pdbx_pdb_strand_id 
_struct_ref_seq_dif.seq_num 
_struct_ref_seq_dif.pdbx_pdb_ins_code 
_struct_ref_seq_dif.pdbx_seq_db_name 
_struct_ref_seq_dif.pdbx_seq_db_accession_code 
_struct_ref_seq_dif.db_mon_id 
_struct_ref_seq_dif.pdbx_seq_db_seq_num 
_struct_ref_seq_dif.details 
_struct_ref_seq_dif.pdbx_auth_seq_num 
_struct_ref_seq_dif.pdbx_ordinal 
1 7L2Y GLU AAA 4   ? UNP F2WR52 GLN 53  conflict 53  1 
1 7L2Y SER AAA 7   ? UNP F2WR52 CYS 56  conflict 56  2 
1 7L2Y GLU AAA 82  ? UNP F2WR52 TRP 131 conflict 131 3 
1 7L2Y ?   AAA ?   ? UNP F2WR52 MET 154 deletion ?   4 
1 7L2Y LYS AAA 135 ? UNP F2WR52 PHE 185 conflict 185 5 
1 7L2Y GLU AAA 159 ? UNP F2WR52 GLN 209 conflict 209 6 
# 
loop_
_chem_comp.id 
_chem_comp.type 
_chem_comp.mon_nstd_flag 
_chem_comp.name 
_chem_comp.pdbx_synonyms 
_chem_comp.formula 
_chem_comp.formula_weight 
ALA 'L-peptide linking' y ALANINE                                                                 ? 'C3 H7 N O2'     89.093  
ARG 'L-peptide linking' y ARGININE                                                                ? 'C6 H15 N4 O2 1' 175.209 
ASN 'L-peptide linking' y ASPARAGINE                                                              ? 'C4 H8 N2 O3'    132.118 
ASP 'L-peptide linking' y 'ASPARTIC ACID'                                                         ? 'C4 H7 N O4'     133.103 
CYS 'L-peptide linking' y CYSTEINE                                                                ? 'C3 H7 N O2 S'   121.158 
GLN 'L-peptide linking' y GLUTAMINE                                                               ? 'C5 H10 N2 O3'   146.144 
GLU 'L-peptide linking' y 'GLUTAMIC ACID'                                                         ? 'C5 H9 N O4'     147.129 
GLY 'peptide linking'   y GLYCINE                                                                 ? 'C2 H5 N O2'     75.067  
HIS 'L-peptide linking' y HISTIDINE                                                               ? 'C6 H10 N3 O2 1' 156.162 
HOH non-polymer         . WATER                                                                   ? 'H2 O'           18.015  
ILE 'L-peptide linking' y ISOLEUCINE                                                              ? 'C6 H13 N O2'    131.173 
IOD non-polymer         . 'IODIDE ION'                                                            ? 'I -1'           126.904 
LEU 'L-peptide linking' y LEUCINE                                                                 ? 'C6 H13 N O2'    131.173 
LYS 'L-peptide linking' y LYSINE                                                                  ? 'C6 H15 N2 O2 1' 147.195 
MET 'L-peptide linking' y METHIONINE                                                              ? 'C5 H11 N O2 S'  149.211 
OCS 'L-peptide linking' n 'CYSTEINESULFONIC ACID'                                                 ? 'C3 H7 N O5 S'   169.156 
PHE 'L-peptide linking' y PHENYLALANINE                                                           ? 'C9 H11 N O2'    165.189 
PRO 'L-peptide linking' y PROLINE                                                                 ? 'C5 H9 N O2'     115.130 
SER 'L-peptide linking' y SERINE                                                                  ? 'C3 H7 N O3'     105.093 
SO4 non-polymer         . 'SULFATE ION'                                                           ? 'O4 S -2'        96.063  
THR 'L-peptide linking' y THREONINE                                                               ? 'C4 H9 N O3'     119.119 
TRP 'L-peptide linking' y TRYPTOPHAN                                                              ? 'C11 H12 N2 O2'  204.225 
TYR 'L-peptide linking' y TYROSINE                                                                ? 'C9 H11 N O3'    181.189 
VAL 'L-peptide linking' y VALINE                                                                  ? 'C5 H11 N O2'    117.146 
XHY non-polymer         . '4-{[3-(carboxymethyl)-5-methyl-1-benzofuran-2-yl]ethynyl}benzoic acid' ? 'C20 H14 O5'     334.322 
# 
_exptl.absorpt_coefficient_mu     ? 
_exptl.absorpt_correction_T_max   ? 
_exptl.absorpt_correction_T_min   ? 
_exptl.absorpt_correction_type    ? 
_exptl.absorpt_process_details    ? 
_exptl.entry_id                   7L2Y 
_exptl.crystals_number            1 
_exptl.details                    ? 
_exptl.method                     'X-RAY DIFFRACTION' 
_exptl.method_details             ? 
# 
_exptl_crystal.colour                      ? 
_exptl_crystal.density_diffrn              ? 
_exptl_crystal.density_Matthews            2.05 
_exptl_crystal.density_method              ? 
_exptl_crystal.density_percent_sol         39.88 
_exptl_crystal.description                 Bi-pyramid 
_exptl_crystal.F_000                       ? 
_exptl_crystal.id                          1 
_exptl_crystal.preparation                 ? 
_exptl_crystal.size_max                    ? 
_exptl_crystal.size_mid                    ? 
_exptl_crystal.size_min                    ? 
_exptl_crystal.size_rad                    ? 
_exptl_crystal.colour_lustre               ? 
_exptl_crystal.colour_modifier             ? 
_exptl_crystal.colour_primary              ? 
_exptl_crystal.density_meas                ? 
_exptl_crystal.density_meas_esd            ? 
_exptl_crystal.density_meas_gt             ? 
_exptl_crystal.density_meas_lt             ? 
_exptl_crystal.density_meas_temp           ? 
_exptl_crystal.density_meas_temp_esd       ? 
_exptl_crystal.density_meas_temp_gt        ? 
_exptl_crystal.density_meas_temp_lt        ? 
_exptl_crystal.pdbx_crystal_image_url      ? 
_exptl_crystal.pdbx_crystal_image_format   ? 
_exptl_crystal.pdbx_mosaicity              ? 
_exptl_crystal.pdbx_mosaicity_esd          ? 
# 
_exptl_crystal_grow.apparatus       ? 
_exptl_crystal_grow.atmosphere      ? 
_exptl_crystal_grow.crystal_id      1 
_exptl_crystal_grow.details         ? 
_exptl_crystal_grow.method          'VAPOR DIFFUSION, HANGING DROP' 
_exptl_crystal_grow.method_ref      ? 
_exptl_crystal_grow.pH              ? 
_exptl_crystal_grow.pressure        ? 
_exptl_crystal_grow.pressure_esd    ? 
_exptl_crystal_grow.seeding         ? 
_exptl_crystal_grow.seeding_ref     ? 
_exptl_crystal_grow.temp            294 
_exptl_crystal_grow.temp_details    ? 
_exptl_crystal_grow.temp_esd        ? 
_exptl_crystal_grow.time            ? 
_exptl_crystal_grow.pdbx_details    '2.2 M ammonium sulfate, 100 mM potassium iodide' 
_exptl_crystal_grow.pdbx_pH_range   ? 
# 
_diffrn.ambient_environment              ? 
_diffrn.ambient_temp                     100 
_diffrn.ambient_temp_details             ? 
_diffrn.ambient_temp_esd                 ? 
_diffrn.crystal_id                       1 
_diffrn.crystal_support                  ? 
_diffrn.crystal_treatment                ? 
_diffrn.details                          ? 
_diffrn.id                               1 
_diffrn.ambient_pressure                 ? 
_diffrn.ambient_pressure_esd             ? 
_diffrn.ambient_pressure_gt              ? 
_diffrn.ambient_pressure_lt              ? 
_diffrn.ambient_temp_gt                  ? 
_diffrn.ambient_temp_lt                  ? 
_diffrn.pdbx_serial_crystal_experiment   N 
# 
_diffrn_detector.details                      ? 
_diffrn_detector.detector                     CCD 
_diffrn_detector.diffrn_id                    1 
_diffrn_detector.type                         'ADSC QUANTUM 315r' 
_diffrn_detector.area_resol_mean              ? 
_diffrn_detector.dtime                        ? 
_diffrn_detector.pdbx_frames_total            ? 
_diffrn_detector.pdbx_collection_time_total   ? 
_diffrn_detector.pdbx_collection_date         2015-08-25 
_diffrn_detector.pdbx_frequency               ? 
# 
_diffrn_radiation.collimation                      ? 
_diffrn_radiation.diffrn_id                        1 
_diffrn_radiation.filter_edge                      ? 
_diffrn_radiation.inhomogeneity                    ? 
_diffrn_radiation.monochromator                    ? 
_diffrn_radiation.polarisn_norm                    ? 
_diffrn_radiation.polarisn_ratio                   ? 
_diffrn_radiation.probe                            ? 
_diffrn_radiation.type                             ? 
_diffrn_radiation.xray_symbol                      ? 
_diffrn_radiation.wavelength_id                    1 
_diffrn_radiation.pdbx_monochromatic_or_laue_m_l   M 
_diffrn_radiation.pdbx_wavelength_list             ? 
_diffrn_radiation.pdbx_wavelength                  ? 
_diffrn_radiation.pdbx_diffrn_protocol             'SINGLE WAVELENGTH' 
_diffrn_radiation.pdbx_analyzer                    ? 
_diffrn_radiation.pdbx_scattering_type             x-ray 
# 
_diffrn_radiation_wavelength.id           1 
_diffrn_radiation_wavelength.wavelength   0.954 
_diffrn_radiation_wavelength.wt           1.0 
# 
_diffrn_source.current                     ? 
_diffrn_source.details                     ? 
_diffrn_source.diffrn_id                   1 
_diffrn_source.power                       ? 
_diffrn_source.size                        ? 
_diffrn_source.source                      SYNCHROTRON 
_diffrn_source.target                      ? 
_diffrn_source.type                        'AUSTRALIAN SYNCHROTRON BEAMLINE MX2' 
_diffrn_source.voltage                     ? 
_diffrn_source.take-off_angle              ? 
_diffrn_source.pdbx_wavelength_list        0.954 
_diffrn_source.pdbx_wavelength             ? 
_diffrn_source.pdbx_synchrotron_beamline   MX2 
_diffrn_source.pdbx_synchrotron_site       'Australian Synchrotron' 
# 
_reflns.B_iso_Wilson_estimate            26.1 
_reflns.entry_id                         7L2Y 
_reflns.data_reduction_details           ? 
_reflns.data_reduction_method            ? 
_reflns.d_resolution_high                1.98 
_reflns.d_resolution_low                 32.62 
_reflns.details                          ? 
_reflns.limit_h_max                      ? 
_reflns.limit_h_min                      ? 
_reflns.limit_k_max                      ? 
_reflns.limit_k_min                      ? 
_reflns.limit_l_max                      ? 
_reflns.limit_l_min                      ? 
_reflns.number_all                       ? 
_reflns.number_obs                       11041 
_reflns.observed_criterion               ? 
_reflns.observed_criterion_F_max         ? 
_reflns.observed_criterion_F_min         ? 
_reflns.observed_criterion_I_max         ? 
_reflns.observed_criterion_I_min         ? 
_reflns.observed_criterion_sigma_F       ? 
_reflns.observed_criterion_sigma_I       ? 
_reflns.percent_possible_obs             99.9 
_reflns.R_free_details                   ? 
_reflns.Rmerge_F_all                     ? 
_reflns.Rmerge_F_obs                     ? 
_reflns.Friedel_coverage                 ? 
_reflns.number_gt                        ? 
_reflns.threshold_expression             ? 
_reflns.pdbx_redundancy                  7.2 
_reflns.pdbx_Rmerge_I_obs                0.147 
_reflns.pdbx_Rmerge_I_all                ? 
_reflns.pdbx_Rsym_value                  ? 
_reflns.pdbx_netI_over_av_sigmaI         ? 
_reflns.pdbx_netI_over_sigmaI            9.6 
_reflns.pdbx_res_netI_over_av_sigmaI_2   ? 
_reflns.pdbx_res_netI_over_sigmaI_2      ? 
_reflns.pdbx_chi_squared                 0.85 
_reflns.pdbx_scaling_rejects             ? 
_reflns.pdbx_d_res_high_opt              ? 
_reflns.pdbx_d_res_low_opt               ? 
_reflns.pdbx_d_res_opt_method            ? 
_reflns.phase_calculation_details        ? 
_reflns.pdbx_Rrim_I_all                  0.159 
_reflns.pdbx_Rpim_I_all                  0.059 
_reflns.pdbx_d_opt                       ? 
_reflns.pdbx_number_measured_all         ? 
_reflns.pdbx_diffrn_id                   1 
_reflns.pdbx_ordinal                     1 
_reflns.pdbx_CC_half                     0.995 
_reflns.pdbx_CC_star                     ? 
_reflns.pdbx_R_split                     ? 
# 
_reflns_shell.d_res_high                  1.98 
_reflns_shell.d_res_low                   2.03 
_reflns_shell.meanI_over_sigI_all         ? 
_reflns_shell.meanI_over_sigI_obs         2.5 
_reflns_shell.number_measured_all         ? 
_reflns_shell.number_measured_obs         ? 
_reflns_shell.number_possible             ? 
_reflns_shell.number_unique_all           ? 
_reflns_shell.number_unique_obs           758 
_reflns_shell.percent_possible_all        ? 
_reflns_shell.percent_possible_obs        ? 
_reflns_shell.Rmerge_F_all                ? 
_reflns_shell.Rmerge_F_obs                ? 
_reflns_shell.Rmerge_I_all                ? 
_reflns_shell.Rmerge_I_obs                1.322 
_reflns_shell.meanI_over_sigI_gt          ? 
_reflns_shell.meanI_over_uI_all           ? 
_reflns_shell.meanI_over_uI_gt            ? 
_reflns_shell.number_measured_gt          ? 
_reflns_shell.number_unique_gt            ? 
_reflns_shell.percent_possible_gt         ? 
_reflns_shell.Rmerge_F_gt                 ? 
_reflns_shell.Rmerge_I_gt                 ? 
_reflns_shell.pdbx_redundancy             ? 
_reflns_shell.pdbx_Rsym_value             ? 
_reflns_shell.pdbx_chi_squared            ? 
_reflns_shell.pdbx_netI_over_sigmaI_all   ? 
_reflns_shell.pdbx_netI_over_sigmaI_obs   ? 
_reflns_shell.pdbx_Rrim_I_all             ? 
_reflns_shell.pdbx_Rpim_I_all             0.514 
_reflns_shell.pdbx_rejects                ? 
_reflns_shell.pdbx_ordinal                1 
_reflns_shell.pdbx_diffrn_id              1 
_reflns_shell.pdbx_CC_half                0.731 
_reflns_shell.pdbx_CC_star                ? 
_reflns_shell.pdbx_R_split                ? 
# 
_refine.aniso_B[1][1]                            0.657 
_refine.aniso_B[1][2]                            0.000 
_refine.aniso_B[1][3]                            -0.000 
_refine.aniso_B[2][2]                            0.657 
_refine.aniso_B[2][3]                            -0.000 
_refine.aniso_B[3][3]                            -1.314 
_refine.B_iso_max                                ? 
_refine.B_iso_mean                               31.879 
_refine.B_iso_min                                ? 
_refine.correlation_coeff_Fo_to_Fc               0.941 
_refine.correlation_coeff_Fo_to_Fc_free          0.921 
_refine.details                                  'Hydrogens have been added in their riding positions' 
_refine.diff_density_max                         ? 
_refine.diff_density_max_esd                     ? 
_refine.diff_density_min                         ? 
_refine.diff_density_min_esd                     ? 
_refine.diff_density_rms                         ? 
_refine.diff_density_rms_esd                     ? 
_refine.entry_id                                 7L2Y 
_refine.pdbx_refine_id                           'X-RAY DIFFRACTION' 
_refine.ls_abs_structure_details                 ? 
_refine.ls_abs_structure_Flack                   ? 
_refine.ls_abs_structure_Flack_esd               ? 
_refine.ls_abs_structure_Rogers                  ? 
_refine.ls_abs_structure_Rogers_esd              ? 
_refine.ls_d_res_high                            1.982 
_refine.ls_d_res_low                             32.62 
_refine.ls_extinction_coef                       ? 
_refine.ls_extinction_coef_esd                   ? 
_refine.ls_extinction_expression                 ? 
_refine.ls_extinction_method                     ? 
_refine.ls_goodness_of_fit_all                   ? 
_refine.ls_goodness_of_fit_all_esd               ? 
_refine.ls_goodness_of_fit_obs                   ? 
_refine.ls_goodness_of_fit_obs_esd               ? 
_refine.ls_hydrogen_treatment                    ? 
_refine.ls_matrix_type                           ? 
_refine.ls_number_constraints                    ? 
_refine.ls_number_parameters                     ? 
_refine.ls_number_reflns_all                     ? 
_refine.ls_number_reflns_obs                     11005 
_refine.ls_number_reflns_R_free                  835 
_refine.ls_number_reflns_R_work                  10170 
_refine.ls_number_restraints                     ? 
_refine.ls_percent_reflns_obs                    99.665 
_refine.ls_percent_reflns_R_free                 7.587 
_refine.ls_R_factor_all                          0.212 
_refine.ls_R_factor_obs                          ? 
_refine.ls_R_factor_R_free                       0.2494 
_refine.ls_R_factor_R_free_error                 ? 
_refine.ls_R_factor_R_free_error_details         ? 
_refine.ls_R_factor_R_work                       0.2092 
_refine.ls_R_Fsqd_factor_obs                     ? 
_refine.ls_R_I_factor_obs                        ? 
_refine.ls_redundancy_reflns_all                 ? 
_refine.ls_redundancy_reflns_obs                 ? 
_refine.ls_restrained_S_all                      ? 
_refine.ls_restrained_S_obs                      ? 
_refine.ls_shift_over_esd_max                    ? 
_refine.ls_shift_over_esd_mean                   ? 
_refine.ls_structure_factor_coef                 ? 
_refine.ls_weighting_details                     ? 
_refine.ls_weighting_scheme                      ? 
_refine.ls_wR_factor_all                         ? 
_refine.ls_wR_factor_obs                         ? 
_refine.ls_wR_factor_R_free                      ? 
_refine.ls_wR_factor_R_work                      ? 
_refine.occupancy_max                            ? 
_refine.occupancy_min                            ? 
_refine.solvent_model_details                    'MASK BULK SOLVENT' 
_refine.solvent_model_param_bsol                 ? 
_refine.solvent_model_param_ksol                 ? 
_refine.pdbx_R_complete                          ? 
_refine.ls_R_factor_gt                           ? 
_refine.ls_goodness_of_fit_gt                    ? 
_refine.ls_goodness_of_fit_ref                   ? 
_refine.ls_shift_over_su_max                     ? 
_refine.ls_shift_over_su_max_lt                  ? 
_refine.ls_shift_over_su_mean                    ? 
_refine.ls_shift_over_su_mean_lt                 ? 
_refine.pdbx_ls_sigma_I                          ? 
_refine.pdbx_ls_sigma_F                          ? 
_refine.pdbx_ls_sigma_Fsqd                       ? 
_refine.pdbx_data_cutoff_high_absF               ? 
_refine.pdbx_data_cutoff_high_rms_absF           ? 
_refine.pdbx_data_cutoff_low_absF                ? 
_refine.pdbx_isotropic_thermal_model             ? 
_refine.pdbx_ls_cross_valid_method               THROUGHOUT 
_refine.pdbx_method_to_determine_struct          'FOURIER SYNTHESIS' 
_refine.pdbx_starting_model                      ? 
_refine.pdbx_stereochemistry_target_values       ? 
_refine.pdbx_R_Free_selection_details            ? 
_refine.pdbx_stereochem_target_val_spec_case     ? 
_refine.pdbx_overall_ESU_R                       0.197 
_refine.pdbx_overall_ESU_R_Free                  0.172 
_refine.pdbx_solvent_vdw_probe_radii             1.200 
_refine.pdbx_solvent_ion_probe_radii             0.800 
_refine.pdbx_solvent_shrinkage_radii             0.800 
_refine.pdbx_real_space_R                        ? 
_refine.pdbx_density_correlation                 ? 
_refine.pdbx_pd_number_of_powder_patterns        ? 
_refine.pdbx_pd_number_of_points                 ? 
_refine.pdbx_pd_meas_number_of_points            ? 
_refine.pdbx_pd_proc_ls_prof_R_factor            ? 
_refine.pdbx_pd_proc_ls_prof_wR_factor           ? 
_refine.pdbx_pd_Marquardt_correlation_coeff      ? 
_refine.pdbx_pd_Fsqrd_R_factor                   ? 
_refine.pdbx_pd_ls_matrix_band_width             ? 
_refine.pdbx_overall_phase_error                 ? 
_refine.pdbx_overall_SU_R_free_Cruickshank_DPI   ? 
_refine.pdbx_overall_SU_R_free_Blow_DPI          ? 
_refine.pdbx_overall_SU_R_Blow_DPI               ? 
_refine.pdbx_TLS_residual_ADP_flag               ? 
_refine.pdbx_diffrn_id                           1 
_refine.overall_SU_B                             4.081 
_refine.overall_SU_ML                            0.115 
_refine.overall_SU_R_Cruickshank_DPI             ? 
_refine.overall_SU_R_free                        ? 
_refine.overall_FOM_free_R_set                   ? 
_refine.overall_FOM_work_R_set                   ? 
_refine.pdbx_average_fsc_overall                 ? 
_refine.pdbx_average_fsc_work                    ? 
_refine.pdbx_average_fsc_free                    ? 
# 
_refine_hist.pdbx_refine_id                   'X-RAY DIFFRACTION' 
_refine_hist.cycle_id                         LAST 
_refine_hist.pdbx_number_atoms_protein        1069 
_refine_hist.pdbx_number_atoms_nucleic_acid   0 
_refine_hist.pdbx_number_atoms_ligand         50 
_refine_hist.number_atoms_solvent             42 
_refine_hist.number_atoms_total               1161 
_refine_hist.d_res_high                       1.982 
_refine_hist.d_res_low                        32.62 
# 
loop_
_refine_ls_restr.pdbx_refine_id 
_refine_ls_restr.criterion 
_refine_ls_restr.dev_ideal 
_refine_ls_restr.dev_ideal_target 
_refine_ls_restr.number 
_refine_ls_restr.rejects 
_refine_ls_restr.type 
_refine_ls_restr.weight 
_refine_ls_restr.pdbx_restraint_function 
'X-RAY DIFFRACTION' ? 0.011  0.013  1142 ? r_bond_refined_d               ? ? 
'X-RAY DIFFRACTION' ? 0.001  0.017  1079 ? r_bond_other_d                 ? ? 
'X-RAY DIFFRACTION' ? 1.635  1.670  1551 ? r_angle_refined_deg            ? ? 
'X-RAY DIFFRACTION' ? 1.357  1.598  2484 ? r_angle_other_deg              ? ? 
'X-RAY DIFFRACTION' ? 7.599  5.000  141  ? r_dihedral_angle_1_deg         ? ? 
'X-RAY DIFFRACTION' ? 31.934 23.673 49   ? r_dihedral_angle_2_deg         ? ? 
'X-RAY DIFFRACTION' ? 18.445 15.000 191  ? r_dihedral_angle_3_deg         ? ? 
'X-RAY DIFFRACTION' ? 14.811 15.000 4    ? r_dihedral_angle_4_deg         ? ? 
'X-RAY DIFFRACTION' ? 0.085  0.200  153  ? r_chiral_restr                 ? ? 
'X-RAY DIFFRACTION' ? 0.008  0.020  1264 ? r_gen_planes_refined           ? ? 
'X-RAY DIFFRACTION' ? 0.001  0.020  245  ? r_gen_planes_other             ? ? 
'X-RAY DIFFRACTION' ? 0.225  0.200  228  ? r_nbd_refined                  ? ? 
'X-RAY DIFFRACTION' ? 0.195  0.200  983  ? r_symmetry_nbd_other           ? ? 
'X-RAY DIFFRACTION' ? 0.167  0.200  536  ? r_nbtor_refined                ? ? 
'X-RAY DIFFRACTION' ? 0.080  0.200  560  ? r_symmetry_nbtor_other         ? ? 
'X-RAY DIFFRACTION' ? 0.326  0.200  47   ? r_xyhbond_nbd_refined          ? ? 
'X-RAY DIFFRACTION' ? 0.229  0.200  29   ? r_symmetry_nbd_refined         ? ? 
'X-RAY DIFFRACTION' ? 0.247  0.200  87   ? r_nbd_other                    ? ? 
'X-RAY DIFFRACTION' ? 0.178  0.200  9    ? r_symmetry_xyhbond_nbd_refined ? ? 
'X-RAY DIFFRACTION' ? 0.029  0.200  1    ? r_xyhbond_nbd_other            ? ? 
'X-RAY DIFFRACTION' ? 2.985  3.006  558  ? r_mcbond_it                    ? ? 
'X-RAY DIFFRACTION' ? 2.983  3.000  557  ? r_mcbond_other                 ? ? 
'X-RAY DIFFRACTION' ? 4.376  4.483  695  ? r_mcangle_it                   ? ? 
'X-RAY DIFFRACTION' ? 4.373  4.490  696  ? r_mcangle_other                ? ? 
'X-RAY DIFFRACTION' ? 4.829  3.648  584  ? r_scbond_it                    ? ? 
'X-RAY DIFFRACTION' ? 4.673  3.636  581  ? r_scbond_other                 ? ? 
'X-RAY DIFFRACTION' ? 7.210  5.254  854  ? r_scangle_it                   ? ? 
'X-RAY DIFFRACTION' ? 7.101  5.228  849  ? r_scangle_other                ? ? 
'X-RAY DIFFRACTION' ? 9.373  35.427 1288 ? r_lrange_it                    ? ? 
'X-RAY DIFFRACTION' ? 9.370  35.427 1289 ? r_lrange_other                 ? ? 
# 
loop_
_refine_ls_shell.pdbx_refine_id 
_refine_ls_shell.d_res_high 
_refine_ls_shell.d_res_low 
_refine_ls_shell.number_reflns_all 
_refine_ls_shell.number_reflns_obs 
_refine_ls_shell.number_reflns_R_free 
_refine_ls_shell.number_reflns_R_work 
_refine_ls_shell.percent_reflns_obs 
_refine_ls_shell.percent_reflns_R_free 
_refine_ls_shell.R_factor_all 
_refine_ls_shell.R_factor_obs 
_refine_ls_shell.R_factor_R_free 
_refine_ls_shell.R_factor_R_free_error 
_refine_ls_shell.R_factor_R_work 
_refine_ls_shell.redundancy_reflns_all 
_refine_ls_shell.redundancy_reflns_obs 
_refine_ls_shell.wR_factor_all 
_refine_ls_shell.wR_factor_obs 
_refine_ls_shell.wR_factor_R_free 
_refine_ls_shell.wR_factor_R_work 
_refine_ls_shell.pdbx_R_complete 
_refine_ls_shell.pdbx_total_number_of_bins_used 
_refine_ls_shell.pdbx_phase_error 
_refine_ls_shell.pdbx_fsc_work 
_refine_ls_shell.pdbx_fsc_free 
'X-RAY DIFFRACTION' 1.982 2.033 . . 57 734 99.7478  . . . 0.300 . 0.251 . . . . . . . . . . . 
'X-RAY DIFFRACTION' 2.033 2.089 . . 66 705 99.4839  . . . 0.357 . 0.244 . . . . . . . . . . . 
'X-RAY DIFFRACTION' 2.089 2.149 . . 51 679 99.7268  . . . 0.302 . 0.236 . . . . . . . . . . . 
'X-RAY DIFFRACTION' 2.149 2.215 . . 50 687 99.7294  . . . 0.171 . 0.196 . . . . . . . . . . . 
'X-RAY DIFFRACTION' 2.215 2.288 . . 50 668 100.0000 . . . 0.251 . 0.189 . . . . . . . . . . . 
'X-RAY DIFFRACTION' 2.288 2.368 . . 47 628 99.8521  . . . 0.201 . 0.175 . . . . . . . . . . . 
'X-RAY DIFFRACTION' 2.368 2.457 . . 47 611 99.6970  . . . 0.268 . 0.196 . . . . . . . . . . . 
'X-RAY DIFFRACTION' 2.457 2.557 . . 49 616 99.5509  . . . 0.221 . 0.199 . . . . . . . . . . . 
'X-RAY DIFFRACTION' 2.557 2.670 . . 47 557 100.0000 . . . 0.301 . 0.205 . . . . . . . . . . . 
'X-RAY DIFFRACTION' 2.670 2.800 . . 47 541 99.8302  . . . 0.266 . 0.217 . . . . . . . . . . . 
'X-RAY DIFFRACTION' 2.800 2.951 . . 37 539 99.8267  . . . 0.297 . 0.215 . . . . . . . . . . . 
'X-RAY DIFFRACTION' 2.951 3.129 . . 51 489 100.0000 . . . 0.252 . 0.188 . . . . . . . . . . . 
'X-RAY DIFFRACTION' 3.129 3.344 . . 49 454 99.8016  . . . 0.265 . 0.221 . . . . . . . . . . . 
'X-RAY DIFFRACTION' 3.344 3.610 . . 44 444 100.0000 . . . 0.219 . 0.177 . . . . . . . . . . . 
'X-RAY DIFFRACTION' 3.610 3.952 . . 28 420 100.0000 . . . 0.161 . 0.178 . . . . . . . . . . . 
'X-RAY DIFFRACTION' 3.952 4.414 . . 31 374 99.7537  . . . 0.169 . 0.178 . . . . . . . . . . . 
'X-RAY DIFFRACTION' 4.414 5.088 . . 31 343 100.0000 . . . 0.201 . 0.197 . . . . . . . . . . . 
'X-RAY DIFFRACTION' 5.088 6.210 . . 22 282 97.7492  . . . 0.266 . 0.256 . . . . . . . . . . . 
'X-RAY DIFFRACTION' 6.210 8.695 . . 17 248 99.6241  . . . 0.350 . 0.258 . . . . . . . . . . . 
# 
_struct.entry_id                     7L2Y 
_struct.title                        
;HIV Integrase core domain in complex with inhibitor 2-(5-(3-fluorophenyl)-2-(2-(thiophen-2-yl)ethynyl)-1- benzofuran-3-yl)ethanoic acid
;
_struct.pdbx_model_details           ? 
_struct.pdbx_formula_weight          ? 
_struct.pdbx_formula_weight_method   ? 
_struct.pdbx_model_type_details      ? 
_struct.pdbx_CASP_flag               N 
# 
_struct_keywords.entry_id        7L2Y 
_struct_keywords.text            'Inhibitor, HIV Integrase, TRANSFERASE-TRANSFERASE INHIBITOR complex' 
_struct_keywords.pdbx_keywords   'TRANSFERASE/TRANSFERASE INHIBITOR' 
# 
loop_
_struct_asym.id 
_struct_asym.pdbx_blank_PDB_chainid_flag 
_struct_asym.pdbx_modified 
_struct_asym.entity_id 
_struct_asym.details 
A N N 1 ? 
B N N 2 ? 
C N N 2 ? 
D N N 2 ? 
E N N 3 ? 
F N N 3 ? 
G N N 3 ? 
H N N 3 ? 
I N N 3 ? 
J N N 4 ? 
K N N 2 ? 
L N N 5 ? 
# 
loop_
_struct_conf.conf_type_id 
_struct_conf.id 
_struct_conf.pdbx_PDB_helix_id 
_struct_conf.beg_label_comp_id 
_struct_conf.beg_label_asym_id 
_struct_conf.beg_label_seq_id 
_struct_conf.pdbx_beg_PDB_ins_code 
_struct_conf.end_label_comp_id 
_struct_conf.end_label_asym_id 
_struct_conf.end_label_seq_id 
_struct_conf.pdbx_end_PDB_ins_code 
_struct_conf.beg_auth_comp_id 
_struct_conf.beg_auth_asym_id 
_struct_conf.beg_auth_seq_id 
_struct_conf.end_auth_comp_id 
_struct_conf.end_auth_asym_id 
_struct_conf.end_auth_seq_id 
_struct_conf.pdbx_PDB_helix_class 
_struct_conf.details 
_struct_conf.pdbx_PDB_helix_length 
HELX_P HELX_P1 AA1 THR A 44  ? TRP A 59  ? THR AAA 93  TRP AAA 108 1 ? 16 
HELX_P HELX_P2 AA2 GLY A 69  ? THR A 73  ? GLY AAA 118 THR AAA 122 5 ? 5  
HELX_P HELX_P3 AA3 SER A 74  ? GLY A 85  ? SER AAA 123 GLY AAA 134 1 ? 12 
HELX_P HELX_P4 AA4 ASN A 105 ? ARG A 116 ? ASN AAA 155 ARG AAA 166 1 ? 12 
HELX_P HELX_P5 AA5 ASP A 117 ? ALA A 119 ? ASP AAA 167 ALA AAA 169 5 ? 3  
HELX_P HELX_P6 AA6 HIS A 121 ? LYS A 136 ? HIS AAA 171 LYS AAA 186 1 ? 16 
HELX_P HELX_P7 AA7 ARG A 137 ? ILE A 141 ? ARG AAA 187 ILE AAA 191 5 ? 5  
HELX_P HELX_P8 AA8 SER A 145 ? THR A 156 ? SER AAA 195 THR AAA 206 1 ? 12 
# 
_struct_conf_type.id          HELX_P 
_struct_conf_type.criteria    ? 
_struct_conf_type.reference   ? 
# 
loop_
_struct_conn.id 
_struct_conn.conn_type_id 
_struct_conn.pdbx_leaving_atom_flag 
_struct_conn.pdbx_PDB_id 
_struct_conn.ptnr1_label_asym_id 
_struct_conn.ptnr1_label_comp_id 
_struct_conn.ptnr1_label_seq_id 
_struct_conn.ptnr1_label_atom_id 
_struct_conn.pdbx_ptnr1_label_alt_id 
_struct_conn.pdbx_ptnr1_PDB_ins_code 
_struct_conn.pdbx_ptnr1_standard_comp_id 
_struct_conn.ptnr1_symmetry 
_struct_conn.ptnr2_label_asym_id 
_struct_conn.ptnr2_label_comp_id 
_struct_conn.ptnr2_label_seq_id 
_struct_conn.ptnr2_label_atom_id 
_struct_conn.pdbx_ptnr2_label_alt_id 
_struct_conn.pdbx_ptnr2_PDB_ins_code 
_struct_conn.ptnr1_auth_asym_id 
_struct_conn.ptnr1_auth_comp_id 
_struct_conn.ptnr1_auth_seq_id 
_struct_conn.ptnr2_auth_asym_id 
_struct_conn.ptnr2_auth_comp_id 
_struct_conn.ptnr2_auth_seq_id 
_struct_conn.ptnr2_symmetry 
_struct_conn.pdbx_ptnr3_label_atom_id 
_struct_conn.pdbx_ptnr3_label_seq_id 
_struct_conn.pdbx_ptnr3_label_comp_id 
_struct_conn.pdbx_ptnr3_label_asym_id 
_struct_conn.pdbx_ptnr3_label_alt_id 
_struct_conn.pdbx_ptnr3_PDB_ins_code 
_struct_conn.details 
_struct_conn.pdbx_dist_value 
_struct_conn.pdbx_value_order 
_struct_conn.pdbx_role 
covale1 covale both ? A ASP 15 C ? ? ? 1_555 A OCS 16 N ? ? AAA ASP 64  AAA OCS 65  1_555 ? ? ? ? ? ? ? 1.334 ? ? 
covale2 covale both ? A OCS 16 C ? ? ? 1_555 A THR 17 N ? ? AAA OCS 65  AAA THR 66  1_555 ? ? ? ? ? ? ? 1.324 ? ? 
covale3 covale both ? A ALA 80 C ? ? ? 1_555 A OCS 81 N ? ? AAA ALA 129 AAA OCS 130 1_555 ? ? ? ? ? ? ? 1.343 ? ? 
covale4 covale both ? A OCS 81 C ? ? ? 1_555 A GLU 82 N ? ? AAA OCS 130 AAA GLU 131 1_555 ? ? ? ? ? ? ? 1.339 ? ? 
# 
_struct_conn_type.id          covale 
_struct_conn_type.criteria    ? 
_struct_conn_type.reference   ? 
# 
_struct_sheet.id               AA1 
_struct_sheet.type             ? 
_struct_sheet.number_strands   5 
_struct_sheet.details          ? 
# 
loop_
_struct_sheet_order.sheet_id 
_struct_sheet_order.range_id_1 
_struct_sheet_order.range_id_2 
_struct_sheet_order.offset 
_struct_sheet_order.sense 
AA1 1 2 ? anti-parallel 
AA1 2 3 ? anti-parallel 
AA1 3 4 ? parallel      
AA1 4 5 ? parallel      
# 
loop_
_struct_sheet_range.sheet_id 
_struct_sheet_range.id 
_struct_sheet_range.beg_label_comp_id 
_struct_sheet_range.beg_label_asym_id 
_struct_sheet_range.beg_label_seq_id 
_struct_sheet_range.pdbx_beg_PDB_ins_code 
_struct_sheet_range.end_label_comp_id 
_struct_sheet_range.end_label_asym_id 
_struct_sheet_range.end_label_seq_id 
_struct_sheet_range.pdbx_end_PDB_ins_code 
_struct_sheet_range.beg_auth_comp_id 
_struct_sheet_range.beg_auth_asym_id 
_struct_sheet_range.beg_auth_seq_id 
_struct_sheet_range.end_auth_comp_id 
_struct_sheet_range.end_auth_asym_id 
_struct_sheet_range.end_auth_seq_id 
AA1 1 ILE A 35 ? ILE A 40 ? ILE AAA 84  ILE AAA 89  
AA1 2 LYS A 22 ? HIS A 29 ? LYS AAA 71  HIS AAA 78  
AA1 3 ILE A 11 ? LEU A 19 ? ILE AAA 60  LEU AAA 68  
AA1 4 THR A 63 ? THR A 66 ? THR AAA 112 THR AAA 115 
AA1 5 LYS A 87 ? PHE A 90 ? LYS AAA 136 PHE AAA 139 
# 
loop_
_pdbx_struct_sheet_hbond.sheet_id 
_pdbx_struct_sheet_hbond.range_id_1 
_pdbx_struct_sheet_hbond.range_id_2 
_pdbx_struct_sheet_hbond.range_1_label_atom_id 
_pdbx_struct_sheet_hbond.range_1_label_comp_id 
_pdbx_struct_sheet_hbond.range_1_label_asym_id 
_pdbx_struct_sheet_hbond.range_1_label_seq_id 
_pdbx_struct_sheet_hbond.range_1_PDB_ins_code 
_pdbx_struct_sheet_hbond.range_1_auth_atom_id 
_pdbx_struct_sheet_hbond.range_1_auth_comp_id 
_pdbx_struct_sheet_hbond.range_1_auth_asym_id 
_pdbx_struct_sheet_hbond.range_1_auth_seq_id 
_pdbx_struct_sheet_hbond.range_2_label_atom_id 
_pdbx_struct_sheet_hbond.range_2_label_comp_id 
_pdbx_struct_sheet_hbond.range_2_label_asym_id 
_pdbx_struct_sheet_hbond.range_2_label_seq_id 
_pdbx_struct_sheet_hbond.range_2_PDB_ins_code 
_pdbx_struct_sheet_hbond.range_2_auth_atom_id 
_pdbx_struct_sheet_hbond.range_2_auth_comp_id 
_pdbx_struct_sheet_hbond.range_2_auth_asym_id 
_pdbx_struct_sheet_hbond.range_2_auth_seq_id 
AA1 1 2 O GLU A 36 ? O GLU AAA 85  N ALA A 27 ? N ALA AAA 76  
AA1 2 3 O ILE A 24 ? O ILE AAA 73  N THR A 17 ? N THR AAA 66  
AA1 3 4 N TRP A 12 ? N TRP AAA 61  O THR A 63 ? O THR AAA 112 
AA1 4 5 N VAL A 64 ? N VAL AAA 113 O GLU A 89 ? O GLU AAA 138 
# 
_atom_sites.entry_id                    7L2Y 
_atom_sites.Cartn_transf_matrix[1][1]   ? 
_atom_sites.Cartn_transf_matrix[1][2]   ? 
_atom_sites.Cartn_transf_matrix[1][3]   ? 
_atom_sites.Cartn_transf_matrix[2][1]   ? 
_atom_sites.Cartn_transf_matrix[2][2]   ? 
_atom_sites.Cartn_transf_matrix[2][3]   ? 
_atom_sites.Cartn_transf_matrix[3][1]   ? 
_atom_sites.Cartn_transf_matrix[3][2]   ? 
_atom_sites.Cartn_transf_matrix[3][3]   ? 
_atom_sites.Cartn_transf_vector[1]      ? 
_atom_sites.Cartn_transf_vector[2]      ? 
_atom_sites.Cartn_transf_vector[3]      ? 
_atom_sites.fract_transf_matrix[1][1]   -0.02059914 
_atom_sites.fract_transf_matrix[1][2]   0.00399816 
_atom_sites.fract_transf_matrix[1][3]   0.00571917 
_atom_sites.fract_transf_matrix[2][1]   0.00018534 
_atom_sites.fract_transf_matrix[2][2]   0.01813236 
_atom_sites.fract_transf_matrix[2][3]   -0.01200842 
_atom_sites.fract_transf_matrix[3][1]   -0.00230961 
_atom_sites.fract_transf_matrix[3][2]   -0.00374959 
_atom_sites.fract_transf_matrix[3][3]   -0.00569742 
_atom_sites.fract_transf_vector[1]      0.378364 
_atom_sites.fract_transf_vector[2]      0.114180 
_atom_sites.fract_transf_vector[3]      -0.032963 
_atom_sites.solution_primary            ? 
_atom_sites.solution_secondary          ? 
_atom_sites.solution_hydrogens          ? 
_atom_sites.special_details             ? 
# 
loop_
_atom_type.symbol 
_atom_type.scat_Cromer_Mann_a1 
_atom_type.scat_Cromer_Mann_b1 
_atom_type.scat_Cromer_Mann_a2 
_atom_type.scat_Cromer_Mann_b2 
_atom_type.scat_Cromer_Mann_a3 
_atom_type.scat_Cromer_Mann_b3 
_atom_type.scat_Cromer_Mann_a4 
_atom_type.scat_Cromer_Mann_b4 
_atom_type.scat_Cromer_Mann_c 
C   2.310  20.844 1.020  10.208 1.589 0.569  0.865   51.651 0.216   
H   0.493  10.511 0.323  26.126 0.140 3.142  0.041   57.800 0.003   
I   20.147 4.347  18.995 0.381  7.514 27.766 2.273   66.878 3.721   
N   12.222 0.006  3.135  9.893  2.014 28.997 1.167   0.583  -11.538 
O   3.049  13.277 2.287  5.701  1.546 0.324  0.867   32.909 0.251   
O-1 4.195  12.857 1.641  4.172  1.528 47.018 -20.325 -0.014 21.960  
S   6.905  1.468  5.203  22.215 1.438 0.254  1.586   56.172 1.042   
# 
loop_
_atom_site.group_PDB 
_atom_site.id 
_atom_site.type_symbol 
_atom_site.label_atom_id 
_atom_site.label_alt_id 
_atom_site.label_comp_id 
_atom_site.label_asym_id 
_atom_site.label_entity_id 
_atom_site.label_seq_id 
_atom_site.pdbx_PDB_ins_code 
_atom_site.Cartn_x 
_atom_site.Cartn_y 
_atom_site.Cartn_z 
_atom_site.occupancy 
_atom_site.B_iso_or_equiv 
_atom_site.pdbx_formal_charge 
_atom_site.auth_seq_id 
_atom_site.auth_comp_id 
_atom_site.auth_asym_id 
_atom_site.auth_atom_id 
_atom_site.pdbx_PDB_model_num 
_atom_site.calc_flag 
ATOM   1    N N   . SER A 1 8   ? -5.432  15.677  2.854   1.000 64.603 0  57  SER AAA N   1 ? 
ATOM   2    C CA  . SER A 1 8   ? -6.214  14.436  2.535   1.000 63.772 0  57  SER AAA CA  1 ? 
ATOM   3    C C   . SER A 1 8   ? -5.762  13.772  1.228   1.000 57.291 0  57  SER AAA C   1 ? 
ATOM   4    O O   . SER A 1 8   ? -5.765  12.541  1.160   1.000 49.093 0  57  SER AAA O   1 ? 
ATOM   5    C CB  . SER A 1 8   ? -7.706  14.699  2.558   1.000 70.740 0  57  SER AAA CB  1 ? 
ATOM   6    O OG  . SER A 1 8   ? -8.246  14.380  3.834   1.000 73.490 0  57  SER AAA OG  1 ? 
ATOM   7    N N   . PRO A 1 9   ? -5.375  14.496  0.140   1.000 53.936 0  58  PRO AAA N   1 ? 
ATOM   8    C CA  . PRO A 1 9   ? -4.814  13.827  -1.041  1.000 45.171 0  58  PRO AAA CA  1 ? 
ATOM   9    C C   . PRO A 1 9   ? -3.495  13.091  -0.770  1.000 36.973 0  58  PRO AAA C   1 ? 
ATOM   10   O O   . PRO A 1 9   ? -3.170  12.250  -1.546  1.000 40.546 0  58  PRO AAA O   1 ? 
ATOM   11   C CB  . PRO A 1 9   ? -4.506  14.965  -2.027  1.000 50.430 0  58  PRO AAA CB  1 ? 
ATOM   12   C CG  . PRO A 1 9   ? -4.404  16.190  -1.132  1.000 54.415 0  58  PRO AAA CG  1 ? 
ATOM   13   C CD  . PRO A 1 9   ? -5.445  15.956  -0.053  1.000 53.677 0  58  PRO AAA CD  1 ? 
ATOM   14   N N   . GLY A 1 10  ? -2.742  13.466  0.273   1.000 32.039 0  59  GLY AAA N   1 ? 
ATOM   15   C CA  . GLY A 1 10  ? -1.416  12.869  0.558   1.000 29.645 0  59  GLY AAA CA  1 ? 
ATOM   16   C C   . GLY A 1 10  ? -1.403  11.911  1.742   1.000 23.858 0  59  GLY AAA C   1 ? 
ATOM   17   O O   . GLY A 1 10  ? -0.314  11.546  2.166   1.000 20.691 0  59  GLY AAA O   1 ? 
ATOM   18   N N   . ILE A 1 11  ? -2.555  11.498  2.264   1.000 21.768 0  60  ILE AAA N   1 ? 
ATOM   19   C CA  . ILE A 1 11  ? -2.609  10.703  3.526   1.000 23.434 0  60  ILE AAA CA  1 ? 
ATOM   20   C C   . ILE A 1 11  ? -2.667  9.212   3.179   1.000 20.206 0  60  ILE AAA C   1 ? 
ATOM   21   O O   . ILE A 1 11  ? -3.616  8.784   2.520   1.000 19.301 0  60  ILE AAA O   1 ? 
ATOM   22   C CB  . ILE A 1 11  ? -3.819  11.103  4.394   1.000 26.803 0  60  ILE AAA CB  1 ? 
ATOM   23   C CG1 . ILE A 1 11  ? -3.867  12.609  4.686   1.000 31.780 0  60  ILE AAA CG1 1 ? 
ATOM   24   C CG2 . ILE A 1 11  ? -3.866  10.249  5.645   1.000 25.338 0  60  ILE AAA CG2 1 ? 
ATOM   25   C CD1 . ILE A 1 11  ? -2.521  13.267  4.848   1.000 33.715 0  60  ILE AAA CD1 1 ? 
ATOM   26   N N   . TRP A 1 12  ? -1.708  8.447   3.662   1.000 18.433 0  61  TRP AAA N   1 ? 
ATOM   27   C CA  . TRP A 1 12  ? -1.646  6.998   3.425   1.000 16.959 0  61  TRP AAA CA  1 ? 
ATOM   28   C C   . TRP A 1 12  ? -1.540  6.271   4.752   1.000 17.348 0  61  TRP AAA C   1 ? 
ATOM   29   O O   . TRP A 1 12  ? -1.033  6.852   5.750   1.000 17.935 0  61  TRP AAA O   1 ? 
ATOM   30   C CB  . TRP A 1 12  ? -0.464  6.675   2.540   1.000 16.826 0  61  TRP AAA CB  1 ? 
ATOM   31   C CG  . TRP A 1 12  ? -0.533  7.241   1.156   1.000 15.486 0  61  TRP AAA CG  1 ? 
ATOM   32   C CD1 . TRP A 1 12  ? -0.379  8.537   0.778   1.000 17.970 0  61  TRP AAA CD1 1 ? 
ATOM   33   C CD2 . TRP A 1 12  ? -0.755  6.501   -0.037  1.000 15.004 0  61  TRP AAA CD2 1 ? 
ATOM   34   N NE1 . TRP A 1 12  ? -0.453  8.644   -0.577  1.000 17.602 0  61  TRP AAA NE1 1 ? 
ATOM   35   C CE2 . TRP A 1 12  ? -0.669  7.409   -1.106  1.000 15.516 0  61  TRP AAA CE2 1 ? 
ATOM   36   C CE3 . TRP A 1 12  ? -0.972  5.146   -0.304  1.000 15.241 0  61  TRP AAA CE3 1 ? 
ATOM   37   C CZ2 . TRP A 1 12  ? -0.823  7.026   -2.424  1.000 16.949 0  61  TRP AAA CZ2 1 ? 
ATOM   38   C CZ3 . TRP A 1 12  ? -1.131  4.762   -1.616  1.000 15.735 0  61  TRP AAA CZ3 1 ? 
ATOM   39   C CH2 . TRP A 1 12  ? -1.045  5.689   -2.657  1.000 15.723 0  61  TRP AAA CH2 1 ? 
ATOM   40   N N   . GLN A 1 13  ? -2.002  5.040   4.744   1.000 18.762 0  62  GLN AAA N   1 ? 
ATOM   41   C CA  . GLN A 1 13  ? -1.834  4.064   5.838   1.000 20.868 0  62  GLN AAA CA  1 ? 
ATOM   42   C C   . GLN A 1 13  ? -0.917  2.982   5.300   1.000 21.078 0  62  GLN AAA C   1 ? 
ATOM   43   O O   . GLN A 1 13  ? -1.094  2.524   4.171   1.000 19.269 0  62  GLN AAA O   1 ? 
ATOM   44   C CB  . GLN A 1 13  ? -3.177  3.479   6.281   1.000 27.106 0  62  GLN AAA CB  1 ? 
ATOM   45   C CG  . GLN A 1 13  ? -3.872  4.242   7.398   1.000 34.367 0  62  GLN AAA CG  1 ? 
ATOM   46   C CD  . GLN A 1 13  ? -5.304  3.790   7.584   1.000 41.881 0  62  GLN AAA CD  1 ? 
ATOM   47   O OE1 . GLN A 1 13  ? -5.675  2.676   7.230   1.000 46.713 0  62  GLN AAA OE1 1 ? 
ATOM   48   N NE2 . GLN A 1 13  ? -6.134  4.647   8.154   1.000 46.417 0  62  GLN AAA NE2 1 ? 
ATOM   49   N N   . LEU A 1 14  ? -0.036  2.509   6.149   1.000 20.468 0  63  LEU AAA N   1 ? 
ATOM   50   C CA  . LEU A 1 14  ? 0.958   1.506   5.795   1.000 23.520 0  63  LEU AAA CA  1 ? 
ATOM   51   C C   . LEU A 1 14  ? 0.768   0.386   6.802   1.000 26.047 0  63  LEU AAA C   1 ? 
ATOM   52   O O   . LEU A 1 14  ? 0.621   0.699   8.001   1.000 24.328 0  63  LEU AAA O   1 ? 
ATOM   53   C CB  . LEU A 1 14  ? 2.326   2.152   5.887   1.000 24.502 0  63  LEU AAA CB  1 ? 
ATOM   54   C CG  . LEU A 1 14  ? 3.488   1.297   5.448   1.000 28.410 0  63  LEU AAA CG  1 ? 
ATOM   55   C CD1 . LEU A 1 14  ? 3.497   1.160   3.924   1.000 35.177 0  63  LEU AAA CD1 1 ? 
ATOM   56   C CD2 . LEU A 1 14  ? 4.755   1.930   5.956   1.000 30.842 0  63  LEU AAA CD2 1 ? 
ATOM   57   N N   . ASP A 1 15  ? 0.716   -0.836  6.290   1.000 28.171 0  64  ASP AAA N   1 ? 
ATOM   58   C CA  . ASP A 1 15  ? 0.586   -2.084  7.072   1.000 32.607 0  64  ASP AAA CA  1 ? 
ATOM   59   C C   . ASP A 1 15  ? 1.326   -3.203  6.333   1.000 34.613 0  64  ASP AAA C   1 ? 
ATOM   60   O O   . ASP A 1 15  ? 1.781   -3.046  5.194   1.000 30.862 0  64  ASP AAA O   1 ? 
ATOM   61   C CB  . ASP A 1 15  ? -0.896  -2.390  7.312   1.000 37.883 0  64  ASP AAA CB  1 ? 
ATOM   62   C CG  . ASP A 1 15  ? -1.160  -3.323  8.486   1.000 48.214 0  64  ASP AAA CG  1 ? 
ATOM   63   O OD1 . ASP A 1 15  ? -0.179  -3.735  9.139   1.000 47.792 0  64  ASP AAA OD1 1 ? 
ATOM   64   O OD2 . ASP A 1 15  ? -2.350  -3.650  8.729   1.000 59.778 0  64  ASP AAA OD2 1 ? 
HETATM 65   N N   . OCS A 1 16  ? 1.487   -4.321  7.044   1.000 35.576 0  65  OCS AAA N   1 ? 
HETATM 66   C CA  . OCS A 1 16  ? 2.108   -5.536  6.555   1.000 42.289 0  65  OCS AAA CA  1 ? 
HETATM 67   C CB  . OCS A 1 16  ? 3.173   -6.083  7.518   1.000 53.659 0  65  OCS AAA CB  1 ? 
HETATM 68   S SG  . OCS A 1 16  ? 4.694   -5.165  7.274   1.000 78.150 0  65  OCS AAA SG  1 ? 
HETATM 69   C C   . OCS A 1 16  ? 1.018   -6.583  6.533   1.000 39.527 0  65  OCS AAA C   1 ? 
HETATM 70   O O   . OCS A 1 16  ? 0.099   -6.528  7.343   1.000 38.690 0  65  OCS AAA O   1 ? 
HETATM 71   O OD1 . OCS A 1 16  ? 4.486   -3.693  7.877   1.000 70.894 0  65  OCS AAA OD1 1 ? 
HETATM 72   O OD3 . OCS A 1 16  ? 5.735   -5.906  8.029   1.000 70.352 0  65  OCS AAA OD3 1 ? 
ATOM   73   N N   . THR A 1 17  ? 1.121   -7.553  5.638   1.000 32.827 0  66  THR AAA N   1 ? 
ATOM   74   C CA  . THR A 1 17  ? 0.338   -8.747  5.888   1.000 35.350 0  66  THR AAA CA  1 ? 
ATOM   75   C C   . THR A 1 17  ? 1.174   -9.918  5.399   1.000 31.866 0  66  THR AAA C   1 ? 
ATOM   76   O O   . THR A 1 17  ? 2.228   -9.689  4.779   1.000 34.998 0  66  THR AAA O   1 ? 
ATOM   77   C CB  . THR A 1 17  ? -1.094  -8.614  5.347   1.000 39.103 0  66  THR AAA CB  1 ? 
ATOM   78   O OG1 . THR A 1 17  ? -1.881  -9.599  6.018   1.000 46.814 0  66  THR AAA OG1 1 ? 
ATOM   79   C CG2 . THR A 1 17  ? -1.197  -8.765  3.845   1.000 37.540 0  66  THR AAA CG2 1 ? 
ATOM   80   N N   . HIS A 1 18  ? 0.727   -11.113 5.730   1.000 34.961 0  67  HIS AAA N   1 ? 
ATOM   81   C CA  . HIS A 1 18  ? 1.540   -12.342 5.619   1.000 34.341 0  67  HIS AAA CA  1 ? 
ATOM   82   C C   . HIS A 1 18  ? 0.701   -13.376 4.865   1.000 32.948 0  67  HIS AAA C   1 ? 
ATOM   83   O O   . HIS A 1 18  ? -0.528  -13.454 5.104   1.000 31.188 0  67  HIS AAA O   1 ? 
ATOM   84   C CB  . HIS A 1 18  ? 2.038   -12.736 7.024   1.000 34.168 0  67  HIS AAA CB  1 ? 
ATOM   85   C CG  . HIS A 1 18  ? 3.079   -11.811 7.584   1.000 34.384 0  67  HIS AAA CG  1 ? 
ATOM   86   N ND1 . HIS A 1 18  ? 2.768   -10.718 8.404   1.000 34.489 0  67  HIS AAA ND1 1 ? 
ATOM   87   C CD2 . HIS A 1 18  ? 4.425   -11.812 7.474   1.000 34.905 0  67  HIS AAA CD2 1 ? 
ATOM   88   C CE1 . HIS A 1 18  ? 3.878   -10.081 8.738   1.000 31.297 0  67  HIS AAA CE1 1 ? 
ATOM   89   N NE2 . HIS A 1 18  ? 4.907   -10.735 8.192   1.000 35.082 0  67  HIS AAA NE2 1 ? 
ATOM   90   N N   . LEU A 1 19  ? 1.338   -14.113 3.967   1.000 36.506 0  68  LEU AAA N   1 ? 
ATOM   91   C CA  . LEU A 1 19  ? 0.723   -15.255 3.240   1.000 36.271 0  68  LEU AAA CA  1 ? 
ATOM   92   C C   . LEU A 1 19  ? 1.837   -16.186 2.752   1.000 34.580 0  68  LEU AAA C   1 ? 
ATOM   93   O O   . LEU A 1 19  ? 2.850   -15.701 2.247   1.000 27.326 0  68  LEU AAA O   1 ? 
ATOM   94   C CB  . LEU A 1 19  ? -0.095  -14.696 2.070   1.000 38.514 0  68  LEU AAA CB  1 ? 
ATOM   95   C CG  . LEU A 1 19  ? -1.418  -15.392 1.804   1.000 42.590 0  68  LEU AAA CG  1 ? 
ATOM   96   C CD1 . LEU A 1 19  ? -2.400  -15.113 2.924   1.000 45.589 0  68  LEU AAA CD1 1 ? 
ATOM   97   C CD2 . LEU A 1 19  ? -1.987  -14.956 0.456   1.000 45.463 0  68  LEU AAA CD2 1 ? 
ATOM   98   N N   . GLU A 1 20  ? 1.655   -17.503 2.915   1.000 40.862 0  69  GLU AAA N   1 ? 
ATOM   99   C CA  . GLU A 1 20  ? 2.595   -18.550 2.438   1.000 34.700 0  69  GLU AAA CA  1 ? 
ATOM   100  C C   . GLU A 1 20  ? 4.000   -18.278 2.937   1.000 32.453 0  69  GLU AAA C   1 ? 
ATOM   101  O O   . GLU A 1 20  ? 4.944   -18.553 2.178   1.000 39.234 0  69  GLU AAA O   1 ? 
ATOM   102  C CB  . GLU A 1 20  ? 2.596   -18.616 0.918   1.000 38.064 0  69  GLU AAA CB  1 ? 
ATOM   103  C CG  . GLU A 1 20  ? 1.232   -18.931 0.363   1.000 39.710 0  69  GLU AAA CG  1 ? 
ATOM   104  C CD  . GLU A 1 20  ? 1.176   -18.929 -1.160  1.000 41.405 0  69  GLU AAA CD  1 ? 
ATOM   105  O OE1 . GLU A 1 20  ? 2.240   -19.025 -1.814  1.000 38.212 0  69  GLU AAA OE1 1 ? 
ATOM   106  O OE2 . GLU A 1 20  ? 0.066   -18.854 -1.684  1.000 39.560 0  69  GLU AAA OE2 1 ? 
ATOM   107  N N   . GLY A 1 21  ? 4.112   -17.736 4.146   1.000 32.265 0  70  GLY AAA N   1 ? 
ATOM   108  C CA  . GLY A 1 21  ? 5.380   -17.407 4.814   1.000 32.803 0  70  GLY AAA CA  1 ? 
ATOM   109  C C   . GLY A 1 21  ? 6.091   -16.234 4.174   1.000 37.296 0  70  GLY AAA C   1 ? 
ATOM   110  O O   . GLY A 1 21  ? 7.313   -16.096 4.404   1.000 38.863 0  70  GLY AAA O   1 ? 
ATOM   111  N N   . LYS A 1 22  ? 5.400   -15.405 3.384   1.000 39.074 0  71  LYS AAA N   1 ? 
ATOM   112  C CA  . LYS A 1 22  ? 6.027   -14.193 2.788   1.000 36.536 0  71  LYS AAA CA  1 ? 
ATOM   113  C C   . LYS A 1 22  ? 5.373   -12.971 3.434   1.000 32.009 0  71  LYS AAA C   1 ? 
ATOM   114  O O   . LYS A 1 22  ? 4.313   -13.126 4.114   1.000 32.703 0  71  LYS AAA O   1 ? 
ATOM   115  C CB  . LYS A 1 22  ? 5.891   -14.175 1.263   1.000 42.175 0  71  LYS AAA CB  1 ? 
ATOM   116  C CG  . LYS A 1 22  ? 6.328   -15.451 0.546   1.000 48.279 0  71  LYS AAA CG  1 ? 
ATOM   117  C CD  . LYS A 1 22  ? 7.329   -15.238 -0.581  1.000 52.192 0  71  LYS AAA CD  1 ? 
ATOM   118  C CE  . LYS A 1 22  ? 7.288   -16.297 -1.673  1.000 52.217 0  71  LYS AAA CE  1 ? 
ATOM   119  N NZ  . LYS A 1 22  ? 7.304   -17.684 -1.150  1.000 56.342 0  71  LYS AAA NZ  1 ? 
ATOM   120  N N   . VAL A 1 23  ? 5.980   -11.804 3.234   1.000 32.565 0  72  VAL AAA N   1 ? 
ATOM   121  C CA  . VAL A 1 23  ? 5.498   -10.507 3.788   1.000 32.996 0  72  VAL AAA CA  1 ? 
ATOM   122  C C   . VAL A 1 23  ? 5.048   -9.633  2.617   1.000 29.740 0  72  VAL AAA C   1 ? 
ATOM   123  O O   . VAL A 1 23  ? 5.799   -9.465  1.653   1.000 31.171 0  72  VAL AAA O   1 ? 
ATOM   124  C CB  . VAL A 1 23  ? 6.566   -9.810  4.647   1.000 38.912 0  72  VAL AAA CB  1 ? 
ATOM   125  C CG1 . VAL A 1 23  ? 6.067   -8.500  5.249   1.000 39.680 0  72  VAL AAA CG1 1 ? 
ATOM   126  C CG2 . VAL A 1 23  ? 7.042   -10.749 5.740   1.000 44.470 0  72  VAL AAA CG2 1 ? 
ATOM   127  N N   . ILE A 1 24  ? 3.835   -9.117  2.720   1.000 29.207 0  73  ILE AAA N   1 ? 
ATOM   128  C CA  . ILE A 1 24  ? 3.246   -8.178  1.730   1.000 26.043 0  73  ILE AAA CA  1 ? 
ATOM   129  C C   . ILE A 1 24  ? 3.207   -6.806  2.415   1.000 22.354 0  73  ILE AAA C   1 ? 
ATOM   130  O O   . ILE A 1 24  ? 2.522   -6.686  3.424   1.000 24.756 0  73  ILE AAA O   1 ? 
ATOM   131  C CB  . ILE A 1 24  ? 1.859   -8.686  1.295   1.000 28.181 0  73  ILE AAA CB  1 ? 
ATOM   132  C CG1 . ILE A 1 24  ? 1.896   -10.159 0.850   1.000 27.563 0  73  ILE AAA CG1 1 ? 
ATOM   133  C CG2 . ILE A 1 24  ? 1.263   -7.780  0.227   1.000 28.545 0  73  ILE AAA CG2 1 ? 
ATOM   134  C CD1 . ILE A 1 24  ? 0.515   -10.761 0.612   1.000 28.582 0  73  ILE AAA CD1 1 ? 
ATOM   135  N N   . LEU A 1 25  ? 3.959   -5.842  1.903   1.000 22.856 0  74  LEU AAA N   1 ? 
ATOM   136  C CA  . LEU A 1 25  ? 3.823   -4.424  2.317   1.000 25.968 0  74  LEU AAA CA  1 ? 
ATOM   137  C C   . LEU A 1 25  ? 2.609   -3.841  1.596   1.000 22.355 0  74  LEU AAA C   1 ? 
ATOM   138  O O   . LEU A 1 25  ? 2.582   -3.910  0.370   1.000 20.939 0  74  LEU AAA O   1 ? 
ATOM   139  C CB  . LEU A 1 25  ? 5.079   -3.657  1.923   1.000 28.991 0  74  LEU AAA CB  1 ? 
ATOM   140  C CG  . LEU A 1 25  ? 6.001   -3.276  3.059   1.000 40.690 0  74  LEU AAA CG  1 ? 
ATOM   141  C CD1 . LEU A 1 25  ? 7.377   -2.941  2.517   1.000 40.878 0  74  LEU AAA CD1 1 ? 
ATOM   142  C CD2 . LEU A 1 25  ? 5.409   -2.099  3.838   1.000 45.767 0  74  LEU AAA CD2 1 ? 
ATOM   143  N N   . VAL A 1 26  ? 1.706   -3.218  2.327   1.000 22.875 0  75  VAL AAA N   1 ? 
ATOM   144  C CA  . VAL A 1 26  ? 0.439   -2.640  1.795   1.000 22.508 0  75  VAL AAA CA  1 ? 
ATOM   145  C C   . VAL A 1 26  ? 0.384   -1.169  2.212   1.000 23.271 0  75  VAL AAA C   1 ? 
ATOM   146  O O   . VAL A 1 26  ? 0.485   -0.901  3.420   1.000 24.846 0  75  VAL AAA O   1 ? 
ATOM   147  C CB  . VAL A 1 26  ? -0.820  -3.386  2.263   1.000 25.175 0  75  VAL AAA CB  1 ? 
ATOM   148  C CG1 . VAL A 1 26  ? -2.047  -2.866  1.534   1.000 28.753 0  75  VAL AAA CG1 1 ? 
ATOM   149  C CG2 . VAL A 1 26  ? -0.723  -4.885  2.059   1.000 27.786 0  75  VAL AAA CG2 1 ? 
ATOM   150  N N   . ALA A 1 27  ? 0.297   -0.276  1.226   1.000 19.441 0  76  ALA AAA N   1 ? 
ATOM   151  C CA  . ALA A 1 27  ? -0.016  1.151   1.408   1.000 18.858 0  76  ALA AAA CA  1 ? 
ATOM   152  C C   . ALA A 1 27  ? -1.405  1.441   0.848   1.000 19.953 0  76  ALA AAA C   1 ? 
ATOM   153  O O   . ALA A 1 27  ? -1.658  1.107   -0.353  1.000 19.339 0  76  ALA AAA O   1 ? 
ATOM   154  C CB  . ALA A 1 27  ? 1.039   1.983   0.745   1.000 17.050 0  76  ALA AAA CB  1 ? 
ATOM   155  N N   . VAL A 1 28  ? -2.273  2.017   1.681   1.000 17.240 0  77  VAL AAA N   1 ? 
ATOM   156  C CA  . VAL A 1 28  ? -3.655  2.409   1.307   1.000 16.685 0  77  VAL AAA CA  1 ? 
ATOM   157  C C   . VAL A 1 28  ? -3.761  3.936   1.288   1.000 16.853 0  77  VAL AAA C   1 ? 
ATOM   158  O O   . VAL A 1 28  ? -3.399  4.596   2.296   1.000 15.139 0  77  VAL AAA O   1 ? 
ATOM   159  C CB  . VAL A 1 28  ? -4.704  1.774   2.221   1.000 19.685 0  77  VAL AAA CB  1 ? 
ATOM   160  C CG1 . VAL A 1 28  ? -6.109  2.042   1.678   1.000 20.386 0  77  VAL AAA CG1 1 ? 
ATOM   161  C CG2 . VAL A 1 28  ? -4.463  0.279   2.397   1.000 24.327 0  77  VAL AAA CG2 1 ? 
ATOM   162  N N   . HIS A 1 29  ? -4.191  4.490   0.165   1.000 15.452 0  78  HIS AAA N   1 ? 
ATOM   163  C CA  . HIS A 1 29  ? -4.554  5.921   0.064   1.000 16.990 0  78  HIS AAA CA  1 ? 
ATOM   164  C C   . HIS A 1 29  ? -5.909  6.110   0.745   1.000 18.719 0  78  HIS AAA C   1 ? 
ATOM   165  O O   . HIS A 1 29  ? -6.923  5.525   0.282   1.000 18.978 0  78  HIS AAA O   1 ? 
ATOM   166  C CB  . HIS A 1 29  ? -4.509  6.409   -1.362  1.000 18.261 0  78  HIS AAA CB  1 ? 
ATOM   167  C CG  . HIS A 1 29  ? -4.815  7.863   -1.462  1.000 18.570 0  78  HIS AAA CG  1 ? 
ATOM   168  N ND1 . HIS A 1 29  ? -6.056  8.314   -1.818  1.000 19.839 0  78  HIS AAA ND1 1 ? 
ATOM   169  C CD2 . HIS A 1 29  ? -4.050  8.951   -1.248  1.000 20.688 0  78  HIS AAA CD2 1 ? 
ATOM   170  C CE1 . HIS A 1 29  ? -6.048  9.643   -1.820  1.000 20.615 0  78  HIS AAA CE1 1 ? 
ATOM   171  N NE2 . HIS A 1 29  ? -4.821  10.056  -1.502  1.000 19.325 0  78  HIS AAA NE2 1 ? 
ATOM   172  N N   . VAL A 1 30  ? -5.913  6.752   1.905   1.000 20.461 0  79  VAL AAA N   1 ? 
ATOM   173  C CA  . VAL A 1 30  ? -7.060  6.587   2.851   1.000 24.368 0  79  VAL AAA CA  1 ? 
ATOM   174  C C   . VAL A 1 30  ? -8.365  7.082   2.188   1.000 22.730 0  79  VAL AAA C   1 ? 
ATOM   175  O O   . VAL A 1 30  ? -9.346  6.386   2.312   1.000 25.949 0  79  VAL AAA O   1 ? 
ATOM   176  C CB  . VAL A 1 30  ? -6.783  7.275   4.203   1.000 26.310 0  79  VAL AAA CB  1 ? 
ATOM   177  C CG1 . VAL A 1 30  ? -7.997  7.188   5.127   1.000 32.687 0  79  VAL AAA CG1 1 ? 
ATOM   178  C CG2 . VAL A 1 30  ? -5.544  6.706   4.884   1.000 26.197 0  79  VAL AAA CG2 1 ? 
ATOM   179  N N   . ALA A 1 31  ? -8.360  8.207   1.475   1.000 26.588 0  80  ALA AAA N   1 ? 
ATOM   180  C CA  . ALA A 1 31  ? -9.575  8.864   0.928   1.000 27.279 0  80  ALA AAA CA  1 ? 
ATOM   181  C C   . ALA A 1 31  ? -10.130 8.074   -0.269  1.000 27.591 0  80  ALA AAA C   1 ? 
ATOM   182  O O   . ALA A 1 31  ? -11.350 7.984   -0.375  1.000 26.117 0  80  ALA AAA O   1 ? 
ATOM   183  C CB  . ALA A 1 31  ? -9.284  10.300  0.579   1.000 25.100 0  80  ALA AAA CB  1 ? 
ATOM   184  N N   . SER A 1 32  ? -9.287  7.382   -1.037  1.000 23.388 0  81  SER AAA N   1 ? 
ATOM   185  C CA  . SER A 1 32  ? -9.679  6.623   -2.261  1.000 22.423 0  81  SER AAA CA  1 ? 
ATOM   186  C C   . SER A 1 32  ? -9.848  5.110   -1.992  1.000 24.980 0  81  SER AAA C   1 ? 
ATOM   187  O O   . SER A 1 32  ? -10.677 4.460   -2.698  1.000 25.916 0  81  SER AAA O   1 ? 
ATOM   188  C CB  . SER A 1 32  ? -8.661  6.881   -3.344  1.000 21.894 0  81  SER AAA CB  1 ? 
ATOM   189  O OG  . SER A 1 32  ? -7.443  6.249   -3.012  1.000 21.398 0  81  SER AAA OG  1 ? 
ATOM   190  N N   . GLY A 1 33  ? -9.093  4.512   -1.051  1.000 21.540 0  82  GLY AAA N   1 ? 
ATOM   191  C CA  . GLY A 1 33  ? -9.019  3.048   -0.921  1.000 19.975 0  82  GLY AAA CA  1 ? 
ATOM   192  C C   . GLY A 1 33  ? -8.067  2.438   -1.944  1.000 19.291 0  82  GLY AAA C   1 ? 
ATOM   193  O O   . GLY A 1 33  ? -7.942  1.224   -1.999  1.000 20.800 0  82  GLY AAA O   1 ? 
ATOM   194  N N   . TYR A 1 34  ? -7.405  3.250   -2.738  1.000 17.187 0  83  TYR AAA N   1 ? 
ATOM   195  C CA  . TYR A 1 34  ? -6.388  2.791   -3.702  1.000 17.950 0  83  TYR AAA CA  1 ? 
ATOM   196  C C   . TYR A 1 34  ? -5.209  2.119   -3.001  1.000 19.933 0  83  TYR AAA C   1 ? 
ATOM   197  O O   . TYR A 1 34  ? -4.756  2.651   -1.947  1.000 17.167 0  83  TYR AAA O   1 ? 
ATOM   198  C CB  . TYR A 1 34  ? -5.872  3.974   -4.493  1.000 16.911 0  83  TYR AAA CB  1 ? 
ATOM   199  C CG  . TYR A 1 34  ? -4.749  3.623   -5.431  1.000 16.699 0  83  TYR AAA CG  1 ? 
ATOM   200  C CD1 . TYR A 1 34  ? -4.986  3.186   -6.720  1.000 18.720 0  83  TYR AAA CD1 1 ? 
ATOM   201  C CD2 . TYR A 1 34  ? -3.441  3.774   -5.033  1.000 17.731 0  83  TYR AAA CD2 1 ? 
ATOM   202  C CE1 . TYR A 1 34  ? -3.941  2.928   -7.586  1.000 20.314 0  83  TYR AAA CE1 1 ? 
ATOM   203  C CE2 . TYR A 1 34  ? -2.387  3.463   -5.862  1.000 21.242 0  83  TYR AAA CE2 1 ? 
ATOM   204  C CZ  . TYR A 1 34  ? -2.633  3.059   -7.153  1.000 23.962 0  83  TYR AAA CZ  1 ? 
ATOM   205  O OH  . TYR A 1 34  ? -1.562  2.820   -7.978  1.000 28.618 0  83  TYR AAA OH  1 ? 
ATOM   206  N N   . ILE A 1 35  ? -4.717  0.997   -3.540  1.000 22.047 0  84  ILE AAA N   1 ? 
ATOM   207  C CA  . ILE A 1 35  ? -3.627  0.228   -2.856  1.000 22.293 0  84  ILE AAA CA  1 ? 
ATOM   208  C C   . ILE A 1 35  ? -2.421  0.093   -3.753  1.000 21.402 0  84  ILE AAA C   1 ? 
ATOM   209  O O   . ILE A 1 35  ? -2.527  0.009   -5.005  1.000 16.869 0  84  ILE AAA O   1 ? 
ATOM   210  C CB  . ILE A 1 35  ? -4.059  -1.134  -2.270  1.000 25.493 0  84  ILE AAA CB  1 ? 
ATOM   211  C CG1 . ILE A 1 35  ? -4.487  -2.163  -3.308  1.000 32.278 0  84  ILE AAA CG1 1 ? 
ATOM   212  C CG2 . ILE A 1 35  ? -5.155  -0.952  -1.247  1.000 28.310 0  84  ILE AAA CG2 1 ? 
ATOM   213  C CD1 . ILE A 1 35  ? -4.867  -3.512  -2.692  1.000 34.985 0  84  ILE AAA CD1 1 ? 
ATOM   214  N N   . GLU A 1 36  ? -1.276  0.124   -3.093  1.000 21.787 0  85  GLU AAA N   1 ? 
ATOM   215  C CA  . GLU A 1 36  ? 0.004   -0.354  -3.650  1.000 23.537 0  85  GLU AAA CA  1 ? 
ATOM   216  C C   . GLU A 1 36  ? 0.491   -1.435  -2.691  1.000 24.602 0  85  GLU AAA C   1 ? 
ATOM   217  O O   . GLU A 1 36  ? 0.354   -1.242  -1.457  1.000 21.741 0  85  GLU AAA O   1 ? 
ATOM   218  C CB  . GLU A 1 36  ? 1.004   0.794   -3.718  1.000 29.574 0  85  GLU AAA CB  1 ? 
ATOM   219  C CG  . GLU A 1 36  ? 0.569   1.888   -4.666  1.000 34.454 0  85  GLU AAA CG  1 ? 
ATOM   220  C CD  . GLU A 1 36  ? 1.395   1.984   -5.932  1.000 41.069 0  85  GLU AAA CD  1 ? 
ATOM   221  O OE1 . GLU A 1 36  ? 2.361   1.191   -6.072  1.000 49.412 0  85  GLU AAA OE1 1 ? 
ATOM   222  O OE2 . GLU A 1 36  ? 1.076   2.851   -6.765  1.000 41.316 0  85  GLU AAA OE2 1 ? 
ATOM   223  N N   . ALA A 1 37  ? 0.991   -2.534  -3.229  1.000 21.636 0  86  ALA AAA N   1 ? 
ATOM   224  C CA  . ALA A 1 37  ? 1.494   -3.647  -2.415  1.000 27.109 0  86  ALA AAA CA  1 ? 
ATOM   225  C C   . ALA A 1 37  ? 2.772   -4.175  -3.060  1.000 27.673 0  86  ALA AAA C   1 ? 
ATOM   226  O O   . ALA A 1 37  ? 2.936   -4.003  -4.268  1.000 26.990 0  86  ALA AAA O   1 ? 
ATOM   227  C CB  . ALA A 1 37  ? 0.455   -4.708  -2.239  1.000 25.645 0  86  ALA AAA CB  1 ? 
ATOM   228  N N   . GLU A 1 38  ? 3.618   -4.808  -2.246  1.000 29.480 0  87  GLU AAA N   1 ? 
ATOM   229  C CA  . GLU A 1 38  ? 4.964   -5.328  -2.623  1.000 35.127 0  87  GLU AAA CA  1 ? 
ATOM   230  C C   . GLU A 1 38  ? 5.162   -6.615  -1.808  1.000 33.412 0  87  GLU AAA C   1 ? 
ATOM   231  O O   . GLU A 1 38  ? 4.880   -6.605  -0.618  1.000 24.635 0  87  GLU AAA O   1 ? 
ATOM   232  C CB  . GLU A 1 38  ? 6.025   -4.252  -2.327  1.000 43.418 0  87  GLU AAA CB  1 ? 
ATOM   233  C CG  . GLU A 1 38  ? 7.408   -4.459  -2.962  1.000 51.959 0  87  GLU AAA CG  1 ? 
ATOM   234  C CD  . GLU A 1 38  ? 8.482   -3.415  -2.605  1.000 58.025 0  87  GLU AAA CD  1 ? 
ATOM   235  O OE1 . GLU A 1 38  ? 8.836   -3.319  -1.401  1.000 54.835 0  87  GLU AAA OE1 1 ? 
ATOM   236  O OE2 . GLU A 1 38  ? 8.980   -2.683  -3.529  1.000 53.252 0  87  GLU AAA OE2 1 ? 
ATOM   237  N N   . VAL A 1 39  ? 5.590   -7.705  -2.438  1.000 37.360 0  88  VAL AAA N   1 ? 
ATOM   238  C CA  . VAL A 1 39  ? 6.048   -8.910  -1.696  1.000 38.594 0  88  VAL AAA CA  1 ? 
ATOM   239  C C   . VAL A 1 39  ? 7.539   -8.728  -1.480  1.000 35.018 0  88  VAL AAA C   1 ? 
ATOM   240  O O   . VAL A 1 39  ? 8.259   -8.587  -2.466  1.000 36.077 0  88  VAL AAA O   1 ? 
ATOM   241  C CB  . VAL A 1 39  ? 5.762   -10.228 -2.433  1.000 40.551 0  88  VAL AAA CB  1 ? 
ATOM   242  C CG1 . VAL A 1 39  ? 6.591   -11.370 -1.862  1.000 42.235 0  88  VAL AAA CG1 1 ? 
ATOM   243  C CG2 . VAL A 1 39  ? 4.285   -10.563 -2.400  1.000 41.986 0  88  VAL AAA CG2 1 ? 
ATOM   244  N N   . ILE A 1 40  ? 7.973   -8.779  -0.238  1.000 39.753 0  89  ILE AAA N   1 ? 
ATOM   245  C CA  . ILE A 1 40  ? 9.424   -8.724  0.093   1.000 45.357 0  89  ILE AAA CA  1 ? 
ATOM   246  C C   . ILE A 1 40  ? 9.853   -10.053 0.704   1.000 51.455 0  89  ILE AAA C   1 ? 
ATOM   247  O O   . ILE A 1 40  ? 9.043   -10.757 1.327   1.000 41.286 0  89  ILE AAA O   1 ? 
ATOM   248  C CB  . ILE A 1 40  ? 9.709   -7.539  1.019   1.000 44.171 0  89  ILE AAA CB  1 ? 
ATOM   249  C CG1 . ILE A 1 40  ? 8.660   -7.451  2.131   1.000 41.030 0  89  ILE AAA CG1 1 ? 
ATOM   250  C CG2 . ILE A 1 40  ? 9.796   -6.263  0.192   1.000 46.839 0  89  ILE AAA CG2 1 ? 
ATOM   251  C CD1 . ILE A 1 40  ? 8.928   -6.372  3.143   1.000 41.794 0  89  ILE AAA CD1 1 ? 
ATOM   252  N N   . PRO A 1 41  ? 11.158  -10.395 0.569   1.000 58.659 0  90  PRO AAA N   1 ? 
ATOM   253  C CA  . PRO A 1 41  ? 11.703  -11.615 1.146   1.000 60.345 0  90  PRO AAA CA  1 ? 
ATOM   254  C C   . PRO A 1 41  ? 11.491  -11.507 2.659   1.000 64.675 0  90  PRO AAA C   1 ? 
ATOM   255  O O   . PRO A 1 41  ? 10.798  -12.350 3.181   1.000 71.209 0  90  PRO AAA O   1 ? 
ATOM   256  C CB  . PRO A 1 41  ? 13.191  -11.636 0.759   1.000 63.160 0  90  PRO AAA CB  1 ? 
ATOM   257  C CG  . PRO A 1 41  ? 13.346  -10.537 -0.285  1.000 66.560 0  90  PRO AAA CG  1 ? 
ATOM   258  C CD  . PRO A 1 41  ? 12.205  -9.567  -0.056  1.000 64.768 0  90  PRO AAA CD  1 ? 
ATOM   259  N N   . ALA A 1 42  ? 12.006  -10.436 3.282   1.000 62.565 0  91  ALA AAA N   1 ? 
ATOM   260  C CA  . ALA A 1 42  ? 12.025  -10.239 4.754   1.000 65.496 0  91  ALA AAA CA  1 ? 
ATOM   261  C C   . ALA A 1 42  ? 11.563  -8.827  5.138   1.000 55.586 0  91  ALA AAA C   1 ? 
ATOM   262  O O   . ALA A 1 42  ? 12.030  -7.857  4.512   1.000 64.289 0  91  ALA AAA O   1 ? 
ATOM   263  C CB  . ALA A 1 42  ? 13.422  -10.500 5.263   1.000 66.006 0  91  ALA AAA CB  1 ? 
ATOM   264  N N   . GLU A 1 43  ? 10.684  -8.722  6.140   1.000 53.475 0  92  GLU AAA N   1 ? 
ATOM   265  C CA  . GLU A 1 43  ? 10.462  -7.474  6.921   1.000 46.916 0  92  GLU AAA CA  1 ? 
ATOM   266  C C   . GLU A 1 43  ? 11.825  -6.882  7.290   1.000 45.014 0  92  GLU AAA C   1 ? 
ATOM   267  O O   . GLU A 1 43  ? 12.533  -7.508  8.076   1.000 45.155 0  92  GLU AAA O   1 ? 
ATOM   268  C CB  . GLU A 1 43  ? 9.727   -7.762  8.234   1.000 51.060 0  92  GLU AAA CB  1 ? 
ATOM   269  C CG  . GLU A 1 43  ? 8.242   -7.502  8.199   1.000 52.364 0  92  GLU AAA CG  1 ? 
ATOM   270  C CD  . GLU A 1 43  ? 7.429   -8.312  9.201   1.000 62.126 0  92  GLU AAA CD  1 ? 
ATOM   271  O OE1 . GLU A 1 43  ? 6.762   -7.694  10.068  1.000 59.325 0  92  GLU AAA OE1 1 ? 
ATOM   272  O OE2 . GLU A 1 43  ? 7.430   -9.568  9.094   1.000 64.160 0  92  GLU AAA OE2 1 ? 
ATOM   273  N N   . THR A 1 44  ? 12.206  -5.740  6.732   1.000 41.629 0  93  THR AAA N   1 ? 
ATOM   274  C CA  . THR A 1 44  ? 13.385  -4.958  7.198   1.000 39.577 0  93  THR AAA CA  1 ? 
ATOM   275  C C   . THR A 1 44  ? 13.143  -3.470  6.967   1.000 36.616 0  93  THR AAA C   1 ? 
ATOM   276  O O   . THR A 1 44  ? 12.305  -3.112  6.086   1.000 35.791 0  93  THR AAA O   1 ? 
ATOM   277  C CB  . THR A 1 44  ? 14.694  -5.304  6.471   1.000 43.243 0  93  THR AAA CB  1 ? 
ATOM   278  O OG1 . THR A 1 44  ? 15.716  -4.579  7.154   1.000 49.572 0  93  THR AAA OG1 1 ? 
ATOM   279  C CG2 . THR A 1 44  ? 14.735  -4.891  5.018   1.000 35.472 0  93  THR AAA CG2 1 ? 
ATOM   280  N N   . GLY A 1 45  ? 13.883  -2.651  7.698   1.000 31.430 0  94  GLY AAA N   1 ? 
ATOM   281  C CA  . GLY A 1 45  ? 13.856  -1.193  7.545   1.000 34.529 0  94  GLY AAA CA  1 ? 
ATOM   282  C C   . GLY A 1 45  ? 14.111  -0.828  6.100   1.000 32.821 0  94  GLY AAA C   1 ? 
ATOM   283  O O   . GLY A 1 45  ? 13.325  -0.078  5.563   1.000 30.895 0  94  GLY AAA O   1 ? 
ATOM   284  N N   . GLN A 1 46  ? 15.172  -1.373  5.505   1.000 31.296 0  95  GLN AAA N   1 ? 
ATOM   285  C CA  . GLN A 1 46  ? 15.628  -1.075  4.126   1.000 35.001 0  95  GLN AAA CA  1 ? 
ATOM   286  C C   . GLN A 1 46  ? 14.510  -1.288  3.111   1.000 29.974 0  95  GLN AAA C   1 ? 
ATOM   287  O O   . GLN A 1 46  ? 14.344  -0.423  2.256   1.000 25.316 0  95  GLN AAA O   1 ? 
ATOM   288  C CB  . GLN A 1 46  ? 16.816  -1.945  3.707   1.000 42.194 0  95  GLN AAA CB  1 ? 
ATOM   289  C CG  . GLN A 1 46  ? 18.162  -1.286  3.949   1.000 46.897 0  95  GLN AAA CG  1 ? 
ATOM   290  C CD  . GLN A 1 46  ? 19.256  -2.032  3.227   1.000 55.424 0  95  GLN AAA CD  1 ? 
ATOM   291  O OE1 . GLN A 1 46  ? 19.108  -3.205  2.878   1.000 59.780 0  95  GLN AAA OE1 1 ? 
ATOM   292  N NE2 . GLN A 1 46  ? 20.362  -1.345  2.992   1.000 59.907 0  95  GLN AAA NE2 1 ? 
ATOM   293  N N   . GLU A 1 47  ? 13.854  -2.436  3.141   1.000 27.916 0  96  GLU AAA N   1 ? 
ATOM   294  C CA  . GLU A 1 47  ? 12.728  -2.782  2.229   1.000 30.713 0  96  GLU AAA CA  1 ? 
ATOM   295  C C   . GLU A 1 47  ? 11.563  -1.795  2.404   1.000 29.429 0  96  GLU AAA C   1 ? 
ATOM   296  O O   . GLU A 1 47  ? 10.932  -1.395  1.407   1.000 22.601 0  96  GLU AAA O   1 ? 
ATOM   297  C CB  . GLU A 1 47  ? 12.215  -4.181  2.551   1.000 37.224 0  96  GLU AAA CB  1 ? 
ATOM   298  C CG  . GLU A 1 47  ? 13.189  -5.269  2.150   1.000 41.032 0  96  GLU AAA CG  1 ? 
ATOM   299  C CD  . GLU A 1 47  ? 13.231  -5.546  0.657   1.000 48.316 0  96  GLU AAA CD  1 ? 
ATOM   300  O OE1 . GLU A 1 47  ? 12.767  -4.673  -0.116  1.000 56.723 0  96  GLU AAA OE1 1 ? 
ATOM   301  O OE2 . GLU A 1 47  ? 13.726  -6.638  0.268   1.000 56.168 0  96  GLU AAA OE2 1 ? 
ATOM   302  N N   . THR A 1 48  ? 11.266  -1.432  3.641   1.000 26.716 0  97  THR AAA N   1 ? 
ATOM   303  C CA  . THR A 1 48  ? 10.190  -0.460  3.942   1.000 28.253 0  97  THR AAA CA  1 ? 
ATOM   304  C C   . THR A 1 48  ? 10.580  0.890   3.337   1.000 24.041 0  97  THR AAA C   1 ? 
ATOM   305  O O   . THR A 1 48  ? 9.733   1.499   2.693   1.000 22.290 0  97  THR AAA O   1 ? 
ATOM   306  C CB  . THR A 1 48  ? 9.923   -0.355  5.445   1.000 29.523 0  97  THR AAA CB  1 ? 
ATOM   307  O OG1 . THR A 1 48  ? 9.573   -1.666  5.878   1.000 30.884 0  97  THR AAA OG1 1 ? 
ATOM   308  C CG2 . THR A 1 48  ? 8.796   0.599   5.776   1.000 28.204 0  97  THR AAA CG2 1 ? 
ATOM   309  N N   . ALA A 1 49  ? 11.835  1.296   3.511   1.000 21.216 0  98  ALA AAA N   1 ? 
ATOM   310  C CA  . ALA A 1 49  ? 12.324  2.618   3.085   1.000 22.316 0  98  ALA AAA CA  1 ? 
ATOM   311  C C   . ALA A 1 49  ? 12.198  2.687   1.571   1.000 21.523 0  98  ALA AAA C   1 ? 
ATOM   312  O O   . ALA A 1 49  ? 11.689  3.699   1.030   1.000 24.027 0  98  ALA AAA O   1 ? 
ATOM   313  C CB  . ALA A 1 49  ? 13.751  2.811   3.539   1.000 22.099 0  98  ALA AAA CB  1 ? 
ATOM   314  N N   . TYR A 1 50  ? 12.640  1.630   0.909   1.000 19.871 0  99  TYR AAA N   1 ? 
ATOM   315  C CA  . TYR A 1 50  ? 12.621  1.522   -0.556  1.000 20.944 0  99  TYR AAA CA  1 ? 
ATOM   316  C C   . TYR A 1 50  ? 11.177  1.623   -1.076  1.000 20.629 0  99  TYR AAA C   1 ? 
ATOM   317  O O   . TYR A 1 50  ? 10.912  2.349   -2.071  1.000 18.926 0  99  TYR AAA O   1 ? 
ATOM   318  C CB  . TYR A 1 50  ? 13.322  0.235   -0.988  1.000 20.915 0  99  TYR AAA CB  1 ? 
ATOM   319  C CG  . TYR A 1 50  ? 13.407  0.090   -2.476  1.000 24.242 0  99  TYR AAA CG  1 ? 
ATOM   320  C CD1 . TYR A 1 50  ? 14.227  0.933   -3.196  1.000 24.604 0  99  TYR AAA CD1 1 ? 
ATOM   321  C CD2 . TYR A 1 50  ? 12.707  -0.898  -3.156  1.000 27.921 0  99  TYR AAA CD2 1 ? 
ATOM   322  C CE1 . TYR A 1 50  ? 14.353  0.799   -4.564  1.000 25.706 0  99  TYR AAA CE1 1 ? 
ATOM   323  C CE2 . TYR A 1 50  ? 12.791  -1.013  -4.534  1.000 30.118 0  99  TYR AAA CE2 1 ? 
ATOM   324  C CZ  . TYR A 1 50  ? 13.606  -0.142  -5.236  1.000 28.487 0  99  TYR AAA CZ  1 ? 
ATOM   325  O OH  . TYR A 1 50  ? 13.758  -0.219  -6.585  1.000 31.964 0  99  TYR AAA OH  1 ? 
ATOM   326  N N   . PHE A 1 51  ? 10.268  0.876   -0.463  1.000 21.492 0  100 PHE AAA N   1 ? 
ATOM   327  C CA  . PHE A 1 51  ? 8.825   0.888   -0.828  1.000 21.061 0  100 PHE AAA CA  1 ? 
ATOM   328  C C   . PHE A 1 51  ? 8.269   2.309   -0.709  1.000 20.207 0  100 PHE AAA C   1 ? 
ATOM   329  O O   . PHE A 1 51  ? 7.576   2.718   -1.621  1.000 18.225 0  100 PHE AAA O   1 ? 
ATOM   330  C CB  . PHE A 1 51  ? 8.056   -0.095  0.048   1.000 22.982 0  100 PHE AAA CB  1 ? 
ATOM   331  C CG  . PHE A 1 51  ? 6.562   -0.130  -0.156  1.000 23.537 0  100 PHE AAA CG  1 ? 
ATOM   332  C CD1 . PHE A 1 51  ? 6.008   -0.785  -1.234  1.000 26.596 0  100 PHE AAA CD1 1 ? 
ATOM   333  C CD2 . PHE A 1 51  ? 5.717   0.394   0.804   1.000 24.549 0  100 PHE AAA CD2 1 ? 
ATOM   334  C CE1 . PHE A 1 51  ? 4.632   -0.837  -1.407  1.000 26.747 0  100 PHE AAA CE1 1 ? 
ATOM   335  C CE2 . PHE A 1 51  ? 4.342   0.329   0.643   1.000 27.954 0  100 PHE AAA CE2 1 ? 
ATOM   336  C CZ  . PHE A 1 51  ? 3.804   -0.273  -0.471  1.000 27.255 0  100 PHE AAA CZ  1 ? 
ATOM   337  N N   . LEU A 1 52  ? 8.593   3.017   0.382   1.000 19.618 0  101 LEU AAA N   1 ? 
ATOM   338  C CA  . LEU A 1 52  ? 8.087   4.383   0.639   1.000 20.545 0  101 LEU AAA CA  1 ? 
ATOM   339  C C   . LEU A 1 52  ? 8.611   5.318   -0.435  1.000 19.889 0  101 LEU AAA C   1 ? 
ATOM   340  O O   . LEU A 1 52  ? 7.849   6.143   -0.884  1.000 17.852 0  101 LEU AAA O   1 ? 
ATOM   341  C CB  . LEU A 1 52  ? 8.527   4.862   2.026   1.000 23.342 0  101 LEU AAA CB  1 ? 
ATOM   342  C CG  . LEU A 1 52  ? 7.783   4.222   3.193   1.000 29.746 0  101 LEU AAA CG  1 ? 
ATOM   343  C CD1 . LEU A 1 52  ? 8.400   4.663   4.529   1.000 31.678 0  101 LEU AAA CD1 1 ? 
ATOM   344  C CD2 . LEU A 1 52  ? 6.288   4.528   3.137   1.000 29.304 0  101 LEU AAA CD2 1 ? 
ATOM   345  N N   . LEU A 1 53  ? 9.898   5.210   -0.765  1.000 19.080 0  102 LEU AAA N   1 ? 
ATOM   346  C CA  . LEU A 1 53  ? 10.540  6.087   -1.755  1.000 19.413 0  102 LEU AAA CA  1 ? 
ATOM   347  C C   . LEU A 1 53  ? 9.879   5.855   -3.125  1.000 19.376 0  102 LEU AAA C   1 ? 
ATOM   348  O O   . LEU A 1 53  ? 9.619   6.838   -3.798  1.000 20.268 0  102 LEU AAA O   1 ? 
ATOM   349  C CB  . LEU A 1 53  ? 12.034  5.795   -1.804  1.000 19.435 0  102 LEU AAA CB  1 ? 
ATOM   350  C CG  . LEU A 1 53  ? 12.745  6.374   -3.017  1.000 21.368 0  102 LEU AAA CG  1 ? 
ATOM   351  C CD1 . LEU A 1 53  ? 12.796  7.898   -2.924  1.000 22.985 0  102 LEU AAA CD1 1 ? 
ATOM   352  C CD2 . LEU A 1 53  ? 14.150  5.795   -3.120  1.000 24.479 0  102 LEU AAA CD2 1 ? 
ATOM   353  N N   . LYS A 1 54  ? 9.611   4.611   -3.497  1.000 19.733 0  103 LYS AAA N   1 ? 
ATOM   354  C CA  . LYS A 1 54  ? 8.933   4.257   -4.776  1.000 22.168 0  103 LYS AAA CA  1 ? 
ATOM   355  C C   . LYS A 1 54  ? 7.515   4.826   -4.772  1.000 21.998 0  103 LYS AAA C   1 ? 
ATOM   356  O O   . LYS A 1 54  ? 7.139   5.490   -5.728  1.000 20.836 0  103 LYS AAA O   1 ? 
ATOM   357  C CB  . LYS A 1 54  ? 8.875   2.745   -4.995  1.000 25.954 0  103 LYS AAA CB  1 ? 
ATOM   358  C CG  . LYS A 1 54  ? 10.158  2.149   -5.532  1.000 31.755 0  103 LYS AAA CG  1 ? 
ATOM   359  C CD  . LYS A 1 54  ? 9.971   0.842   -6.297  1.000 34.383 0  103 LYS AAA CD  1 ? 
ATOM   360  C CE  . LYS A 1 54  ? 9.627   -0.289  -5.363  1.000 42.318 0  103 LYS AAA CE  1 ? 
ATOM   361  N NZ  . LYS A 1 54  ? 9.692   -1.615  -6.018  1.000 45.394 0  103 LYS AAA NZ  1 ? 
ATOM   362  N N   . LEU A 1 55  ? 6.771   4.604   -3.699  1.000 21.020 0  104 LEU AAA N   1 ? 
ATOM   363  C CA  . LEU A 1 55  ? 5.394   5.131   -3.612  1.000 20.875 0  104 LEU AAA CA  1 ? 
ATOM   364  C C   . LEU A 1 55  ? 5.431   6.661   -3.743  1.000 20.020 0  104 LEU AAA C   1 ? 
ATOM   365  O O   . LEU A 1 55  ? 4.567   7.243   -4.454  1.000 20.938 0  104 LEU AAA O   1 ? 
ATOM   366  C CB  . LEU A 1 55  ? 4.794   4.712   -2.273  1.000 20.889 0  104 LEU AAA CB  1 ? 
ATOM   367  C CG  . LEU A 1 55  ? 3.354   5.160   -2.052  1.000 20.345 0  104 LEU AAA CG  1 ? 
ATOM   368  C CD1 . LEU A 1 55  ? 2.452   4.366   -2.947  1.000 23.138 0  104 LEU AAA CD1 1 ? 
ATOM   369  C CD2 . LEU A 1 55  ? 2.966   5.005   -0.581  1.000 22.512 0  104 LEU AAA CD2 1 ? 
ATOM   370  N N   . ALA A 1 56  ? 6.344   7.311   -3.040  1.000 18.933 0  105 ALA AAA N   1 ? 
ATOM   371  C CA  . ALA A 1 56  ? 6.398   8.790   -2.982  1.000 19.036 0  105 ALA AAA CA  1 ? 
ATOM   372  C C   . ALA A 1 56  ? 6.823   9.353   -4.346  1.000 17.771 0  105 ALA AAA C   1 ? 
ATOM   373  O O   . ALA A 1 56  ? 6.449   10.501  -4.660  1.000 19.153 0  105 ALA AAA O   1 ? 
ATOM   374  C CB  . ALA A 1 56  ? 7.290   9.231   -1.867  1.000 18.776 0  105 ALA AAA CB  1 ? 
ATOM   375  N N   . GLY A 1 57  ? 7.605   8.620   -5.137  1.000 20.260 0  106 GLY AAA N   1 ? 
ATOM   376  C CA  . GLY A 1 57  ? 7.975   9.066   -6.496  1.000 19.934 0  106 GLY AAA CA  1 ? 
ATOM   377  C C   . GLY A 1 57  ? 6.788   8.994   -7.433  1.000 21.119 0  106 GLY AAA C   1 ? 
ATOM   378  O O   . GLY A 1 57  ? 6.848   9.591   -8.499  1.000 22.865 0  106 GLY AAA O   1 ? 
ATOM   379  N N   . ARG A 1 58  ? 5.739   8.262   -7.051  1.000 23.723 0  107 ARG AAA N   1 ? 
ATOM   380  C CA  . ARG A 1 58  ? 4.642   7.891   -7.967  1.000 23.967 0  107 ARG AAA CA  1 ? 
ATOM   381  C C   . ARG A 1 58  ? 3.394   8.706   -7.613  1.000 25.469 0  107 ARG AAA C   1 ? 
ATOM   382  O O   . ARG A 1 58  ? 2.681   9.075   -8.539  1.000 25.046 0  107 ARG AAA O   1 ? 
ATOM   383  C CB  . ARG A 1 58  ? 4.460   6.368   -7.975  1.000 25.455 0  107 ARG AAA CB  1 ? 
ATOM   384  C CG  . ARG A 1 58  ? 5.575   5.635   -8.717  1.000 31.013 0  107 ARG AAA CG  1 ? 
ATOM   385  C CD  . ARG A 1 58  ? 5.759   4.126   -8.476  1.000 33.359 0  107 ARG AAA CD  1 ? 
ATOM   386  N NE  . ARG A 1 58  ? 6.915   3.593   -9.221  1.000 36.547 0  107 ARG AAA NE  1 ? 
ATOM   387  C CZ  . ARG A 1 58  ? 8.196   3.967   -9.038  1.000 42.112 0  107 ARG AAA CZ  1 ? 
ATOM   388  N NH1 . ARG A 1 58  ? 8.520   4.873   -8.115  1.000 42.400 0  107 ARG AAA NH1 1 ? 
ATOM   389  N NH2 . ARG A 1 58  ? 9.151   3.471   -9.815  1.000 33.386 0  107 ARG AAA NH2 1 ? 
ATOM   390  N N   . TRP A 1 59  ? 3.156   8.994   -6.336  1.000 21.750 0  108 TRP AAA N   1 ? 
ATOM   391  C CA  . TRP A 1 59  ? 1.940   9.673   -5.829  1.000 23.915 0  108 TRP AAA CA  1 ? 
ATOM   392  C C   . TRP A 1 59  ? 2.370   10.742  -4.852  1.000 24.991 0  108 TRP AAA C   1 ? 
ATOM   393  O O   . TRP A 1 59  ? 3.473   10.659  -4.349  1.000 26.844 0  108 TRP AAA O   1 ? 
ATOM   394  C CB  . TRP A 1 59  ? 1.014   8.711   -5.080  1.000 23.074 0  108 TRP AAA CB  1 ? 
ATOM   395  C CG  . TRP A 1 59  ? 0.458   7.651   -5.952  1.000 22.884 0  108 TRP AAA CG  1 ? 
ATOM   396  C CD1 . TRP A 1 59  ? 0.877   6.363   -6.010  1.000 24.539 0  108 TRP AAA CD1 1 ? 
ATOM   397  C CD2 . TRP A 1 59  ? -0.519  7.816   -6.987  1.000 22.906 0  108 TRP AAA CD2 1 ? 
ATOM   398  N NE1 . TRP A 1 59  ? 0.174   5.696   -6.972  1.000 27.525 0  108 TRP AAA NE1 1 ? 
ATOM   399  C CE2 . TRP A 1 59  ? -0.709  6.549   -7.570  1.000 25.284 0  108 TRP AAA CE2 1 ? 
ATOM   400  C CE3 . TRP A 1 59  ? -1.295  8.880   -7.439  1.000 24.981 0  108 TRP AAA CE3 1 ? 
ATOM   401  C CZ2 . TRP A 1 59  ? -1.627  6.324   -8.591  1.000 26.915 0  108 TRP AAA CZ2 1 ? 
ATOM   402  C CZ3 . TRP A 1 59  ? -2.228  8.653   -8.433  1.000 27.536 0  108 TRP AAA CZ3 1 ? 
ATOM   403  C CH2 . TRP A 1 59  ? -2.381  7.394   -9.008  1.000 25.161 0  108 TRP AAA CH2 1 ? 
ATOM   404  N N   . PRO A 1 60  ? 1.488   11.698  -4.504  1.000 27.526 0  109 PRO AAA N   1 ? 
ATOM   405  C CA  . PRO A 1 60  ? 1.740   12.595  -3.388  1.000 27.676 0  109 PRO AAA CA  1 ? 
ATOM   406  C C   . PRO A 1 60  ? 1.661   11.747  -2.108  1.000 24.237 0  109 PRO AAA C   1 ? 
ATOM   407  O O   . PRO A 1 60  ? 0.640   11.116  -1.858  1.000 27.432 0  109 PRO AAA O   1 ? 
ATOM   408  C CB  . PRO A 1 60  ? 0.611   13.636  -3.405  1.000 30.023 0  109 PRO AAA CB  1 ? 
ATOM   409  C CG  . PRO A 1 60  ? -0.258  13.288  -4.611  1.000 29.763 0  109 PRO AAA CG  1 ? 
ATOM   410  C CD  . PRO A 1 60  ? 0.150   11.906  -5.078  1.000 29.851 0  109 PRO AAA CD  1 ? 
ATOM   411  N N   . VAL A 1 61  ? 2.745   11.698  -1.360  1.000 23.892 0  110 VAL AAA N   1 ? 
ATOM   412  C CA  . VAL A 1 61  ? 2.756   11.049  -0.025  1.000 24.259 0  110 VAL AAA CA  1 ? 
ATOM   413  C C   . VAL A 1 61  ? 3.234   12.112  0.970   1.000 25.691 0  110 VAL AAA C   1 ? 
ATOM   414  O O   . VAL A 1 61  ? 4.431   12.397  0.999   1.000 25.468 0  110 VAL AAA O   1 ? 
ATOM   415  C CB  . VAL A 1 61  ? 3.608   9.767   -0.037  1.000 25.276 0  110 VAL AAA CB  1 ? 
ATOM   416  C CG1 . VAL A 1 61  ? 3.565   9.051   1.304   1.000 24.821 0  110 VAL AAA CG1 1 ? 
ATOM   417  C CG2 . VAL A 1 61  ? 3.197   8.817   -1.155  1.000 23.310 0  110 VAL AAA CG2 1 ? 
ATOM   418  N N   . LYS A 1 62  ? 2.311   12.669  1.753   1.000 25.604 0  111 LYS AAA N   1 ? 
ATOM   419  C CA  . LYS A 1 62  ? 2.608   13.730  2.745   1.000 27.667 0  111 LYS AAA CA  1 ? 
ATOM   420  C C   . LYS A 1 62  ? 2.723   13.122  4.148   1.000 25.303 0  111 LYS AAA C   1 ? 
ATOM   421  O O   . LYS A 1 62  ? 3.594   13.540  4.930   1.000 22.564 0  111 LYS AAA O   1 ? 
ATOM   422  C CB  . LYS A 1 62  ? 1.536   14.814  2.620   1.000 31.159 0  111 LYS AAA CB  1 ? 
ATOM   423  C CG  . LYS A 1 62  ? 1.747   15.686  1.388   1.000 37.483 0  111 LYS AAA CG  1 ? 
ATOM   424  C CD  . LYS A 1 62  ? 0.481   16.159  0.701   1.000 44.777 0  111 LYS AAA CD  1 ? 
ATOM   425  C CE  . LYS A 1 62  ? 0.619   16.340  -0.799  1.000 43.799 0  111 LYS AAA CE  1 ? 
ATOM   426  N NZ  . LYS A 1 62  ? -0.701  16.558  -1.425  1.000 45.138 0  111 LYS AAA NZ  1 ? 
ATOM   427  N N   . THR A 1 63  ? 1.832   12.200  4.468   1.000 22.613 0  112 THR AAA N   1 ? 
ATOM   428  C CA  . THR A 1 63  ? 1.732   11.590  5.805   1.000 24.082 0  112 THR AAA CA  1 ? 
ATOM   429  C C   . THR A 1 63  ? 1.411   10.108  5.668   1.000 20.986 0  112 THR AAA C   1 ? 
ATOM   430  O O   . THR A 1 63  ? 0.508   9.750   4.873   1.000 21.266 0  112 THR AAA O   1 ? 
ATOM   431  C CB  . THR A 1 63  ? 0.709   12.328  6.676   1.000 26.652 0  112 THR AAA CB  1 ? 
ATOM   432  O OG1 . THR A 1 63  ? 1.187   13.680  6.793   1.000 27.891 0  112 THR AAA OG1 1 ? 
ATOM   433  C CG2 . THR A 1 63  ? 0.599   11.696  8.041   1.000 27.010 0  112 THR AAA CG2 1 ? 
ATOM   434  N N   . VAL A 1 64  ? 2.181   9.302   6.380   1.000 18.937 0  113 VAL AAA N   1 ? 
ATOM   435  C CA  . VAL A 1 64  ? 2.003   7.840   6.505   1.000 20.955 0  113 VAL AAA CA  1 ? 
ATOM   436  C C   . VAL A 1 64  ? 1.642   7.501   7.949   1.000 21.106 0  113 VAL AAA C   1 ? 
ATOM   437  O O   . VAL A 1 64  ? 2.393   7.840   8.908   1.000 21.156 0  113 VAL AAA O   1 ? 
ATOM   438  C CB  . VAL A 1 64  ? 3.235   7.078   6.003   1.000 19.592 0  113 VAL AAA CB  1 ? 
ATOM   439  C CG1 . VAL A 1 64  ? 3.035   5.587   6.250   1.000 20.313 0  113 VAL AAA CG1 1 ? 
ATOM   440  C CG2 . VAL A 1 64  ? 3.451   7.356   4.529   1.000 20.056 0  113 VAL AAA CG2 1 ? 
ATOM   441  N N   . HIS A 1 65  ? 0.469   6.925   8.109   1.000 22.483 0  114 HIS AAA N   1 ? 
ATOM   442  C CA  . HIS A 1 65  ? 0.019   6.378   9.403   1.000 23.121 0  114 HIS AAA CA  1 ? 
ATOM   443  C C   . HIS A 1 65  ? 0.354   4.905   9.473   1.000 26.022 0  114 HIS AAA C   1 ? 
ATOM   444  O O   . HIS A 1 65  ? 0.019   4.158   8.509   1.000 22.233 0  114 HIS AAA O   1 ? 
ATOM   445  C CB  . HIS A 1 65  ? -1.450  6.617   9.622   1.000 24.079 0  114 HIS AAA CB  1 ? 
ATOM   446  C CG  . HIS A 1 65  ? -1.784  8.054   9.629   1.000 27.429 0  114 HIS AAA CG  1 ? 
ATOM   447  N ND1 . HIS A 1 65  ? -1.967  8.759   10.794  1.000 31.777 0  114 HIS AAA ND1 1 ? 
ATOM   448  C CD2 . HIS A 1 65  ? -1.972  8.923   8.615   1.000 33.613 0  114 HIS AAA CD2 1 ? 
ATOM   449  C CE1 . HIS A 1 65  ? -2.264  10.005  10.494  1.000 33.166 0  114 HIS AAA CE1 1 ? 
ATOM   450  N NE2 . HIS A 1 65  ? -2.246  10.129  9.167   1.000 32.281 0  114 HIS AAA NE2 1 ? 
ATOM   451  N N   . THR A 1 66  ? 0.960   4.516   10.596  1.000 25.976 0  115 THR AAA N   1 ? 
ATOM   452  C CA  A THR A 1 66  ? 1.103   3.098   11.004  0.390 27.195 0  115 THR AAA CA  1 ? 
ATOM   453  C CA  B THR A 1 66  ? 1.128   3.097   11.011  0.610 26.519 0  115 THR AAA CA  1 ? 
ATOM   454  C C   . THR A 1 66  ? 0.618   2.908   12.449  1.000 28.414 0  115 THR AAA C   1 ? 
ATOM   455  O O   . THR A 1 66  ? 0.632   3.889   13.235  1.000 27.067 0  115 THR AAA O   1 ? 
ATOM   456  C CB  A THR A 1 66  ? 2.550   2.636   10.839  0.390 28.153 0  115 THR AAA CB  1 ? 
ATOM   457  C CB  B THR A 1 66  ? 2.590   2.648   10.926  0.610 27.402 0  115 THR AAA CB  1 ? 
ATOM   458  O OG1 A THR A 1 66  ? 2.532   1.219   11.003  0.390 29.930 0  115 THR AAA OG1 1 ? 
ATOM   459  O OG1 B THR A 1 66  ? 3.344   3.570   11.710  0.610 28.602 0  115 THR AAA OG1 1 ? 
ATOM   460  C CG2 A THR A 1 66  ? 3.473   3.297   11.837  0.390 28.797 0  115 THR AAA CG2 1 ? 
ATOM   461  C CG2 B THR A 1 66  ? 3.145   2.592   9.522   0.610 27.854 0  115 THR AAA CG2 1 ? 
ATOM   462  N N   . ASP A 1 67  ? 0.291   1.662   12.788  1.000 31.298 0  116 ASP AAA N   1 ? 
ATOM   463  C CA  . ASP A 1 67  ? -0.464  1.228   13.987  1.000 34.874 0  116 ASP AAA CA  1 ? 
ATOM   464  C C   . ASP A 1 67  ? 0.461   0.521   14.997  1.000 33.632 0  116 ASP AAA C   1 ? 
ATOM   465  O O   . ASP A 1 67  ? -0.065  0.037   16.005  1.000 32.419 0  116 ASP AAA O   1 ? 
ATOM   466  C CB  . ASP A 1 67  ? -1.572  0.280   13.503  1.000 43.385 0  116 ASP AAA CB  1 ? 
ATOM   467  C CG  . ASP A 1 67  ? -2.731  0.084   14.452  1.000 53.788 0  116 ASP AAA CG  1 ? 
ATOM   468  O OD1 . ASP A 1 67  ? -2.949  0.977   15.296  1.000 75.221 0  116 ASP AAA OD1 1 ? 
ATOM   469  O OD2 . ASP A 1 67  ? -3.405  -0.966  14.337  1.000 70.119 0  116 ASP AAA OD2 1 ? 
ATOM   470  N N   . ASN A 1 68  ? 1.784   0.451   14.777  1.000 30.018 0  117 ASN AAA N   1 ? 
ATOM   471  C CA  . ASN A 1 68  ? 2.707   -0.089  15.815  1.000 30.134 0  117 ASN AAA CA  1 ? 
ATOM   472  C C   . ASN A 1 68  ? 4.035   0.652   15.754  1.000 27.599 0  117 ASN AAA C   1 ? 
ATOM   473  O O   . ASN A 1 68  ? 4.155   1.622   14.972  1.000 26.105 0  117 ASN AAA O   1 ? 
ATOM   474  C CB  . ASN A 1 68  ? 2.884   -1.606  15.697  1.000 28.581 0  117 ASN AAA CB  1 ? 
ATOM   475  C CG  . ASN A 1 68  ? 3.425   -2.047  14.358  1.000 31.208 0  117 ASN AAA CG  1 ? 
ATOM   476  O OD1 . ASN A 1 68  ? 4.288   -1.398  13.770  1.000 29.970 0  117 ASN AAA OD1 1 ? 
ATOM   477  N ND2 . ASN A 1 68  ? 2.967   -3.205  13.919  1.000 35.415 0  117 ASN AAA ND2 1 ? 
ATOM   478  N N   . GLY A 1 69  ? 5.017   0.196   16.530  1.000 25.156 0  118 GLY AAA N   1 ? 
ATOM   479  C CA  . GLY A 1 69  ? 6.295   0.919   16.646  1.000 24.578 0  118 GLY AAA CA  1 ? 
ATOM   480  C C   . GLY A 1 69  ? 7.301   0.505   15.592  1.000 20.834 0  118 GLY AAA C   1 ? 
ATOM   481  O O   . GLY A 1 69  ? 8.328   1.147   15.508  1.000 21.282 0  118 GLY AAA O   1 ? 
ATOM   482  N N   . SER A 1 70  ? 7.064   -0.544  14.805  1.000 21.646 0  119 SER AAA N   1 ? 
ATOM   483  C CA  . SER A 1 70  ? 8.158   -1.180  14.027  1.000 23.488 0  119 SER AAA CA  1 ? 
ATOM   484  C C   . SER A 1 70  ? 8.850   -0.169  13.111  1.000 25.082 0  119 SER AAA C   1 ? 
ATOM   485  O O   . SER A 1 70  ? 10.090  -0.206  13.044  1.000 26.151 0  119 SER AAA O   1 ? 
ATOM   486  C CB  . SER A 1 70  ? 7.745   -2.412  13.256  1.000 25.120 0  119 SER AAA CB  1 ? 
ATOM   487  O OG  . SER A 1 70  ? 6.571   -2.203  12.524  1.000 27.773 0  119 SER AAA OG  1 ? 
ATOM   488  N N   . ASN A 1 71  ? 8.111   0.704   12.432  1.000 23.875 0  120 ASN AAA N   1 ? 
ATOM   489  C CA  A ASN A 1 71  ? 8.698   1.651   11.443  0.660 26.067 0  120 ASN AAA CA  1 ? 
ATOM   490  C CA  B ASN A 1 71  ? 8.705   1.650   11.446  0.340 25.179 0  120 ASN AAA CA  1 ? 
ATOM   491  C C   . ASN A 1 71  ? 9.447   2.788   12.163  1.000 28.695 0  120 ASN AAA C   1 ? 
ATOM   492  O O   . ASN A 1 71  ? 10.272  3.495   11.501  1.000 28.856 0  120 ASN AAA O   1 ? 
ATOM   493  C CB  A ASN A 1 71  ? 7.627   2.209   10.504  0.660 26.725 0  120 ASN AAA CB  1 ? 
ATOM   494  C CB  B ASN A 1 71  ? 7.641   2.181   10.489  0.340 24.394 0  120 ASN AAA CB  1 ? 
ATOM   495  C CG  A ASN A 1 71  ? 7.272   1.268   9.374   0.660 25.656 0  120 ASN AAA CG  1 ? 
ATOM   496  C CG  B ASN A 1 71  ? 7.147   1.095   9.565   0.340 22.723 0  120 ASN AAA CG  1 ? 
ATOM   497  O OD1 A ASN A 1 71  ? 7.503   0.070   9.471   0.660 28.132 0  120 ASN AAA OD1 1 ? 
ATOM   498  O OD1 B ASN A 1 71  ? 5.946   0.899   9.410   0.340 22.662 0  120 ASN AAA OD1 1 ? 
ATOM   499  N ND2 A ASN A 1 71  ? 6.747   1.805   8.287   0.660 28.144 0  120 ASN AAA ND2 1 ? 
ATOM   500  N ND2 B ASN A 1 71  ? 8.084   0.359   8.994   0.340 22.569 0  120 ASN AAA ND2 1 ? 
ATOM   501  N N   . PHE A 1 72  ? 9.202   2.955   13.453  1.000 25.621 0  121 PHE AAA N   1 ? 
ATOM   502  C CA  . PHE A 1 72  ? 9.868   4.021   14.243  1.000 26.382 0  121 PHE AAA CA  1 ? 
ATOM   503  C C   . PHE A 1 72  ? 11.301  3.615   14.571  1.000 26.136 0  121 PHE AAA C   1 ? 
ATOM   504  O O   . PHE A 1 72  ? 12.065  4.485   14.956  1.000 28.311 0  121 PHE AAA O   1 ? 
ATOM   505  C CB  . PHE A 1 72  ? 9.025   4.374   15.463  1.000 26.488 0  121 PHE AAA CB  1 ? 
ATOM   506  C CG  . PHE A 1 72  ? 7.696   4.970   15.085  1.000 29.961 0  121 PHE AAA CG  1 ? 
ATOM   507  C CD1 . PHE A 1 72  ? 6.630   4.158   14.738  1.000 29.510 0  121 PHE AAA CD1 1 ? 
ATOM   508  C CD2 . PHE A 1 72  ? 7.521   6.340   15.048  1.000 31.171 0  121 PHE AAA CD2 1 ? 
ATOM   509  C CE1 . PHE A 1 72  ? 5.407   4.702   14.368  1.000 32.511 0  121 PHE AAA CE1 1 ? 
ATOM   510  C CE2 . PHE A 1 72  ? 6.298   6.884   14.692  1.000 33.167 0  121 PHE AAA CE2 1 ? 
ATOM   511  C CZ  . PHE A 1 72  ? 5.247   6.068   14.340  1.000 34.416 0  121 PHE AAA CZ  1 ? 
ATOM   512  N N   . THR A 1 73  ? 11.684  2.363   14.354  1.000 24.596 0  122 THR AAA N   1 ? 
ATOM   513  C CA  . THR A 1 73  ? 12.989  1.842   14.819  1.000 26.574 0  122 THR AAA CA  1 ? 
ATOM   514  C C   . THR A 1 73  ? 13.983  1.713   13.681  1.000 29.597 0  122 THR AAA C   1 ? 
ATOM   515  O O   . THR A 1 73  ? 15.036  1.129   13.943  1.000 29.577 0  122 THR AAA O   1 ? 
ATOM   516  C CB  . THR A 1 73  ? 12.835  0.460   15.469  1.000 32.613 0  122 THR AAA CB  1 ? 
ATOM   517  O OG1 . THR A 1 73  ? 12.251  -0.427  14.514  1.000 35.572 0  122 THR AAA OG1 1 ? 
ATOM   518  C CG2 . THR A 1 73  ? 11.985  0.496   16.719  1.000 32.841 0  122 THR AAA CG2 1 ? 
ATOM   519  N N   . SER A 1 74  ? 13.674  2.183   12.465  1.000 25.636 0  123 SER AAA N   1 ? 
ATOM   520  C CA  . SER A 1 74  ? 14.571  2.003   11.298  1.000 29.373 0  123 SER AAA CA  1 ? 
ATOM   521  C C   . SER A 1 74  ? 15.208  3.348   10.927  1.000 29.612 0  123 SER AAA C   1 ? 
ATOM   522  O O   . SER A 1 74  ? 14.476  4.312   10.626  1.000 24.174 0  123 SER AAA O   1 ? 
ATOM   523  C CB  . SER A 1 74  ? 13.819  1.396   10.157  1.000 32.885 0  123 SER AAA CB  1 ? 
ATOM   524  O OG  . SER A 1 74  ? 14.554  1.517   8.956   1.000 33.092 0  123 SER AAA OG  1 ? 
ATOM   525  N N   . THR A 1 75  ? 16.540  3.426   10.923  1.000 30.825 0  124 THR AAA N   1 ? 
ATOM   526  C CA  . THR A 1 75  ? 17.250  4.673   10.564  1.000 31.379 0  124 THR AAA CA  1 ? 
ATOM   527  C C   . THR A 1 75  ? 17.092  4.882   9.052   1.000 25.947 0  124 THR AAA C   1 ? 
ATOM   528  O O   . THR A 1 75  ? 17.035  6.033   8.667   1.000 28.194 0  124 THR AAA O   1 ? 
ATOM   529  C CB  . THR A 1 75  ? 18.705  4.659   11.065  1.000 37.964 0  124 THR AAA CB  1 ? 
ATOM   530  O OG1 . THR A 1 75  ? 19.380  3.587   10.402  1.000 40.362 0  124 THR AAA OG1 1 ? 
ATOM   531  C CG2 . THR A 1 75  ? 18.805  4.481   12.564  1.000 35.247 0  124 THR AAA CG2 1 ? 
ATOM   532  N N   . THR A 1 76  ? 16.971  3.808   8.267   1.000 27.221 0  125 THR AAA N   1 ? 
ATOM   533  C CA  . THR A 1 76  ? 16.757  3.851   6.799   1.000 29.578 0  125 THR AAA CA  1 ? 
ATOM   534  C C   . THR A 1 76  ? 15.362  4.420   6.510   1.000 28.240 0  125 THR AAA C   1 ? 
ATOM   535  O O   . THR A 1 76  ? 15.278  5.325   5.646   1.000 24.749 0  125 THR AAA O   1 ? 
ATOM   536  C CB  . THR A 1 76  ? 16.976  2.500   6.109   1.000 30.135 0  125 THR AAA CB  1 ? 
ATOM   537  O OG1 . THR A 1 76  ? 18.235  2.020   6.569   1.000 32.021 0  125 THR AAA OG1 1 ? 
ATOM   538  C CG2 . THR A 1 76  ? 17.040  2.620   4.599   1.000 30.027 0  125 THR AAA CG2 1 ? 
ATOM   539  N N   . VAL A 1 77  ? 14.325  3.955   7.215   1.000 26.883 0  126 VAL AAA N   1 ? 
ATOM   540  C CA  . VAL A 1 77  ? 12.957  4.542   7.090   1.000 23.787 0  126 VAL AAA CA  1 ? 
ATOM   541  C C   . VAL A 1 77  ? 13.029  6.036   7.421   1.000 24.673 0  126 VAL AAA C   1 ? 
ATOM   542  O O   . VAL A 1 77  ? 12.530  6.847   6.642   1.000 23.037 0  126 VAL AAA O   1 ? 
ATOM   543  C CB  . VAL A 1 77  ? 11.934  3.800   7.966   1.000 22.997 0  126 VAL AAA CB  1 ? 
ATOM   544  C CG1 . VAL A 1 77  ? 10.639  4.577   8.100   1.000 24.015 0  126 VAL AAA CG1 1 ? 
ATOM   545  C CG2 . VAL A 1 77  ? 11.661  2.414   7.413   1.000 24.042 0  126 VAL AAA CG2 1 ? 
ATOM   546  N N   . LYS A 1 78  ? 13.636  6.391   8.553   1.000 26.434 0  127 LYS AAA N   1 ? 
ATOM   547  C CA  . LYS A 1 78  ? 13.896  7.788   8.970   1.000 28.249 0  127 LYS AAA CA  1 ? 
ATOM   548  C C   . LYS A 1 78  ? 14.527  8.593   7.815   1.000 24.872 0  127 LYS AAA C   1 ? 
ATOM   549  O O   . LYS A 1 78  ? 14.013  9.689   7.496   1.000 27.218 0  127 LYS AAA O   1 ? 
ATOM   550  C CB  . LYS A 1 78  ? 14.800  7.743   10.207  1.000 32.934 0  127 LYS AAA CB  1 ? 
ATOM   551  C CG  . LYS A 1 78  ? 15.477  9.056   10.543  1.000 41.701 0  127 LYS AAA CG  1 ? 
ATOM   552  C CD  . LYS A 1 78  ? 16.782  9.406   9.780   1.000 46.750 0  127 LYS AAA CD  1 ? 
ATOM   553  C CE  . LYS A 1 78  ? 16.745  10.804  9.180   1.000 46.438 0  127 LYS AAA CE  1 ? 
ATOM   554  N NZ  . LYS A 1 78  ? 17.875  11.088  8.272   1.000 49.464 0  127 LYS AAA NZ  1 ? 
ATOM   555  N N   . ALA A 1 79  ? 15.604  8.107   7.210   1.000 24.089 0  128 ALA AAA N   1 ? 
ATOM   556  C CA  . ALA A 1 79  ? 16.296  8.822   6.101   1.000 27.560 0  128 ALA AAA CA  1 ? 
ATOM   557  C C   . ALA A 1 79  ? 15.377  8.934   4.864   1.000 23.995 0  128 ALA AAA C   1 ? 
ATOM   558  O O   . ALA A 1 79  ? 15.402  9.981   4.186   1.000 23.978 0  128 ALA AAA O   1 ? 
ATOM   559  C CB  . ALA A 1 79  ? 17.576  8.093   5.772   1.000 27.339 0  128 ALA AAA CB  1 ? 
ATOM   560  N N   . ALA A 1 80  ? 14.559  7.911   4.586   1.000 23.701 0  129 ALA AAA N   1 ? 
ATOM   561  C CA  . ALA A 1 80  ? 13.608  7.919   3.445   1.000 22.315 0  129 ALA AAA CA  1 ? 
ATOM   562  C C   . ALA A 1 80  ? 12.545  8.989   3.684   1.000 22.302 0  129 ALA AAA C   1 ? 
ATOM   563  O O   . ALA A 1 80  ? 12.255  9.803   2.795   1.000 20.770 0  129 ALA AAA O   1 ? 
ATOM   564  C CB  . ALA A 1 80  ? 13.025  6.532   3.220   1.000 21.608 0  129 ALA AAA CB  1 ? 
HETATM 565  N N   . OCS A 1 81  ? 12.034  9.031   4.926   1.000 22.569 0  130 OCS AAA N   1 ? 
HETATM 566  C CA  . OCS A 1 81  ? 11.066  10.028  5.347   1.000 24.497 0  130 OCS AAA CA  1 ? 
HETATM 567  C CB  . OCS A 1 81  ? 10.690  9.919   6.834   1.000 27.524 0  130 OCS AAA CB  1 ? 
HETATM 568  S SG  . OCS A 1 81  ? 9.774   8.380   7.257   1.000 30.325 0  130 OCS AAA SG  1 ? 
HETATM 569  C C   . OCS A 1 81  ? 11.602  11.427  5.082   1.000 23.870 0  130 OCS AAA C   1 ? 
HETATM 570  O O   . OCS A 1 81  ? 10.876  12.259  4.544   1.000 22.444 0  130 OCS AAA O   1 ? 
HETATM 571  O OD1 . OCS A 1 81  ? 8.351   8.564   6.597   1.000 25.901 0  130 OCS AAA OD1 1 ? 
HETATM 572  O OD3 . OCS A 1 81  ? 10.412  7.300   6.507   1.000 50.093 0  130 OCS AAA OD3 1 ? 
ATOM   573  N N   . GLU A 1 82  ? 12.850  11.691  5.491   1.000 24.119 0  131 GLU AAA N   1 ? 
ATOM   574  C CA  . GLU A 1 82  ? 13.391  13.045  5.415   1.000 26.836 0  131 GLU AAA CA  1 ? 
ATOM   575  C C   . GLU A 1 82  ? 13.692  13.350  3.947   1.000 22.980 0  131 GLU AAA C   1 ? 
ATOM   576  O O   . GLU A 1 82  ? 13.362  14.423  3.517   1.000 24.373 0  131 GLU AAA O   1 ? 
ATOM   577  C CB  . GLU A 1 82  ? 14.622  13.213  6.323   1.000 33.234 0  131 GLU AAA CB  1 ? 
ATOM   578  C CG  . GLU A 1 82  ? 15.374  14.546  6.180   1.000 39.159 0  131 GLU AAA CG  1 ? 
ATOM   579  C CD  . GLU A 1 82  ? 14.773  15.820  6.797   1.000 49.558 0  131 GLU AAA CD  1 ? 
ATOM   580  O OE1 . GLU A 1 82  ? 13.565  15.820  7.102   1.000 57.876 0  131 GLU AAA OE1 1 ? 
ATOM   581  O OE2 . GLU A 1 82  ? 15.523  16.838  6.975   1.000 48.055 0  131 GLU AAA OE2 1 ? 
ATOM   582  N N   . TRP A 1 83  ? 14.249  12.385  3.214   1.000 22.038 0  132 TRP AAA N   1 ? 
ATOM   583  C CA  . TRP A 1 83  ? 14.592  12.556  1.789   1.000 21.715 0  132 TRP AAA CA  1 ? 
ATOM   584  C C   . TRP A 1 83  ? 13.345  12.994  1.006   1.000 21.828 0  132 TRP AAA C   1 ? 
ATOM   585  O O   . TRP A 1 83  ? 13.459  13.954  0.206   1.000 19.172 0  132 TRP AAA O   1 ? 
ATOM   586  C CB  . TRP A 1 83  ? 15.245  11.304  1.212   1.000 20.719 0  132 TRP AAA CB  1 ? 
ATOM   587  C CG  . TRP A 1 83  ? 16.001  11.612  -0.031  1.000 20.691 0  132 TRP AAA CG  1 ? 
ATOM   588  C CD1 . TRP A 1 83  ? 17.325  11.925  -0.124  1.000 23.347 0  132 TRP AAA CD1 1 ? 
ATOM   589  C CD2 . TRP A 1 83  ? 15.462  11.713  -1.356  1.000 22.054 0  132 TRP AAA CD2 1 ? 
ATOM   590  N NE1 . TRP A 1 83  ? 17.643  12.204  -1.424  1.000 23.990 0  132 TRP AAA NE1 1 ? 
ATOM   591  C CE2 . TRP A 1 83  ? 16.523  12.070  -2.200  1.000 21.867 0  132 TRP AAA CE2 1 ? 
ATOM   592  C CE3 . TRP A 1 83  ? 14.198  11.489  -1.915  1.000 22.436 0  132 TRP AAA CE3 1 ? 
ATOM   593  C CZ2 . TRP A 1 83  ? 16.362  12.247  -3.570  1.000 21.378 0  132 TRP AAA CZ2 1 ? 
ATOM   594  C CZ3 . TRP A 1 83  ? 14.037  11.672  -3.270  1.000 21.012 0  132 TRP AAA CZ3 1 ? 
ATOM   595  C CH2 . TRP A 1 83  ? 15.113  12.029  -4.079  1.000 19.932 0  132 TRP AAA CH2 1 ? 
ATOM   596  N N   . ALA A 1 84  ? 12.194  12.364  1.254   1.000 20.264 0  133 ALA AAA N   1 ? 
ATOM   597  C CA  . ALA A 1 84  ? 10.977  12.454  0.414   1.000 22.585 0  133 ALA AAA CA  1 ? 
ATOM   598  C C   . ALA A 1 84  ? 9.983   13.445  1.008   1.000 23.331 0  133 ALA AAA C   1 ? 
ATOM   599  O O   . ALA A 1 84  ? 9.005   13.739  0.305   1.000 26.443 0  133 ALA AAA O   1 ? 
ATOM   600  C CB  . ALA A 1 84  ? 10.328  11.092  0.242   1.000 20.726 0  133 ALA AAA CB  1 ? 
ATOM   601  N N   . GLY A 1 85  ? 10.214  13.956  2.219   1.000 23.267 0  134 GLY AAA N   1 ? 
ATOM   602  C CA  . GLY A 1 85  ? 9.288   14.905  2.864   1.000 23.968 0  134 GLY AAA CA  1 ? 
ATOM   603  C C   . GLY A 1 85  ? 8.025   14.216  3.364   1.000 24.076 0  134 GLY AAA C   1 ? 
ATOM   604  O O   . GLY A 1 85  ? 6.978   14.826  3.305   1.000 24.317 0  134 GLY AAA O   1 ? 
ATOM   605  N N   . ILE A 1 86  ? 8.135   12.973  3.846   1.000 23.316 0  135 ILE AAA N   1 ? 
ATOM   606  C CA  . ILE A 1 86  ? 7.006   12.170  4.386   1.000 23.207 0  135 ILE AAA CA  1 ? 
ATOM   607  C C   . ILE A 1 86  ? 6.998   12.266  5.926   1.000 23.548 0  135 ILE AAA C   1 ? 
ATOM   608  O O   . ILE A 1 86  ? 7.974   11.828  6.577   1.000 21.063 0  135 ILE AAA O   1 ? 
ATOM   609  C CB  . ILE A 1 86  ? 7.091   10.707  3.923   1.000 22.235 0  135 ILE AAA CB  1 ? 
ATOM   610  C CG1 . ILE A 1 86  ? 7.159   10.570  2.401   1.000 23.208 0  135 ILE AAA CG1 1 ? 
ATOM   611  C CG2 . ILE A 1 86  ? 5.951   9.912   4.500   1.000 21.718 0  135 ILE AAA CG2 1 ? 
ATOM   612  C CD1 . ILE A 1 86  ? 7.501   9.168   1.992   1.000 23.252 0  135 ILE AAA CD1 1 ? 
ATOM   613  N N   . LYS A 1 87  ? 5.921   12.819  6.469   1.000 25.883 0  136 LYS AAA N   1 ? 
ATOM   614  C CA  . LYS A 1 87  ? 5.617   12.782  7.922   1.000 29.454 0  136 LYS AAA CA  1 ? 
ATOM   615  C C   . LYS A 1 87  ? 5.181   11.361  8.320   1.000 28.281 0  136 LYS AAA C   1 ? 
ATOM   616  O O   . LYS A 1 87  ? 4.174   10.858  7.759   1.000 28.126 0  136 LYS AAA O   1 ? 
ATOM   617  C CB  . LYS A 1 87  ? 4.480   13.747  8.230   1.000 34.232 0  136 LYS AAA CB  1 ? 
ATOM   618  C CG  . LYS A 1 87  ? 4.855   15.221  8.248   1.000 44.194 0  136 LYS AAA CG  1 ? 
ATOM   619  C CD  . LYS A 1 87  ? 3.634   16.131  8.346   1.000 50.953 0  136 LYS AAA CD  1 ? 
ATOM   620  C CE  . LYS A 1 87  ? 2.575   15.636  9.318   1.000 57.019 0  136 LYS AAA CE  1 ? 
ATOM   621  N NZ  . LYS A 1 87  ? 3.130   15.393  10.673  1.000 65.976 0  136 LYS AAA NZ  1 ? 
ATOM   622  N N   . GLN A 1 88  ? 5.910   10.735  9.228   1.000 25.976 0  137 GLN AAA N   1 ? 
ATOM   623  C CA  . GLN A 1 88  ? 5.527   9.448   9.881   1.000 29.352 0  137 GLN AAA CA  1 ? 
ATOM   624  C C   . GLN A 1 88  ? 4.635   9.767   11.087  1.000 33.155 0  137 GLN AAA C   1 ? 
ATOM   625  O O   . GLN A 1 88  ? 5.120   10.448  12.004  1.000 33.697 0  137 GLN AAA O   1 ? 
ATOM   626  C CB  . GLN A 1 88  ? 6.815   8.717   10.254  1.000 34.458 0  137 GLN AAA CB  1 ? 
ATOM   627  C CG  . GLN A 1 88  ? 6.599   7.450   11.052  1.000 46.958 0  137 GLN AAA CG  1 ? 
ATOM   628  C CD  . GLN A 1 88  ? 7.620   6.392   10.723  1.000 51.932 0  137 GLN AAA CD  1 ? 
ATOM   629  O OE1 . GLN A 1 88  ? 8.826   6.558   10.913  1.000 53.949 0  137 GLN AAA OE1 1 ? 
ATOM   630  N NE2 . GLN A 1 88  ? 7.124   5.277   10.220  1.000 61.750 0  137 GLN AAA NE2 1 ? 
ATOM   631  N N   . GLU A 1 89  ? 3.358   9.385   11.064  1.000 32.998 0  138 GLU AAA N   1 ? 
ATOM   632  C CA  . GLU A 1 89  ? 2.418   9.578   12.209  1.000 32.825 0  138 GLU AAA CA  1 ? 
ATOM   633  C C   . GLU A 1 89  ? 2.032   8.200   12.764  1.000 32.153 0  138 GLU AAA C   1 ? 
ATOM   634  O O   . GLU A 1 89  ? 1.797   7.245   11.995  1.000 27.707 0  138 GLU AAA O   1 ? 
ATOM   635  C CB  . GLU A 1 89  ? 1.179   10.399  11.832  1.000 37.706 0  138 GLU AAA CB  1 ? 
ATOM   636  C CG  . GLU A 1 89  ? 1.459   11.884  11.598  1.000 47.437 0  138 GLU AAA CG  1 ? 
ATOM   637  C CD  . GLU A 1 89  ? 0.272   12.854  11.572  1.000 57.629 0  138 GLU AAA CD  1 ? 
ATOM   638  O OE1 . GLU A 1 89  ? -0.867  12.432  11.912  1.000 58.837 0  138 GLU AAA OE1 1 ? 
ATOM   639  O OE2 . GLU A 1 89  ? 0.489   14.056  11.221  1.000 56.007 0  138 GLU AAA OE2 1 ? 
ATOM   640  N N   . PHE A 1 90  ? 1.980   8.088   14.083  1.000 26.804 0  139 PHE AAA N   1 ? 
ATOM   641  C CA  . PHE A 1 90  ? 1.427   6.905   14.768  1.000 27.742 0  139 PHE AAA CA  1 ? 
ATOM   642  C C   . PHE A 1 90  ? -0.093  7.054   14.859  1.000 28.969 0  139 PHE AAA C   1 ? 
ATOM   643  O O   . PHE A 1 90  ? -0.587  8.086   15.272  1.000 32.446 0  139 PHE AAA O   1 ? 
ATOM   644  C CB  . PHE A 1 90  ? 1.990   6.756   16.186  1.000 28.821 0  139 PHE AAA CB  1 ? 
ATOM   645  C CG  . PHE A 1 90  ? 1.437   5.552   16.882  1.000 29.287 0  139 PHE AAA CG  1 ? 
ATOM   646  C CD1 . PHE A 1 90  ? 1.914   4.292   16.573  1.000 27.783 0  139 PHE AAA CD1 1 ? 
ATOM   647  C CD2 . PHE A 1 90  ? 0.422   5.673   17.820  1.000 36.063 0  139 PHE AAA CD2 1 ? 
ATOM   648  C CE1 . PHE A 1 90  ? 1.382   3.173   17.185  1.000 30.415 0  139 PHE AAA CE1 1 ? 
ATOM   649  C CE2 . PHE A 1 90  ? -0.098  4.546   18.446  1.000 36.995 0  139 PHE AAA CE2 1 ? 
ATOM   650  C CZ  . PHE A 1 90  ? 0.382   3.295   18.116  1.000 35.512 0  139 PHE AAA CZ  1 ? 
ATOM   651  N N   . GLY A 1 91  ? -0.800  5.984   14.578  1.000 28.202 0  140 GLY AAA N   1 ? 
ATOM   652  C CA  . GLY A 1 91  ? -2.207  5.876   14.931  1.000 35.861 0  140 GLY AAA CA  1 ? 
ATOM   653  C C   . GLY A 1 91  ? -3.014  5.941   13.681  1.000 36.604 0  140 GLY AAA C   1 ? 
ATOM   654  O O   . GLY A 1 91  ? -2.734  6.855   12.887  1.000 38.216 0  140 GLY AAA O   1 ? 
ATOM   655  N N   . ILE A 1 92  ? -3.905  4.960   13.518  1.000 41.883 0  141 ILE AAA N   1 ? 
ATOM   656  C CA  . ILE A 1 92  ? -4.748  4.737   12.303  1.000 40.435 0  141 ILE AAA CA  1 ? 
ATOM   657  C C   . ILE A 1 92  ? -6.200  4.550   12.757  1.000 43.194 0  141 ILE AAA C   1 ? 
ATOM   658  O O   . ILE A 1 92  ? -6.873  5.582   12.780  1.000 49.444 0  141 ILE AAA O   1 ? 
ATOM   659  C CB  . ILE A 1 92  ? -4.266  3.555   11.434  1.000 31.679 0  141 ILE AAA CB  1 ? 
ATOM   660  C CG1 . ILE A 1 92  ? -4.923  2.211   11.781  1.000 43.457 0  141 ILE AAA CG1 1 ? 
ATOM   661  C CG2 . ILE A 1 92  ? -2.836  3.450   11.426  1.000 17.073 0  141 ILE AAA CG2 1 ? 
ATOM   662  C CD1 . ILE A 1 92  ? -5.021  1.281   10.588  1.000 44.687 0  141 ILE AAA CD1 1 ? 
ATOM   663  N N   . SER A 1 104 ? -9.091  -3.845  4.317   1.000 56.599 0  154 SER AAA N   1 ? 
ATOM   664  C CA  . SER A 1 104 ? -8.416  -3.951  2.996   1.000 56.488 0  154 SER AAA CA  1 ? 
ATOM   665  C C   . SER A 1 104 ? -7.493  -5.179  2.954   1.000 57.148 0  154 SER AAA C   1 ? 
ATOM   666  O O   . SER A 1 104 ? -7.550  -5.892  1.944   1.000 54.402 0  154 SER AAA O   1 ? 
ATOM   667  C CB  . SER A 1 104 ? -7.680  -2.686  2.618   1.000 59.830 0  154 SER AAA CB  1 ? 
ATOM   668  O OG  . SER A 1 104 ? -8.362  -2.016  1.559   1.000 65.215 0  154 SER AAA OG  1 ? 
ATOM   669  N N   . ASN A 1 105 ? -6.685  -5.428  3.996   1.000 53.930 0  155 ASN AAA N   1 ? 
ATOM   670  C CA  . ASN A 1 105 ? -5.806  -6.630  4.072   1.000 56.190 0  155 ASN AAA CA  1 ? 
ATOM   671  C C   . ASN A 1 105 ? -6.648  -7.887  3.805   1.000 54.631 0  155 ASN AAA C   1 ? 
ATOM   672  O O   . ASN A 1 105 ? -6.190  -8.768  3.026   1.000 47.412 0  155 ASN AAA O   1 ? 
ATOM   673  C CB  . ASN A 1 105 ? -5.056  -6.774  5.401   1.000 53.975 0  155 ASN AAA CB  1 ? 
ATOM   674  C CG  . ASN A 1 105 ? -3.810  -5.913  5.515   1.000 57.971 0  155 ASN AAA CG  1 ? 
ATOM   675  O OD1 . ASN A 1 105 ? -3.326  -5.348  4.538   1.000 50.897 0  155 ASN AAA OD1 1 ? 
ATOM   676  N ND2 . ASN A 1 105 ? -3.270  -5.810  6.718   1.000 61.100 0  155 ASN AAA ND2 1 ? 
ATOM   677  N N   . LYS A 1 106 ? -7.837  -7.992  4.398   1.000 53.795 0  156 LYS AAA N   1 ? 
ATOM   678  C CA  . LYS A 1 106 ? -8.618  -9.256  4.299   1.000 52.184 0  156 LYS AAA CA  1 ? 
ATOM   679  C C   . LYS A 1 106 ? -9.283  -9.314  2.923   1.000 51.087 0  156 LYS AAA C   1 ? 
ATOM   680  O O   . LYS A 1 106 ? -9.257  -10.410 2.323   1.000 54.658 0  156 LYS AAA O   1 ? 
ATOM   681  C CB  . LYS A 1 106 ? -9.588  -9.452  5.472   1.000 58.841 0  156 LYS AAA CB  1 ? 
ATOM   682  C CG  . LYS A 1 106 ? -8.982  -10.071 6.736   1.000 65.045 0  156 LYS AAA CG  1 ? 
ATOM   683  C CD  . LYS A 1 106 ? -8.107  -11.319 6.531   1.000 70.344 0  156 LYS AAA CD  1 ? 
ATOM   684  C CE  . LYS A 1 106 ? -8.876  -12.619 6.400   1.000 71.035 0  156 LYS AAA CE  1 ? 
ATOM   685  N NZ  . LYS A 1 106 ? -8.226  -13.545 5.439   1.000 71.703 0  156 LYS AAA NZ  1 ? 
ATOM   686  N N   . GLU A 1 107 ? -9.814  -8.193  2.421   1.000 47.960 0  157 GLU AAA N   1 ? 
ATOM   687  C CA  . GLU A 1 107 ? -10.317 -8.091  1.020   1.000 49.099 0  157 GLU AAA CA  1 ? 
ATOM   688  C C   . GLU A 1 107 ? -9.221  -8.553  0.036   1.000 43.647 0  157 GLU AAA C   1 ? 
ATOM   689  O O   . GLU A 1 107 ? -9.527  -9.321  -0.883  1.000 43.765 0  157 GLU AAA O   1 ? 
ATOM   690  C CB  . GLU A 1 107 ? -10.761 -6.667  0.684   1.000 53.276 0  157 GLU AAA CB  1 ? 
ATOM   691  C CG  . GLU A 1 107 ? -11.353 -6.548  -0.719  1.000 61.849 0  157 GLU AAA CG  1 ? 
ATOM   692  C CD  . GLU A 1 107 ? -11.141 -5.216  -1.430  1.000 65.749 0  157 GLU AAA CD  1 ? 
ATOM   693  O OE1 . GLU A 1 107 ? -10.878 -4.217  -0.719  1.000 74.821 0  157 GLU AAA OE1 1 ? 
ATOM   694  O OE2 . GLU A 1 107 ? -11.255 -5.174  -2.694  1.000 57.416 0  157 GLU AAA OE2 1 ? 
ATOM   695  N N   . LEU A 1 108 ? -7.983  -8.097  0.222   1.000 42.133 0  158 LEU AAA N   1 ? 
ATOM   696  C CA  . LEU A 1 108 ? -6.839  -8.435  -0.662  1.000 41.752 0  158 LEU AAA CA  1 ? 
ATOM   697  C C   . LEU A 1 108 ? -6.543  -9.946  -0.608  1.000 38.461 0  158 LEU AAA C   1 ? 
ATOM   698  O O   . LEU A 1 108 ? -6.297  -10.546 -1.682  1.000 37.772 0  158 LEU AAA O   1 ? 
ATOM   699  C CB  . LEU A 1 108 ? -5.631  -7.593  -0.234  1.000 43.832 0  158 LEU AAA CB  1 ? 
ATOM   700  C CG  . LEU A 1 108 ? -4.430  -7.653  -1.173  1.000 47.734 0  158 LEU AAA CG  1 ? 
ATOM   701  C CD1 . LEU A 1 108 ? -4.734  -6.970  -2.501  1.000 47.262 0  158 LEU AAA CD1 1 ? 
ATOM   702  C CD2 . LEU A 1 108 ? -3.203  -7.038  -0.509  1.000 48.711 0  158 LEU AAA CD2 1 ? 
ATOM   703  N N   . LYS A 1 109 ? -6.546  -10.555 0.579   1.000 34.789 0  159 LYS AAA N   1 ? 
ATOM   704  C CA  . LYS A 1 109 ? -6.278  -12.012 0.725   1.000 38.129 0  159 LYS AAA CA  1 ? 
ATOM   705  C C   . LYS A 1 109 ? -7.405  -12.794 0.039   1.000 36.614 0  159 LYS AAA C   1 ? 
ATOM   706  O O   . LYS A 1 109 ? -7.081  -13.780 -0.659  1.000 39.658 0  159 LYS AAA O   1 ? 
ATOM   707  C CB  . LYS A 1 109 ? -6.052  -12.403 2.191   1.000 40.792 0  159 LYS AAA CB  1 ? 
ATOM   708  C CG  . LYS A 1 109 ? -4.691  -12.003 2.751   1.000 42.843 0  159 LYS AAA CG  1 ? 
ATOM   709  C CD  . LYS A 1 109 ? -4.694  -11.696 4.238   1.000 50.877 0  159 LYS AAA CD  1 ? 
ATOM   710  C CE  . LYS A 1 109 ? -4.478  -12.908 5.114   1.000 57.116 0  159 LYS AAA CE  1 ? 
ATOM   711  N NZ  . LYS A 1 109 ? -3.097  -12.949 5.655   1.000 54.666 0  159 LYS AAA NZ  1 ? 
ATOM   712  N N   . LYS A 1 110 ? -8.661  -12.334 0.128   1.000 38.368 0  160 LYS AAA N   1 ? 
ATOM   713  C CA  . LYS A 1 110 ? -9.796  -12.955 -0.633  1.000 41.416 0  160 LYS AAA CA  1 ? 
ATOM   714  C C   . LYS A 1 110 ? -9.508  -12.974 -2.150  1.000 38.880 0  160 LYS AAA C   1 ? 
ATOM   715  O O   . LYS A 1 110 ? -9.640  -14.035 -2.808  1.000 35.290 0  160 LYS AAA O   1 ? 
ATOM   716  C CB  . LYS A 1 110 ? -11.091 -12.158 -0.432  1.000 46.401 0  160 LYS AAA CB  1 ? 
ATOM   717  C CG  . LYS A 1 110 ? -11.925 -12.501 0.793   1.000 53.811 0  160 LYS AAA CG  1 ? 
ATOM   718  C CD  . LYS A 1 110 ? -13.366 -12.022 0.658   1.000 57.155 0  160 LYS AAA CD  1 ? 
ATOM   719  C CE  . LYS A 1 110 ? -13.499 -10.531 0.376   1.000 60.135 0  160 LYS AAA CE  1 ? 
ATOM   720  N NZ  . LYS A 1 110 ? -13.514 -9.715  1.616   1.000 56.839 0  160 LYS AAA NZ  1 ? 
ATOM   721  N N   . ILE A 1 111 ? -9.182  -11.825 -2.740  1.000 32.678 0  161 ILE AAA N   1 ? 
ATOM   722  C CA  . ILE A 1 111 ? -8.930  -11.778 -4.205  1.000 32.054 0  161 ILE AAA CA  1 ? 
ATOM   723  C C   . ILE A 1 111 ? -7.691  -12.643 -4.483  1.000 31.353 0  161 ILE AAA C   1 ? 
ATOM   724  O O   . ILE A 1 111 ? -7.673  -13.359 -5.516  1.000 30.463 0  161 ILE AAA O   1 ? 
ATOM   725  C CB  . ILE A 1 111 ? -8.773  -10.328 -4.706  1.000 34.153 0  161 ILE AAA CB  1 ? 
ATOM   726  C CG1 . ILE A 1 111 ? -9.972  -9.440  -4.371  1.000 36.604 0  161 ILE AAA CG1 1 ? 
ATOM   727  C CG2 . ILE A 1 111 ? -8.489  -10.297 -6.202  1.000 34.944 0  161 ILE AAA CG2 1 ? 
ATOM   728  C CD1 . ILE A 1 111 ? -9.689  -7.954  -4.598  1.000 37.369 0  161 ILE AAA CD1 1 ? 
ATOM   729  N N   . ILE A 1 112 ? -6.671  -12.606 -3.616  1.000 30.335 0  162 ILE AAA N   1 ? 
ATOM   730  C CA  . ILE A 1 112 ? -5.421  -13.386 -3.875  1.000 33.359 0  162 ILE AAA CA  1 ? 
ATOM   731  C C   . ILE A 1 112 ? -5.836  -14.852 -3.950  1.000 36.247 0  162 ILE AAA C   1 ? 
ATOM   732  O O   . ILE A 1 112 ? -5.324  -15.560 -4.820  1.000 33.684 0  162 ILE AAA O   1 ? 
ATOM   733  C CB  . ILE A 1 112 ? -4.309  -13.141 -2.828  1.000 34.244 0  162 ILE AAA CB  1 ? 
ATOM   734  C CG1 . ILE A 1 112 ? -3.739  -11.717 -2.915  1.000 36.479 0  162 ILE AAA CG1 1 ? 
ATOM   735  C CG2 . ILE A 1 112 ? -3.207  -14.169 -2.986  1.000 33.743 0  162 ILE AAA CG2 1 ? 
ATOM   736  C CD1 . ILE A 1 112 ? -3.128  -11.193 -1.623  1.000 38.081 0  162 ILE AAA CD1 1 ? 
ATOM   737  N N   . GLY A 1 113 ? -6.736  -15.275 -3.055  1.000 41.715 0  163 GLY AAA N   1 ? 
ATOM   738  C CA  . GLY A 1 113 ? -7.281  -16.645 -3.043  1.000 42.656 0  163 GLY AAA CA  1 ? 
ATOM   739  C C   . GLY A 1 113 ? -7.994  -16.970 -4.348  1.000 40.757 0  163 GLY AAA C   1 ? 
ATOM   740  O O   . GLY A 1 113 ? -7.784  -18.054 -4.846  1.000 40.769 0  163 GLY AAA O   1 ? 
ATOM   741  N N   . GLN A 1 114 ? -8.775  -16.039 -4.904  1.000 44.213 0  164 GLN AAA N   1 ? 
ATOM   742  C CA  . GLN A 1 114 ? -9.449  -16.213 -6.223  1.000 46.247 0  164 GLN AAA CA  1 ? 
ATOM   743  C C   . GLN A 1 114 ? -8.406  -16.436 -7.326  1.000 45.123 0  164 GLN AAA C   1 ? 
ATOM   744  O O   . GLN A 1 114 ? -8.687  -17.241 -8.213  1.000 48.772 0  164 GLN AAA O   1 ? 
ATOM   745  C CB  . GLN A 1 114 ? -10.338 -15.026 -6.603  1.000 48.616 0  164 GLN AAA CB  1 ? 
ATOM   746  C CG  . GLN A 1 114 ? -11.524 -14.816 -5.668  1.000 54.183 0  164 GLN AAA CG  1 ? 
ATOM   747  C CD  . GLN A 1 114 ? -12.402 -13.657 -6.083  1.000 56.294 0  164 GLN AAA CD  1 ? 
ATOM   748  O OE1 . GLN A 1 114 ? -12.138 -12.494 -5.777  1.000 45.869 0  164 GLN AAA OE1 1 ? 
ATOM   749  N NE2 . GLN A 1 114 ? -13.482 -13.973 -6.779  1.000 56.887 0  164 GLN AAA NE2 1 ? 
ATOM   750  N N   . VAL A 1 115 ? -7.258  -15.745 -7.309  1.000 40.788 0  165 VAL AAA N   1 ? 
ATOM   751  C CA  . VAL A 1 115 ? -6.318  -15.744 -8.478  1.000 37.505 0  165 VAL AAA CA  1 ? 
ATOM   752  C C   . VAL A 1 115 ? -5.156  -16.701 -8.246  1.000 38.317 0  165 VAL AAA C   1 ? 
ATOM   753  O O   . VAL A 1 115 ? -4.420  -16.894 -9.204  1.000 35.817 0  165 VAL AAA O   1 ? 
ATOM   754  C CB  . VAL A 1 115 ? -5.717  -14.357 -8.802  1.000 38.452 0  165 VAL AAA CB  1 ? 
ATOM   755  C CG1 . VAL A 1 115 ? -6.657  -13.507 -9.610  1.000 41.351 0  165 VAL AAA CG1 1 ? 
ATOM   756  C CG2 . VAL A 1 115 ? -5.250  -13.617 -7.560  1.000 36.293 0  165 VAL AAA CG2 1 ? 
ATOM   757  N N   . ARG A 1 116 ? -4.959  -17.235 -7.034  1.000 37.707 0  166 ARG AAA N   1 ? 
ATOM   758  C CA  . ARG A 1 116 ? -3.665  -17.861 -6.665  1.000 39.206 0  166 ARG AAA CA  1 ? 
ATOM   759  C C   . ARG A 1 116 ? -3.247  -18.869 -7.737  1.000 41.930 0  166 ARG AAA C   1 ? 
ATOM   760  O O   . ARG A 1 116 ? -2.032  -19.013 -7.957  1.000 38.320 0  166 ARG AAA O   1 ? 
ATOM   761  C CB  . ARG A 1 116 ? -3.715  -18.523 -5.281  1.000 39.987 0  166 ARG AAA CB  1 ? 
ATOM   762  C CG  . ARG A 1 116 ? -2.367  -19.066 -4.826  1.000 39.361 0  166 ARG AAA CG  1 ? 
ATOM   763  C CD  . ARG A 1 116 ? -1.377  -17.951 -4.647  1.000 38.664 0  166 ARG AAA CD  1 ? 
ATOM   764  N NE  . ARG A 1 116 ? -0.015  -18.378 -4.379  1.000 37.828 0  166 ARG AAA NE  1 ? 
ATOM   765  C CZ  . ARG A 1 116 ? 0.866   -18.716 -5.311  1.000 38.126 0  166 ARG AAA CZ  1 ? 
ATOM   766  N NH1 . ARG A 1 116 ? 0.541   -18.715 -6.594  1.000 41.507 0  166 ARG AAA NH1 1 ? 
ATOM   767  N NH2 . ARG A 1 116 ? 2.080   -19.054 -4.948  1.000 38.452 0  166 ARG AAA NH2 1 ? 
ATOM   768  N N   . ASP A 1 117 ? -4.212  -19.532 -8.385  1.000 48.939 0  167 ASP AAA N   1 ? 
ATOM   769  C CA  . ASP A 1 117 ? -3.955  -20.678 -9.299  1.000 53.109 0  167 ASP AAA CA  1 ? 
ATOM   770  C C   . ASP A 1 117 ? -3.799  -20.227 -10.763 1.000 49.949 0  167 ASP AAA C   1 ? 
ATOM   771  O O   . ASP A 1 117 ? -3.709  -21.122 -11.611 1.000 50.127 0  167 ASP AAA O   1 ? 
ATOM   772  C CB  . ASP A 1 117 ? -5.062  -21.730 -9.169  1.000 64.110 0  167 ASP AAA CB  1 ? 
ATOM   773  C CG  . ASP A 1 117 ? -6.461  -21.187 -9.407  1.000 70.676 0  167 ASP AAA CG  1 ? 
ATOM   774  O OD1 . ASP A 1 117 ? -6.576  -20.018 -9.865  1.000 72.536 0  167 ASP AAA OD1 1 ? 
ATOM   775  O OD2 . ASP A 1 117 ? -7.429  -21.929 -9.112  1.000 81.018 0  167 ASP AAA OD2 1 ? 
ATOM   776  N N   . GLN A 1 118 ? -3.778  -18.919 -11.061 1.000 43.685 0  168 GLN AAA N   1 ? 
ATOM   777  C CA  . GLN A 1 118 ? -3.485  -18.362 -12.415 1.000 43.430 0  168 GLN AAA CA  1 ? 
ATOM   778  C C   . GLN A 1 118 ? -2.037  -17.878 -12.472 1.000 43.920 0  168 GLN AAA C   1 ? 
ATOM   779  O O   . GLN A 1 118 ? -1.626  -17.370 -13.519 1.000 49.335 0  168 GLN AAA O   1 ? 
ATOM   780  C CB  . GLN A 1 118 ? -4.342  -17.142 -12.754 1.000 42.905 0  168 GLN AAA CB  1 ? 
ATOM   781  C CG  . GLN A 1 118 ? -5.837  -17.384 -12.688 1.000 42.521 0  168 GLN AAA CG  1 ? 
ATOM   782  C CD  . GLN A 1 118 ? -6.615  -16.315 -13.417 1.000 45.755 0  168 GLN AAA CD  1 ? 
ATOM   783  O OE1 . GLN A 1 118 ? -6.105  -15.636 -14.303 1.000 48.008 0  168 GLN AAA OE1 1 ? 
ATOM   784  N NE2 . GLN A 1 118 ? -7.889  -16.196 -13.091 1.000 50.768 0  168 GLN AAA NE2 1 ? 
ATOM   785  N N   . ALA A 1 119 ? -1.329  -17.960 -11.352 1.000 38.751 0  169 ALA AAA N   1 ? 
ATOM   786  C CA  . ALA A 1 119 ? 0.003   -17.360 -11.152 1.000 42.306 0  169 ALA AAA CA  1 ? 
ATOM   787  C C   . ALA A 1 119 ? 0.888   -18.417 -10.526 1.000 40.603 0  169 ALA AAA C   1 ? 
ATOM   788  O O   . ALA A 1 119 ? 0.444   -19.014 -9.543  1.000 40.099 0  169 ALA AAA O   1 ? 
ATOM   789  C CB  . ALA A 1 119 ? -0.092  -16.164 -10.240 1.000 43.161 0  169 ALA AAA CB  1 ? 
ATOM   790  N N   . GLU A 1 120 ? 2.087   -18.599 -11.063 1.000 39.756 0  170 GLU AAA N   1 ? 
ATOM   791  C CA  . GLU A 1 120 ? 3.085   -19.563 -10.535 1.000 42.005 0  170 GLU AAA CA  1 ? 
ATOM   792  C C   . GLU A 1 120 ? 3.630   -18.957 -9.233  1.000 38.153 0  170 GLU AAA C   1 ? 
ATOM   793  O O   . GLU A 1 120 ? 3.677   -19.682 -8.257  1.000 49.042 0  170 GLU AAA O   1 ? 
ATOM   794  C CB  . GLU A 1 120 ? 4.030   -19.942 -11.693 1.000 43.988 0  170 GLU AAA CB  1 ? 
ATOM   795  C CG  . GLU A 1 120 ? 5.523   -19.982 -11.398 1.000 53.215 0  170 GLU AAA CG  1 ? 
ATOM   796  C CD  . GLU A 1 120 ? 6.436   -19.996 -12.637 1.000 65.634 0  170 GLU AAA CD  1 ? 
ATOM   797  O OE1 . GLU A 1 120 ? 6.095   -19.344 -13.683 1.000 61.882 0  170 GLU AAA OE1 1 ? 
ATOM   798  O OE2 . GLU A 1 120 ? 7.502   -20.659 -12.577 1.000 65.115 0  170 GLU AAA OE2 1 ? 
ATOM   799  N N   . HIS A 1 121 ? 3.922   -17.651 -9.178  1.000 34.783 0  171 HIS AAA N   1 ? 
ATOM   800  C CA  . HIS A 1 121 ? 4.527   -16.966 -7.998  1.000 34.937 0  171 HIS AAA CA  1 ? 
ATOM   801  C C   . HIS A 1 121 ? 3.458   -16.202 -7.188  1.000 31.831 0  171 HIS AAA C   1 ? 
ATOM   802  O O   . HIS A 1 121 ? 2.564   -15.584 -7.796  1.000 30.618 0  171 HIS AAA O   1 ? 
ATOM   803  C CB  . HIS A 1 121 ? 5.666   -16.048 -8.459  1.000 36.561 0  171 HIS AAA CB  1 ? 
ATOM   804  C CG  . HIS A 1 121 ? 6.717   -16.754 -9.248  1.000 41.897 0  171 HIS AAA CG  1 ? 
ATOM   805  N ND1 . HIS A 1 121 ? 7.859   -17.283 -8.655  1.000 44.962 0  171 HIS AAA ND1 1 ? 
ATOM   806  C CD2 . HIS A 1 121 ? 6.814   -17.024 -10.573 1.000 41.635 0  171 HIS AAA CD2 1 ? 
ATOM   807  C CE1 . HIS A 1 121 ? 8.611   -17.856 -9.587  1.000 41.588 0  171 HIS AAA CE1 1 ? 
ATOM   808  N NE2 . HIS A 1 121 ? 7.989   -17.710 -10.776 1.000 41.676 0  171 HIS AAA NE2 1 ? 
ATOM   809  N N   . LEU A 1 122 ? 3.575   -16.205 -5.859  1.000 30.061 0  172 LEU AAA N   1 ? 
ATOM   810  C CA  . LEU A 1 122 ? 2.677   -15.440 -4.950  1.000 30.092 0  172 LEU AAA CA  1 ? 
ATOM   811  C C   . LEU A 1 122 ? 2.722   -13.961 -5.349  1.000 26.429 0  172 LEU AAA C   1 ? 
ATOM   812  O O   . LEU A 1 122 ? 1.677   -13.353 -5.346  1.000 25.582 0  172 LEU AAA O   1 ? 
ATOM   813  C CB  . LEU A 1 122 ? 3.092   -15.594 -3.484  1.000 30.276 0  172 LEU AAA CB  1 ? 
ATOM   814  C CG  . LEU A 1 122 ? 2.309   -14.695 -2.522  1.000 33.853 0  172 LEU AAA CG  1 ? 
ATOM   815  C CD1 . LEU A 1 122 ? 0.858   -15.166 -2.419  1.000 32.506 0  172 LEU AAA CD1 1 ? 
ATOM   816  C CD2 . LEU A 1 122 ? 2.960   -14.604 -1.146  1.000 31.194 0  172 LEU AAA CD2 1 ? 
ATOM   817  N N   . LYS A 1 123 ? 3.893   -13.417 -5.670  1.000 24.391 0  173 LYS AAA N   1 ? 
ATOM   818  C CA  . LYS A 1 123 ? 4.032   -11.962 -5.914  1.000 28.875 0  173 LYS AAA CA  1 ? 
ATOM   819  C C   . LYS A 1 123 ? 3.163   -11.585 -7.122  1.000 26.405 0  173 LYS AAA C   1 ? 
ATOM   820  O O   . LYS A 1 123 ? 2.568   -10.534 -7.075  1.000 26.120 0  173 LYS AAA O   1 ? 
ATOM   821  C CB  . LYS A 1 123 ? 5.503   -11.574 -6.062  1.000 33.910 0  173 LYS AAA CB  1 ? 
ATOM   822  C CG  . LYS A 1 123 ? 6.186   -12.021 -7.335  1.000 37.316 0  173 LYS AAA CG  1 ? 
ATOM   823  C CD  . LYS A 1 123 ? 7.693   -11.805 -7.247  1.000 45.430 0  173 LYS AAA CD  1 ? 
ATOM   824  C CE  . LYS A 1 123 ? 8.100   -10.390 -7.573  1.000 45.195 0  173 LYS AAA CE  1 ? 
ATOM   825  N NZ  . LYS A 1 123 ? 9.489   -10.094 -7.153  1.000 52.653 0  173 LYS AAA NZ  1 ? 
ATOM   826  N N   . THR A 1 124 ? 3.037   -12.465 -8.113  1.000 25.540 0  174 THR AAA N   1 ? 
ATOM   827  C CA  . THR A 1 124 ? 2.150   -12.293 -9.290  1.000 24.578 0  174 THR AAA CA  1 ? 
ATOM   828  C C   . THR A 1 124 ? 0.683   -12.232 -8.850  1.000 24.144 0  174 THR AAA C   1 ? 
ATOM   829  O O   . THR A 1 124 ? -0.025  -11.321 -9.305  1.000 20.520 0  174 THR AAA O   1 ? 
ATOM   830  C CB  . THR A 1 124 ? 2.386   -13.380 -10.341 1.000 22.995 0  174 THR AAA CB  1 ? 
ATOM   831  O OG1 . THR A 1 124 ? 3.784   -13.414 -10.630 1.000 24.461 0  174 THR AAA OG1 1 ? 
ATOM   832  C CG2 . THR A 1 124 ? 1.585   -13.120 -11.599 1.000 26.016 0  174 THR AAA CG2 1 ? 
ATOM   833  N N   . ALA A 1 125 ? 0.233   -13.203 -8.063  1.000 23.643 0  175 ALA AAA N   1 ? 
ATOM   834  C CA  . ALA A 1 125 ? -1.130  -13.243 -7.502  1.000 20.524 0  175 ALA AAA CA  1 ? 
ATOM   835  C C   . ALA A 1 125 ? -1.398  -11.958 -6.686  1.000 19.547 0  175 ALA AAA C   1 ? 
ATOM   836  O O   . ALA A 1 125 ? -2.514  -11.403 -6.776  1.000 18.771 0  175 ALA AAA O   1 ? 
ATOM   837  C CB  . ALA A 1 125 ? -1.306  -14.473 -6.666  1.000 20.312 0  175 ALA AAA CB  1 ? 
ATOM   838  N N   . VAL A 1 126 ? -0.432  -11.475 -5.910  1.000 19.472 0  176 VAL AAA N   1 ? 
ATOM   839  C CA  . VAL A 1 126 ? -0.607  -10.224 -5.120  1.000 18.159 0  176 VAL AAA CA  1 ? 
ATOM   840  C C   . VAL A 1 126 ? -0.844  -9.081  -6.105  1.000 19.198 0  176 VAL AAA C   1 ? 
ATOM   841  O O   . VAL A 1 126 ? -1.739  -8.293  -5.874  1.000 19.082 0  176 VAL AAA O   1 ? 
ATOM   842  C CB  . VAL A 1 126 ? 0.582   -9.960  -4.177  1.000 20.639 0  176 VAL AAA CB  1 ? 
ATOM   843  C CG1 . VAL A 1 126 ? 0.518   -8.573  -3.581  1.000 21.700 0  176 VAL AAA CG1 1 ? 
ATOM   844  C CG2 . VAL A 1 126 ? 0.641   -11.013 -3.092  1.000 20.889 0  176 VAL AAA CG2 1 ? 
ATOM   845  N N   . GLN A 1 127 ? -0.066  -8.969  -7.173  1.000 19.353 0  177 GLN AAA N   1 ? 
ATOM   846  C CA  . GLN A 1 127 ? -0.251  -7.841  -8.117  1.000 19.821 0  177 GLN AAA CA  1 ? 
ATOM   847  C C   . GLN A 1 127 ? -1.552  -8.005  -8.929  1.000 19.994 0  177 GLN AAA C   1 ? 
ATOM   848  O O   . GLN A 1 127 ? -2.128  -6.975  -9.304  1.000 16.135 0  177 GLN AAA O   1 ? 
ATOM   849  C CB  . GLN A 1 127 ? 0.962   -7.694  -9.014  1.000 20.523 0  177 GLN AAA CB  1 ? 
ATOM   850  C CG  . GLN A 1 127 ? 2.232   -7.408  -8.230  1.000 21.796 0  177 GLN AAA CG  1 ? 
ATOM   851  C CD  . GLN A 1 127 ? 2.125   -6.307  -7.209  1.000 22.280 0  177 GLN AAA CD  1 ? 
ATOM   852  O OE1 . GLN A 1 127 ? 1.425   -5.316  -7.366  1.000 21.901 0  177 GLN AAA OE1 1 ? 
ATOM   853  N NE2 . GLN A 1 127 ? 2.890   -6.455  -6.158  1.000 24.292 0  177 GLN AAA NE2 1 ? 
ATOM   854  N N   . MET A 1 128 ? -1.987  -9.229  -9.221  1.000 18.872 0  178 MET AAA N   1 ? 
ATOM   855  C CA  . MET A 1 128 ? -3.308  -9.459  -9.853  1.000 18.976 0  178 MET AAA CA  1 ? 
ATOM   856  C C   . MET A 1 128 ? -4.412  -9.001  -8.902  1.000 18.026 0  178 MET AAA C   1 ? 
ATOM   857  O O   . MET A 1 128 ? -5.383  -8.323  -9.372  1.000 19.044 0  178 MET AAA O   1 ? 
ATOM   858  C CB  . MET A 1 128 ? -3.512  -10.916 -10.222 1.000 19.688 0  178 MET AAA CB  1 ? 
ATOM   859  C CG  . MET A 1 128 ? -2.685  -11.348 -11.400 1.000 21.351 0  178 MET AAA CG  1 ? 
ATOM   860  S SD  . MET A 1 128 ? -2.878  -13.113 -11.613 1.000 23.674 0  178 MET AAA SD  1 ? 
ATOM   861  C CE  . MET A 1 128 ? -1.858  -13.384 -13.062 1.000 23.217 0  178 MET AAA CE  1 ? 
ATOM   862  N N   . ALA A 1 129 ? -4.234  -9.242  -7.612  1.000 18.368 0  179 ALA AAA N   1 ? 
ATOM   863  C CA  . ALA A 1 129 ? -5.207  -8.837  -6.575  1.000 18.777 0  179 ALA AAA CA  1 ? 
ATOM   864  C C   . ALA A 1 129 ? -5.264  -7.317  -6.471  1.000 17.905 0  179 ALA AAA C   1 ? 
ATOM   865  O O   . ALA A 1 129 ? -6.371  -6.804  -6.386  1.000 21.251 0  179 ALA AAA O   1 ? 
ATOM   866  C CB  . ALA A 1 129 ? -4.894  -9.470  -5.252  1.000 18.764 0  179 ALA AAA CB  1 ? 
ATOM   867  N N   . VAL A 1 130 ? -4.123  -6.641  -6.483  1.000 17.530 0  180 VAL AAA N   1 ? 
ATOM   868  C CA  . VAL A 1 130 ? -3.980  -5.166  -6.433  1.000 18.579 0  180 VAL AAA CA  1 ? 
ATOM   869  C C   . VAL A 1 130 ? -4.695  -4.573  -7.653  1.000 18.092 0  180 VAL AAA C   1 ? 
ATOM   870  O O   . VAL A 1 130 ? -5.457  -3.626  -7.469  1.000 15.490 0  180 VAL AAA O   1 ? 
ATOM   871  C CB  . VAL A 1 130 ? -2.513  -4.719  -6.401  1.000 18.120 0  180 VAL AAA CB  1 ? 
ATOM   872  C CG1 . VAL A 1 130 ? -2.355  -3.252  -6.780  1.000 17.577 0  180 VAL AAA CG1 1 ? 
ATOM   873  C CG2 . VAL A 1 130 ? -1.853  -5.027  -5.074  1.000 19.770 0  180 VAL AAA CG2 1 ? 
ATOM   874  N N   . PHE A 1 131 ? -4.432  -5.117  -8.836  1.000 17.469 0  181 PHE AAA N   1 ? 
ATOM   875  C CA  . PHE A 1 131 ? -5.090  -4.732  -10.113 1.000 17.092 0  181 PHE AAA CA  1 ? 
ATOM   876  C C   . PHE A 1 131 ? -6.614  -4.789  -9.935  1.000 16.864 0  181 PHE AAA C   1 ? 
ATOM   877  O O   . PHE A 1 131 ? -7.282  -3.779  -10.216 1.000 17.592 0  181 PHE AAA O   1 ? 
ATOM   878  C CB  . PHE A 1 131 ? -4.593  -5.649  -11.217 1.000 17.681 0  181 PHE AAA CB  1 ? 
ATOM   879  C CG  . PHE A 1 131 ? -5.083  -5.339  -12.601 1.000 19.649 0  181 PHE AAA CG  1 ? 
ATOM   880  C CD1 . PHE A 1 131 ? -6.402  -5.533  -12.944 1.000 19.694 0  181 PHE AAA CD1 1 ? 
ATOM   881  C CD2 . PHE A 1 131 ? -4.190  -4.953  -13.583 1.000 22.655 0  181 PHE AAA CD2 1 ? 
ATOM   882  C CE1 . PHE A 1 131 ? -6.834  -5.313  -14.242 1.000 23.477 0  181 PHE AAA CE1 1 ? 
ATOM   883  C CE2 . PHE A 1 131 ? -4.619  -4.730  -14.875 1.000 23.127 0  181 PHE AAA CE2 1 ? 
ATOM   884  C CZ  . PHE A 1 131 ? -5.953  -4.868  -15.189 1.000 23.826 0  181 PHE AAA CZ  1 ? 
ATOM   885  N N   . ILE A 1 132 ? -7.144  -5.923  -9.497  1.000 18.123 0  182 ILE AAA N   1 ? 
ATOM   886  C CA  . ILE A 1 132 ? -8.625  -6.090  -9.400  1.000 20.086 0  182 ILE AAA CA  1 ? 
ATOM   887  C C   . ILE A 1 132 ? -9.150  -5.102  -8.358  1.000 20.063 0  182 ILE AAA C   1 ? 
ATOM   888  O O   . ILE A 1 132 ? -10.191 -4.465  -8.591  1.000 18.770 0  182 ILE AAA O   1 ? 
ATOM   889  C CB  . ILE A 1 132 ? -9.016  -7.559  -9.104  1.000 20.796 0  182 ILE AAA CB  1 ? 
ATOM   890  C CG1 . ILE A 1 132 ? -8.700  -8.484  -10.280 1.000 21.536 0  182 ILE AAA CG1 1 ? 
ATOM   891  C CG2 . ILE A 1 132 ? -10.496 -7.667  -8.765  1.000 23.203 0  182 ILE AAA CG2 1 ? 
ATOM   892  C CD1 . ILE A 1 132 ? -9.237  -7.979  -11.594 1.000 23.443 0  182 ILE AAA CD1 1 ? 
ATOM   893  N N   . HIS A 1 133 ? -8.505  -5.037  -7.202  1.000 20.554 0  183 HIS AAA N   1 ? 
ATOM   894  C CA  . HIS A 1 133 ? -8.911  -4.113  -6.121  1.000 20.583 0  183 HIS AAA CA  1 ? 
ATOM   895  C C   . HIS A 1 133 ? -8.994  -2.687  -6.657  1.000 16.658 0  183 HIS AAA C   1 ? 
ATOM   896  O O   . HIS A 1 133 ? -9.987  -2.024  -6.362  1.000 17.497 0  183 HIS AAA O   1 ? 
ATOM   897  C CB  . HIS A 1 133 ? -8.005  -4.157  -4.883  1.000 22.778 0  183 HIS AAA CB  1 ? 
ATOM   898  C CG  . HIS A 1 133 ? -8.390  -3.095  -3.905  1.000 25.317 0  183 HIS AAA CG  1 ? 
ATOM   899  N ND1 . HIS A 1 133 ? -9.457  -3.262  -3.045  1.000 28.212 0  183 HIS AAA ND1 1 ? 
ATOM   900  C CD2 . HIS A 1 133 ? -7.974  -1.813  -3.755  1.000 27.086 0  183 HIS AAA CD2 1 ? 
ATOM   901  C CE1 . HIS A 1 133 ? -9.618  -2.171  -2.330  1.000 29.908 0  183 HIS AAA CE1 1 ? 
ATOM   902  N NE2 . HIS A 1 133 ? -8.719  -1.261  -2.747  1.000 30.943 0  183 HIS AAA NE2 1 ? 
ATOM   903  N N   . ASN A 1 134 ? -7.986  -2.192  -7.345  1.000 16.118 0  184 ASN AAA N   1 ? 
ATOM   904  C CA  . ASN A 1 134 ? -7.921  -0.784  -7.802  1.000 16.967 0  184 ASN AAA CA  1 ? 
ATOM   905  C C   . ASN A 1 134 ? -8.857  -0.482  -8.984  1.000 17.180 0  184 ASN AAA C   1 ? 
ATOM   906  O O   . ASN A 1 134 ? -9.228  0.691   -9.127  1.000 16.653 0  184 ASN AAA O   1 ? 
ATOM   907  C CB  . ASN A 1 134 ? -6.520  -0.342  -8.168  1.000 16.557 0  184 ASN AAA CB  1 ? 
ATOM   908  C CG  . ASN A 1 134 ? -5.615  -0.243  -6.953  1.000 16.730 0  184 ASN AAA CG  1 ? 
ATOM   909  O OD1 . ASN A 1 134 ? -6.075  -0.001  -5.834  1.000 17.202 0  184 ASN AAA OD1 1 ? 
ATOM   910  N ND2 . ASN A 1 134 ? -4.329  -0.371  -7.185  1.000 15.548 0  184 ASN AAA ND2 1 ? 
ATOM   911  N N   . LYS A 1 135 ? -9.209  -1.471  -9.806  1.000 19.282 0  185 LYS AAA N   1 ? 
ATOM   912  C CA  . LYS A 1 135 ? -9.994  -1.226  -11.050 1.000 20.807 0  185 LYS AAA CA  1 ? 
ATOM   913  C C   . LYS A 1 135 ? -11.499 -1.489  -10.858 1.000 21.697 0  185 LYS AAA C   1 ? 
ATOM   914  O O   . LYS A 1 135 ? -12.263 -0.967  -11.648 1.000 21.885 0  185 LYS AAA O   1 ? 
ATOM   915  C CB  . LYS A 1 135 ? -9.558  -2.211  -12.129 1.000 24.456 0  185 LYS AAA CB  1 ? 
ATOM   916  C CG  . LYS A 1 135 ? -8.108  -2.100  -12.542 1.000 27.326 0  185 LYS AAA CG  1 ? 
ATOM   917  C CD  . LYS A 1 135 ? -7.706  -0.799  -13.045 1.000 30.373 0  185 LYS AAA CD  1 ? 
ATOM   918  C CE  . LYS A 1 135 ? -6.360  -0.906  -13.757 1.000 34.214 0  185 LYS AAA CE  1 ? 
ATOM   919  N NZ  . LYS A 1 135 ? -5.795  0.439   -14.017 1.000 36.749 0  185 LYS AAA NZ  1 ? 
ATOM   920  N N   . LYS A 1 136 ? -11.873 -2.406  -9.986  1.000 22.703 0  186 LYS AAA N   1 ? 
ATOM   921  C CA  . LYS A 1 136 ? -13.285 -2.819  -9.752  1.000 29.305 0  186 LYS AAA CA  1 ? 
ATOM   922  C C   . LYS A 1 136 ? -14.105 -1.615  -9.258  1.000 33.741 0  186 LYS AAA C   1 ? 
ATOM   923  O O   . LYS A 1 136 ? -13.552 -0.698  -8.599  1.000 32.100 0  186 LYS AAA O   1 ? 
ATOM   924  C CB  . LYS A 1 136 ? -13.362 -3.962  -8.731  1.000 29.913 0  186 LYS AAA CB  1 ? 
ATOM   925  C CG  . LYS A 1 136 ? -12.945 -3.576  -7.313  1.000 36.502 0  186 LYS AAA CG  1 ? 
ATOM   926  C CD  . LYS A 1 136 ? -13.318 -4.574  -6.220  1.000 46.422 0  186 LYS AAA CD  1 ? 
ATOM   927  C CE  . LYS A 1 136 ? -14.385 -4.058  -5.254  1.000 54.639 0  186 LYS AAA CE  1 ? 
ATOM   928  N NZ  . LYS A 1 136 ? -13.944 -2.870  -4.459  1.000 56.925 0  186 LYS AAA NZ  1 ? 
ATOM   929  N N   . ARG A 1 137 ? -15.404 -1.620  -9.546  1.000 33.018 0  187 ARG AAA N   1 ? 
ATOM   930  C CA  . ARG A 1 137 ? -16.366 -0.733  -8.863  1.000 32.382 0  187 ARG AAA CA  1 ? 
ATOM   931  C C   . ARG A 1 137 ? -16.954 -1.485  -7.685  1.000 34.482 0  187 ARG AAA C   1 ? 
ATOM   932  O O   . ARG A 1 137 ? -16.996 -2.736  -7.731  1.000 30.699 0  187 ARG AAA O   1 ? 
ATOM   933  C CB  . ARG A 1 137 ? -17.408 -0.272  -9.871  1.000 38.509 0  187 ARG AAA CB  1 ? 
ATOM   934  C CG  . ARG A 1 137 ? -16.863 0.853   -10.722 1.000 37.679 0  187 ARG AAA CG  1 ? 
ATOM   935  C CD  . ARG A 1 137 ? -17.145 0.709   -12.190 1.000 43.631 0  187 ARG AAA CD  1 ? 
ATOM   936  N NE  . ARG A 1 137 ? -16.668 1.976   -12.739 1.000 51.230 0  187 ARG AAA NE  1 ? 
ATOM   937  C CZ  . ARG A 1 137 ? -17.419 3.034   -13.042 1.000 54.453 0  187 ARG AAA CZ  1 ? 
ATOM   938  N NH1 . ARG A 1 137 ? -16.839 4.125   -13.529 1.000 56.733 0  187 ARG AAA NH1 1 ? 
ATOM   939  N NH2 . ARG A 1 137 ? -18.738 2.988   -12.906 1.000 58.321 0  187 ARG AAA NH2 1 ? 
ATOM   940  N N   . LYS A 1 138 ? -17.303 -0.726  -6.653  1.000 40.285 0  188 LYS AAA N   1 ? 
ATOM   941  C CA  . LYS A 1 138 ? -18.070 -1.155  -5.463  1.000 45.087 0  188 LYS AAA CA  1 ? 
ATOM   942  C C   . LYS A 1 138 ? -19.387 -1.788  -5.902  1.000 46.136 0  188 LYS AAA C   1 ? 
ATOM   943  O O   . LYS A 1 138 ? -20.129 -1.124  -6.664  1.000 45.771 0  188 LYS AAA O   1 ? 
ATOM   944  C CB  . LYS A 1 138 ? -18.373 0.069   -4.598  1.000 51.021 0  188 LYS AAA CB  1 ? 
ATOM   945  C CG  . LYS A 1 138 ? -17.231 0.500   -3.696  1.000 54.110 0  188 LYS AAA CG  1 ? 
ATOM   946  C CD  . LYS A 1 138 ? -17.266 -0.247  -2.374  1.000 57.561 0  188 LYS AAA CD  1 ? 
ATOM   947  C CE  . LYS A 1 138 ? -16.638 0.522   -1.233  1.000 55.391 0  188 LYS AAA CE  1 ? 
ATOM   948  N NZ  . LYS A 1 138 ? -15.208 0.155   -1.078  1.000 53.526 0  188 LYS AAA NZ  1 ? 
ATOM   949  N N   . GLY A 1 139 ? -19.677 -3.004  -5.428  1.000 44.495 0  189 GLY AAA N   1 ? 
ATOM   950  C CA  . GLY A 1 139 ? -20.871 -3.762  -5.851  1.000 47.782 0  189 GLY AAA CA  1 ? 
ATOM   951  C C   . GLY A 1 139 ? -20.870 -4.063  -7.347  1.000 44.772 0  189 GLY AAA C   1 ? 
ATOM   952  O O   . GLY A 1 139 ? -21.933 -4.440  -7.861  1.000 55.013 0  189 GLY AAA O   1 ? 
ATOM   953  N N   . GLY A 1 140 ? -19.727 -3.888  -8.022  1.000 50.174 0  190 GLY AAA N   1 ? 
ATOM   954  C CA  . GLY A 1 140 ? -19.492 -4.279  -9.430  1.000 49.862 0  190 GLY AAA CA  1 ? 
ATOM   955  C C   . GLY A 1 140 ? -20.151 -3.351  -10.438 1.000 43.914 0  190 GLY AAA C   1 ? 
ATOM   956  O O   . GLY A 1 140 ? -20.065 -3.653  -11.662 1.000 41.156 0  190 GLY AAA O   1 ? 
ATOM   957  N N   . ILE A 1 141 ? -20.756 -2.245  -9.993  1.000 38.755 0  191 ILE AAA N   1 ? 
ATOM   958  C CA  . ILE A 1 141 ? -21.489 -1.329  -10.919 1.000 38.721 0  191 ILE AAA CA  1 ? 
ATOM   959  C C   . ILE A 1 141 ? -21.488 0.110   -10.386 1.000 41.520 0  191 ILE AAA C   1 ? 
ATOM   960  O O   . ILE A 1 141 ? -21.673 0.305   -9.154  1.000 46.378 0  191 ILE AAA O   1 ? 
ATOM   961  C CB  . ILE A 1 141 ? -22.904 -1.871  -11.231 1.000 39.839 0  191 ILE AAA CB  1 ? 
ATOM   962  C CG1 . ILE A 1 141 ? -23.733 -0.857  -12.016 1.000 43.654 0  191 ILE AAA CG1 1 ? 
ATOM   963  C CG2 . ILE A 1 141 ? -23.650 -2.359  -9.996  1.000 41.556 0  191 ILE AAA CG2 1 ? 
ATOM   964  C CD1 . ILE A 1 141 ? -25.138 -1.302  -12.260 1.000 46.625 0  191 ILE AAA CD1 1 ? 
ATOM   965  N N   . GLY A 1 142 ? -21.263 1.063   -11.298 1.000 35.951 0  192 GLY AAA N   1 ? 
ATOM   966  C CA  . GLY A 1 142 ? -21.478 2.515   -11.109 1.000 37.162 0  192 GLY AAA CA  1 ? 
ATOM   967  C C   . GLY A 1 142 ? -20.417 3.185   -10.254 1.000 37.021 0  192 GLY AAA C   1 ? 
ATOM   968  O O   . GLY A 1 142 ? -19.730 2.507   -9.502  1.000 35.542 0  192 GLY AAA O   1 ? 
ATOM   969  N N   . GLY A 1 143 ? -20.293 4.502   -10.367 1.000 36.837 0  193 GLY AAA N   1 ? 
ATOM   970  C CA  . GLY A 1 143 ? -19.355 5.277   -9.544  1.000 35.895 0  193 GLY AAA CA  1 ? 
ATOM   971  C C   . GLY A 1 143 ? -17.946 4.970   -9.996  1.000 35.096 0  193 GLY AAA C   1 ? 
ATOM   972  O O   . GLY A 1 143 ? -17.790 4.476   -11.123 1.000 32.652 0  193 GLY AAA O   1 ? 
ATOM   973  N N   . TYR A 1 144 ? -16.949 5.254   -9.166  1.000 30.988 0  194 TYR AAA N   1 ? 
ATOM   974  C CA  . TYR A 1 144 ? -15.531 5.223   -9.580  1.000 32.446 0  194 TYR AAA CA  1 ? 
ATOM   975  C C   . TYR A 1 144 ? -14.855 4.032   -8.901  1.000 29.582 0  194 TYR AAA C   1 ? 
ATOM   976  O O   . TYR A 1 144 ? -15.255 3.638   -7.787  1.000 26.751 0  194 TYR AAA O   1 ? 
ATOM   977  C CB  . TYR A 1 144 ? -14.859 6.549   -9.230  1.000 39.924 0  194 TYR AAA CB  1 ? 
ATOM   978  C CG  . TYR A 1 144 ? -15.104 7.692   -10.180 1.000 44.258 0  194 TYR AAA CG  1 ? 
ATOM   979  C CD1 . TYR A 1 144 ? -15.731 7.505   -11.401 1.000 49.460 0  194 TYR AAA CD1 1 ? 
ATOM   980  C CD2 . TYR A 1 144 ? -14.641 8.967   -9.877  1.000 50.679 0  194 TYR AAA CD2 1 ? 
ATOM   981  C CE1 . TYR A 1 144 ? -15.945 8.558   -12.276 1.000 55.508 0  194 TYR AAA CE1 1 ? 
ATOM   982  C CE2 . TYR A 1 144 ? -14.829 10.029  -10.749 1.000 54.017 0  194 TYR AAA CE2 1 ? 
ATOM   983  C CZ  . TYR A 1 144 ? -15.482 9.825   -11.955 1.000 62.603 0  194 TYR AAA CZ  1 ? 
ATOM   984  O OH  . TYR A 1 144 ? -15.676 10.860  -12.832 1.000 72.034 0  194 TYR AAA OH  1 ? 
ATOM   985  N N   . SER A 1 145 ? -13.817 3.490   -9.535  1.000 25.258 0  195 SER AAA N   1 ? 
ATOM   986  C CA  . SER A 1 145 ? -12.904 2.540   -8.868  1.000 23.936 0  195 SER AAA CA  1 ? 
ATOM   987  C C   . SER A 1 145 ? -11.981 3.338   -7.939  1.000 19.635 0  195 SER AAA C   1 ? 
ATOM   988  O O   . SER A 1 145 ? -11.909 4.569   -8.095  1.000 20.097 0  195 SER AAA O   1 ? 
ATOM   989  C CB  . SER A 1 145 ? -12.110 1.793   -9.899  1.000 23.258 0  195 SER AAA CB  1 ? 
ATOM   990  O OG  . SER A 1 145 ? -11.357 2.722   -10.627 1.000 24.431 0  195 SER AAA OG  1 ? 
ATOM   991  N N   . ALA A 1 146 ? -11.221 2.650   -7.073  1.000 20.430 0  196 ALA AAA N   1 ? 
ATOM   992  C CA  . ALA A 1 146 ? -10.177 3.280   -6.219  1.000 18.556 0  196 ALA AAA CA  1 ? 
ATOM   993  C C   . ALA A 1 146 ? -9.190  4.039   -7.098  1.000 17.485 0  196 ALA AAA C   1 ? 
ATOM   994  O O   . ALA A 1 146 ? -8.813  5.181   -6.745  1.000 16.281 0  196 ALA AAA O   1 ? 
ATOM   995  C CB  . ALA A 1 146 ? -9.503  2.251   -5.335  1.000 18.622 0  196 ALA AAA CB  1 ? 
ATOM   996  N N   . GLY A 1 147 ? -8.822  3.458   -8.238  1.000 19.730 0  197 GLY AAA N   1 ? 
ATOM   997  C CA  . GLY A 1 147 ? -7.874  4.050   -9.194  1.000 22.178 0  197 GLY AAA CA  1 ? 
ATOM   998  C C   . GLY A 1 147 ? -8.401  5.355   -9.758  1.000 26.768 0  197 GLY AAA C   1 ? 
ATOM   999  O O   . GLY A 1 147 ? -7.619  6.305   -9.876  1.000 26.884 0  197 GLY AAA O   1 ? 
ATOM   1000 N N   . GLU A 1 148 ? -9.690  5.418   -10.105 1.000 25.813 0  198 GLU AAA N   1 ? 
ATOM   1001 C CA  . GLU A 1 148 ? -10.291 6.678   -10.626 1.000 26.037 0  198 GLU AAA CA  1 ? 
ATOM   1002 C C   . GLU A 1 148 ? -10.426 7.655   -9.451  1.000 24.626 0  198 GLU AAA C   1 ? 
ATOM   1003 O O   . GLU A 1 148 ? -10.186 8.858   -9.649  1.000 22.708 0  198 GLU AAA O   1 ? 
ATOM   1004 C CB  . GLU A 1 148 ? -11.632 6.418   -11.319 1.000 30.454 0  198 GLU AAA CB  1 ? 
ATOM   1005 C CG  . GLU A 1 148 ? -11.646 5.200   -12.250 1.000 35.324 0  198 GLU AAA CG  1 ? 
ATOM   1006 C CD  . GLU A 1 148 ? -12.996 4.808   -12.844 1.000 39.614 0  198 GLU AAA CD  1 ? 
ATOM   1007 O OE1 . GLU A 1 148 ? -13.218 5.175   -14.006 1.000 51.826 0  198 GLU AAA OE1 1 ? 
ATOM   1008 O OE2 . GLU A 1 148 ? -13.800 4.085   -12.192 1.000 40.118 0  198 GLU AAA OE2 1 ? 
ATOM   1009 N N   . ARG A 1 149 ? -10.716 7.152   -8.252  1.000 22.113 0  199 ARG AAA N   1 ? 
ATOM   1010 C CA  . ARG A 1 149 ? -10.955 8.032   -7.075  1.000 24.617 0  199 ARG AAA CA  1 ? 
ATOM   1011 C C   . ARG A 1 149 ? -9.661  8.751   -6.712  1.000 25.094 0  199 ARG AAA C   1 ? 
ATOM   1012 O O   . ARG A 1 149 ? -9.727  9.984   -6.483  1.000 21.581 0  199 ARG AAA O   1 ? 
ATOM   1013 C CB  . ARG A 1 149 ? -11.505 7.268   -5.873  1.000 26.679 0  199 ARG AAA CB  1 ? 
ATOM   1014 C CG  . ARG A 1 149 ? -12.990 6.957   -5.996  1.000 30.594 0  199 ARG AAA CG  1 ? 
ATOM   1015 C CD  . ARG A 1 149 ? -13.465 5.865   -5.048  1.000 33.745 0  199 ARG AAA CD  1 ? 
ATOM   1016 N NE  . ARG A 1 149 ? -13.333 6.248   -3.660  1.000 38.359 0  199 ARG AAA NE  1 ? 
ATOM   1017 C CZ  . ARG A 1 149 ? -13.623 5.460   -2.619  1.000 48.700 0  199 ARG AAA CZ  1 ? 
ATOM   1018 N NH1 . ARG A 1 149 ? -14.043 4.217   -2.816  1.000 49.537 0  199 ARG AAA NH1 1 ? 
ATOM   1019 N NH2 . ARG A 1 149 ? -13.472 5.911   -1.378  1.000 47.665 0  199 ARG AAA NH2 1 ? 
ATOM   1020 N N   . ILE A 1 150 ? -8.514  8.054   -6.658  1.000 21.186 0  200 ILE AAA N   1 ? 
ATOM   1021 C CA  . ILE A 1 150 ? -7.252  8.752   -6.284  1.000 19.362 0  200 ILE AAA CA  1 ? 
ATOM   1022 C C   . ILE A 1 150 ? -6.918  9.815   -7.344  1.000 21.058 0  200 ILE AAA C   1 ? 
ATOM   1023 O O   . ILE A 1 150 ? -6.516  10.919  -6.974  1.000 23.724 0  200 ILE AAA O   1 ? 
ATOM   1024 C CB  . ILE A 1 150 ? -6.106  7.760   -6.023  1.000 19.049 0  200 ILE AAA CB  1 ? 
ATOM   1025 C CG1 . ILE A 1 150 ? -4.899  8.450   -5.415  1.000 20.272 0  200 ILE AAA CG1 1 ? 
ATOM   1026 C CG2 . ILE A 1 150 ? -5.760  6.978   -7.276  1.000 19.533 0  200 ILE AAA CG2 1 ? 
ATOM   1027 C CD1 . ILE A 1 150 ? -3.862  7.489   -4.908  1.000 19.881 0  200 ILE AAA CD1 1 ? 
ATOM   1028 N N   . VAL A 1 151 ? -7.090  9.526   -8.623  1.000 23.486 0  201 VAL AAA N   1 ? 
ATOM   1029 C CA  . VAL A 1 151 ? -6.778  10.512  -9.687  1.000 27.379 0  201 VAL AAA CA  1 ? 
ATOM   1030 C C   . VAL A 1 151 ? -7.706  11.725  -9.521  1.000 29.567 0  201 VAL AAA C   1 ? 
ATOM   1031 O O   . VAL A 1 151 ? -7.202  12.862  -9.479  1.000 33.088 0  201 VAL AAA O   1 ? 
ATOM   1032 C CB  . VAL A 1 151 ? -6.913  9.853   -11.062 1.000 31.212 0  201 VAL AAA CB  1 ? 
ATOM   1033 C CG1 . VAL A 1 151 ? -6.851  10.886  -12.171 1.000 31.648 0  201 VAL AAA CG1 1 ? 
ATOM   1034 C CG2 . VAL A 1 151 ? -5.859  8.763   -11.244 1.000 32.387 0  201 VAL AAA CG2 1 ? 
ATOM   1035 N N   . ASP A 1 152 ? -9.003  11.482  -9.365  1.000 30.347 0  202 ASP AAA N   1 ? 
ATOM   1036 C CA  . ASP A 1 152 ? -10.005 12.561  -9.168  1.000 37.197 0  202 ASP AAA CA  1 ? 
ATOM   1037 C C   . ASP A 1 152 ? -9.662  13.386  -7.918  1.000 34.865 0  202 ASP AAA C   1 ? 
ATOM   1038 O O   . ASP A 1 152 ? -9.729  14.616  -8.023  1.000 38.667 0  202 ASP AAA O   1 ? 
ATOM   1039 C CB  . ASP A 1 152 ? -11.421 11.994  -9.126  1.000 44.930 0  202 ASP AAA CB  1 ? 
ATOM   1040 C CG  . ASP A 1 152 ? -12.454 13.019  -9.573  1.000 55.784 0  202 ASP AAA CG  1 ? 
ATOM   1041 O OD1 . ASP A 1 152 ? -12.133 13.823  -10.481 1.000 62.796 0  202 ASP AAA OD1 1 ? 
ATOM   1042 O OD2 . ASP A 1 152 ? -13.557 13.020  -9.006  1.000 62.420 0  202 ASP AAA OD2 1 ? 
ATOM   1043 N N   . ILE A 1 153 ? -9.249  12.779  -6.800  1.000 29.673 0  203 ILE AAA N   1 ? 
ATOM   1044 C CA  . ILE A 1 153 ? -8.920  13.540  -5.546  1.000 31.423 0  203 ILE AAA CA  1 ? 
ATOM   1045 C C   . ILE A 1 153 ? -7.681  14.417  -5.771  1.000 31.184 0  203 ILE AAA C   1 ? 
ATOM   1046 O O   . ILE A 1 153 ? -7.662  15.554  -5.332  1.000 33.607 0  203 ILE AAA O   1 ? 
ATOM   1047 C CB  . ILE A 1 153 ? -8.732  12.621  -4.329  1.000 30.625 0  203 ILE AAA CB  1 ? 
ATOM   1048 C CG1 . ILE A 1 153 ? -10.054 11.983  -3.910  1.000 33.892 0  203 ILE AAA CG1 1 ? 
ATOM   1049 C CG2 . ILE A 1 153 ? -8.103  13.390  -3.180  1.000 31.052 0  203 ILE AAA CG2 1 ? 
ATOM   1050 C CD1 . ILE A 1 153 ? -9.903  10.814  -2.962  1.000 34.346 0  203 ILE AAA CD1 1 ? 
ATOM   1051 N N   . ILE A 1 154 ? -6.665  13.901  -6.449  1.000 28.513 0  204 ILE AAA N   1 ? 
ATOM   1052 C CA  . ILE A 1 154 ? -5.407  14.640  -6.720  1.000 31.885 0  204 ILE AAA CA  1 ? 
ATOM   1053 C C   . ILE A 1 154 ? -5.677  15.694  -7.798  1.000 32.456 0  204 ILE AAA C   1 ? 
ATOM   1054 O O   . ILE A 1 154 ? -5.063  16.772  -7.669  1.000 37.156 0  204 ILE AAA O   1 ? 
ATOM   1055 C CB  . ILE A 1 154 ? -4.262  13.679  -7.105  1.000 28.763 0  204 ILE AAA CB  1 ? 
ATOM   1056 C CG1 . ILE A 1 154 ? -4.019  12.648  -5.999  1.000 30.693 0  204 ILE AAA CG1 1 ? 
ATOM   1057 C CG2 . ILE A 1 154 ? -2.979  14.427  -7.417  1.000 29.928 0  204 ILE AAA CG2 1 ? 
ATOM   1058 C CD1 . ILE A 1 154 ? -3.186  11.506  -6.440  1.000 31.254 0  204 ILE AAA CD1 1 ? 
ATOM   1059 N N   . ALA A 1 155 ? -6.487  15.384  -8.818  1.000 33.613 0  205 ALA AAA N   1 ? 
ATOM   1060 C CA  . ALA A 1 155 ? -6.756  16.318  -9.944  1.000 40.386 0  205 ALA AAA CA  1 ? 
ATOM   1061 C C   . ALA A 1 155 ? -7.415  17.598  -9.404  1.000 45.031 0  205 ALA AAA C   1 ? 
ATOM   1062 O O   . ALA A 1 155 ? -7.119  18.686  -9.934  1.000 50.688 0  205 ALA AAA O   1 ? 
ATOM   1063 C CB  . ALA A 1 155 ? -7.601  15.682  -11.003 1.000 37.440 0  205 ALA AAA CB  1 ? 
ATOM   1064 N N   . THR A 1 156 ? -8.276  17.471  -8.394  1.000 47.835 0  206 THR AAA N   1 ? 
ATOM   1065 C CA  . THR A 1 156 ? -8.806  18.588  -7.566  1.000 48.606 0  206 THR AAA CA  1 ? 
ATOM   1066 C C   . THR A 1 156 ? -7.719  19.095  -6.596  1.000 58.235 0  206 THR AAA C   1 ? 
ATOM   1067 O O   . THR A 1 156 ? -8.044  19.357  -5.436  1.000 67.902 0  206 THR AAA O   1 ? 
ATOM   1068 C CB  . THR A 1 156 ? -10.089 18.109  -6.877  1.000 47.385 0  206 THR AAA CB  1 ? 
ATOM   1069 O OG1 . THR A 1 156 ? -10.854 17.446  -7.889  1.000 40.513 0  206 THR AAA OG1 1 ? 
ATOM   1070 C CG2 . THR A 1 156 ? -10.886 19.235  -6.255  1.000 51.641 0  206 THR AAA CG2 1 ? 
ATOM   1071 N N   . ASP A 1 157 ? -6.481  19.286  -7.071  1.000 66.410 0  207 ASP AAA N   1 ? 
ATOM   1072 C CA  . ASP A 1 157 ? -5.293  19.663  -6.254  1.000 65.260 0  207 ASP AAA CA  1 ? 
ATOM   1073 C C   . ASP A 1 157 ? -5.491  19.116  -4.831  1.000 64.053 0  207 ASP AAA C   1 ? 
ATOM   1074 O O   . ASP A 1 157 ? -4.548  18.766  -4.114  1.000 60.294 0  207 ASP AAA O   1 ? 
ATOM   1075 C CB  . ASP A 1 157 ? -5.057  21.179  -6.274  1.000 66.450 0  207 ASP AAA CB  1 ? 
ATOM   1076 C CG  . ASP A 1 157 ? -5.383  21.855  -7.601  1.000 71.887 0  207 ASP AAA CG  1 ? 
ATOM   1077 O OD1 . ASP A 1 157 ? -4.627  21.663  -8.570  1.000 68.283 0  207 ASP AAA OD1 1 ? 
ATOM   1078 O OD2 . ASP A 1 157 ? -6.410  22.556  -7.667  1.000 81.432 0  207 ASP AAA OD2 1 ? 
HETATM 1079 S S   . SO4 B 2 .   ? 17.668  0.008   9.580   1.000 59.492 0  301 SO4 AAA S   1 ? 
HETATM 1080 O O1  . SO4 B 2 .   ? 18.300  0.555   10.768  1.000 59.110 0  301 SO4 AAA O1  1 ? 
HETATM 1081 O O2  . SO4 B 2 .   ? 17.419  1.069   8.655   1.000 59.015 0  301 SO4 AAA O2  1 ? 
HETATM 1082 O O3  . SO4 B 2 .   ? 16.424  -0.625  9.918   1.000 62.540 0  301 SO4 AAA O3  1 ? 
HETATM 1083 O O4  . SO4 B 2 .   ? 18.523  -0.974  8.978   1.000 63.640 0  301 SO4 AAA O4  1 ? 
HETATM 1084 S S   . SO4 C 2 .   ? -1.466  -11.029 8.945   1.000 74.697 0  302 SO4 AAA S   1 ? 
HETATM 1085 O O1  . SO4 C 2 .   ? -2.055  -9.738  8.695   1.000 73.517 0  302 SO4 AAA O1  1 ? 
HETATM 1086 O O2  . SO4 C 2 .   ? -0.142  -10.876 9.510   1.000 67.908 0  302 SO4 AAA O2  1 ? 
HETATM 1087 O O3  . SO4 C 2 .   ? -1.362  -11.762 7.709   1.000 74.253 0  302 SO4 AAA O3  1 ? 
HETATM 1088 O O4  . SO4 C 2 .   ? -2.320  -11.748 9.850   1.000 77.880 0  302 SO4 AAA O4  1 ? 
HETATM 1089 S S   . SO4 D 2 .   ? -12.099 0.580   -1.355  1.000 48.712 0  303 SO4 AAA S   1 ? 
HETATM 1090 O O1  . SO4 D 2 .   ? -12.846 1.264   -0.326  1.000 63.935 0  303 SO4 AAA O1  1 ? 
HETATM 1091 O O2  . SO4 D 2 .   ? -10.830 0.165   -0.791  1.000 65.054 0  303 SO4 AAA O2  1 ? 
HETATM 1092 O O3  . SO4 D 2 .   ? -12.820 -0.586  -1.823  1.000 73.231 0  303 SO4 AAA O3  1 ? 
HETATM 1093 O O4  . SO4 D 2 .   ? -11.887 1.454   -2.465  1.000 49.562 0  303 SO4 AAA O4  1 ? 
HETATM 1094 I I   . IOD E 3 .   ? -5.725  8.186   8.837   0.390 33.496 0  304 IOD AAA I   1 ? 
HETATM 1095 I I   . IOD F 3 .   ? 2.368   -16.632 6.923   0.570 26.102 0  305 IOD AAA I   1 ? 
HETATM 1096 I I   . IOD G 3 .   ? 6.574   5.472   7.870   0.380 17.645 0  306 IOD AAA I   1 ? 
HETATM 1097 I I   . IOD H 3 .   ? 7.005   -14.841 -4.537  0.480 36.444 0  307 IOD AAA I   1 ? 
HETATM 1098 I I   . IOD I 3 .   ? -2.468  16.165  2.528   0.470 68.154 0  308 IOD AAA I   1 ? 
HETATM 1099 C C10 . XHY J 4 .   ? 16.991  -2.095  -0.464  1.000 46.972 0  309 XHY AAA C10 1 ? 
HETATM 1100 C C13 . XHY J 4 .   ? 17.163  -4.718  -1.233  1.000 56.088 0  309 XHY AAA C13 1 ? 
HETATM 1101 C C15 . XHY J 4 .   ? 15.844  -2.740  -0.896  1.000 48.867 0  309 XHY AAA C15 1 ? 
HETATM 1102 C C20 . XHY J 4 .   ? 19.346  2.290   1.563   1.000 30.972 0  309 XHY AAA C20 1 ? 
HETATM 1103 C C21 . XHY J 4 .   ? 20.298  2.780   0.481   1.000 33.478 0  309 XHY AAA C21 1 ? 
HETATM 1104 C C24 . XHY J 4 .   ? 17.365  4.023   1.158   1.000 24.984 0  309 XHY AAA C24 1 ? 
HETATM 1105 C C01 . XHY J 4 .   ? 17.390  7.738   1.889   1.000 29.915 0  309 XHY AAA C01 1 ? 
HETATM 1106 C C02 . XHY J 4 .   ? 16.950  6.368   1.446   1.000 26.401 0  309 XHY AAA C02 1 ? 
HETATM 1107 C C03 . XHY J 4 .   ? 15.663  6.235   0.909   1.000 25.124 0  309 XHY AAA C03 1 ? 
HETATM 1108 C C04 . XHY J 4 .   ? 15.225  4.975   0.530   1.000 23.487 0  309 XHY AAA C04 1 ? 
HETATM 1109 C C05 . XHY J 4 .   ? 16.057  3.878   0.638   1.000 26.087 0  309 XHY AAA C05 1 ? 
HETATM 1110 O O06 . XHY J 4 .   ? 15.837  2.586   0.286   1.000 27.040 0  309 XHY AAA O06 1 ? 
HETATM 1111 C C07 . XHY J 4 .   ? 16.919  1.897   0.569   1.000 27.370 0  309 XHY AAA C07 1 ? 
HETATM 1112 C C08 . XHY J 4 .   ? 16.977  0.438   0.281   1.000 30.349 0  309 XHY AAA C08 1 ? 
HETATM 1113 C C09 . XHY J 4 .   ? 16.947  -0.678  -0.016  1.000 33.928 0  309 XHY AAA C09 1 ? 
HETATM 1114 C C11 . XHY J 4 .   ? 18.218  -2.746  -0.406  1.000 51.156 0  309 XHY AAA C11 1 ? 
HETATM 1115 C C12 . XHY J 4 .   ? 18.304  -4.061  -0.816  1.000 53.665 0  309 XHY AAA C12 1 ? 
HETATM 1116 C C14 . XHY J 4 .   ? 15.936  -4.063  -1.282  1.000 54.112 0  309 XHY AAA C14 1 ? 
HETATM 1117 C C16 . XHY J 4 .   ? 17.259  -6.160  -1.679  1.000 62.010 0  309 XHY AAA C16 1 ? 
HETATM 1118 O O17 . XHY J 4 .   ? 16.749  -6.458  -2.793  1.000 60.993 -1 309 XHY AAA O17 1 ? 
HETATM 1119 O O18 . XHY J 4 .   ? 17.848  -7.015  -0.954  1.000 64.979 0  309 XHY AAA O18 1 ? 
HETATM 1120 C C19 . XHY J 4 .   ? 17.932  2.705   1.136   1.000 28.195 0  309 XHY AAA C19 1 ? 
HETATM 1121 O O22 . XHY J 4 .   ? 20.316  2.224   -0.657  1.000 32.420 -1 309 XHY AAA O22 1 ? 
HETATM 1122 O O23 . XHY J 4 .   ? 21.056  3.784   0.674   1.000 34.865 0  309 XHY AAA O23 1 ? 
HETATM 1123 C C25 . XHY J 4 .   ? 17.802  5.272   1.590   1.000 26.978 0  309 XHY AAA C25 1 ? 
HETATM 1124 S S   . SO4 K 2 .   ? -5.448  7.127   16.459  1.000 47.208 0  310 SO4 AAA S   1 ? 
HETATM 1125 O O1  . SO4 K 2 .   ? -6.260  7.713   17.501  1.000 70.806 0  310 SO4 AAA O1  1 ? 
HETATM 1126 O O2  . SO4 K 2 .   ? -4.070  7.294   16.807  1.000 62.822 0  310 SO4 AAA O2  1 ? 
HETATM 1127 O O3  . SO4 K 2 .   ? -5.755  5.727   16.364  1.000 43.470 0  310 SO4 AAA O3  1 ? 
HETATM 1128 O O4  . SO4 K 2 .   ? -5.702  7.792   15.206  1.000 58.009 0  310 SO4 AAA O4  1 ? 
HETATM 1129 O O   . HOH L 5 .   ? -12.998 3.406   0.295   1.000 57.037 0  401 HOH AAA O   1 ? 
HETATM 1130 O O   . HOH L 5 .   ? -12.210 4.020   -15.690 1.000 53.866 0  402 HOH AAA O   1 ? 
HETATM 1131 O O   . HOH L 5 .   ? 5.108   -1.577  7.036   1.000 29.990 0  403 HOH AAA O   1 ? 
HETATM 1132 O O   . HOH L 5 .   ? 11.034  -2.837  -0.658  1.000 34.969 0  404 HOH AAA O   1 ? 
HETATM 1133 O O   . HOH L 5 .   ? 12.054  4.984   11.990  1.000 32.427 0  405 HOH AAA O   1 ? 
HETATM 1134 O O   . HOH L 5 .   ? 4.097   -0.599  10.894  1.000 44.706 0  406 HOH AAA O   1 ? 
HETATM 1135 O O   . HOH L 5 .   ? 0.548   -0.141  10.443  1.000 39.732 0  407 HOH AAA O   1 ? 
HETATM 1136 O O   . HOH L 5 .   ? 4.933   15.680  4.621   1.000 30.715 0  408 HOH AAA O   1 ? 
HETATM 1137 O O   . HOH L 5 .   ? -5.957  10.004  1.682   1.000 23.379 0  409 HOH AAA O   1 ? 
HETATM 1138 O O   . HOH L 5 .   ? -23.106 -0.597  -7.161  1.000 42.783 0  410 HOH AAA O   1 ? 
HETATM 1139 O O   . HOH L 5 .   ? 7.301   -1.909  7.169   1.000 37.681 0  411 HOH AAA O   1 ? 
HETATM 1140 O O   . HOH L 5 .   ? 12.878  -1.985  -8.332  1.000 29.407 0  412 HOH AAA O   1 ? 
HETATM 1141 O O   . HOH L 5 .   ? -11.746 -0.079  -6.690  1.000 19.092 0  413 HOH AAA O   1 ? 
HETATM 1142 O O   . HOH L 5 .   ? 6.632   12.637  -0.447  1.000 28.044 0  414 HOH AAA O   1 ? 
HETATM 1143 O O   . HOH L 5 .   ? 17.591  11.537  4.123   1.000 29.872 0  415 HOH AAA O   1 ? 
HETATM 1144 O O   . HOH L 5 .   ? 10.331  -1.115  9.073   1.000 28.020 0  416 HOH AAA O   1 ? 
HETATM 1145 O O   . HOH L 5 .   ? -0.915  -4.683  -10.084 1.000 20.566 0  417 HOH AAA O   1 ? 
HETATM 1146 O O   . HOH L 5 .   ? -13.169 0.210   -4.516  1.000 38.165 0  418 HOH AAA O   1 ? 
HETATM 1147 O O   . HOH L 5 .   ? 5.382   1.375   12.530  1.000 34.349 0  419 HOH AAA O   1 ? 
HETATM 1148 O O   . HOH L 5 .   ? -18.687 -1.920  -13.332 1.000 32.295 0  420 HOH AAA O   1 ? 
HETATM 1149 O O   . HOH L 5 .   ? 5.113   12.446  -2.612  1.000 22.291 0  421 HOH AAA O   1 ? 
HETATM 1150 O O   . HOH L 5 .   ? -6.952  -15.654 -16.964 1.000 57.452 0  422 HOH AAA O   1 ? 
HETATM 1151 O O   . HOH L 5 .   ? -20.055 0.345   -13.724 1.000 40.734 0  423 HOH AAA O   1 ? 
HETATM 1152 O O   . HOH L 5 .   ? 1.464   -5.059  15.402  1.000 31.693 0  424 HOH AAA O   1 ? 
HETATM 1153 O O   . HOH L 5 .   ? -9.779  2.131   -12.915 1.000 28.402 0  425 HOH AAA O   1 ? 
HETATM 1154 O O   . HOH L 5 .   ? 1.729   10.395  15.852  1.000 38.743 0  426 HOH AAA O   1 ? 
HETATM 1155 O O   . HOH L 5 .   ? -16.460 -3.328  -11.728 1.000 26.382 0  427 HOH AAA O   1 ? 
HETATM 1156 O O   . HOH L 5 .   ? -5.737  1.453   -11.147 1.000 39.281 0  428 HOH AAA O   1 ? 
HETATM 1157 O O   . HOH L 5 .   ? 4.307   -1.195  -5.330  1.000 32.884 0  429 HOH AAA O   1 ? 
HETATM 1158 O O   . HOH L 5 .   ? -7.937  2.028   -15.727 1.000 21.576 0  430 HOH AAA O   1 ? 
HETATM 1159 O O   . HOH L 5 .   ? 5.758   -18.229 -4.745  1.000 35.956 0  431 HOH AAA O   1 ? 
HETATM 1160 O O   . HOH L 5 .   ? 3.424   10.071  16.160  1.000 24.737 0  432 HOH AAA O   1 ? 
HETATM 1161 O O   . HOH L 5 .   ? 1.358   12.032  -8.970  1.000 35.218 0  433 HOH AAA O   1 ? 
HETATM 1162 O O   . HOH L 5 .   ? -0.414  -19.537 4.453   1.000 35.411 0  434 HOH AAA O   1 ? 
HETATM 1163 O O   . HOH L 5 .   ? -7.855  11.042  3.989   1.000 42.028 0  435 HOH AAA O   1 ? 
HETATM 1164 O O   . HOH L 5 .   ? -13.344 9.638   -2.955  1.000 32.717 0  436 HOH AAA O   1 ? 
HETATM 1165 O O   . HOH L 5 .   ? 6.076   -1.434  -5.388  1.000 35.400 0  437 HOH AAA O   1 ? 
HETATM 1166 O O   . HOH L 5 .   ? 15.865  4.869   15.245  1.000 38.992 0  438 HOH AAA O   1 ? 
HETATM 1167 O O   . HOH L 5 .   ? -7.358  4.782   -13.446 1.000 49.836 0  439 HOH AAA O   1 ? 
HETATM 1168 O O   . HOH L 5 .   ? -4.090  -17.670 -1.295  1.000 39.822 0  440 HOH AAA O   1 ? 
HETATM 1169 O O   . HOH L 5 .   ? -9.446  4.772   -15.701 1.000 39.252 0  441 HOH AAA O   1 ? 
HETATM 1170 O O   . HOH L 5 .   ? 9.391   -12.668 -2.485  1.000 28.560 0  442 HOH AAA O   1 ? 
# 
loop_
_pdbx_poly_seq_scheme.asym_id 
_pdbx_poly_seq_scheme.entity_id 
_pdbx_poly_seq_scheme.seq_id 
_pdbx_poly_seq_scheme.mon_id 
_pdbx_poly_seq_scheme.ndb_seq_num 
_pdbx_poly_seq_scheme.pdb_seq_num 
_pdbx_poly_seq_scheme.auth_seq_num 
_pdbx_poly_seq_scheme.pdb_mon_id 
_pdbx_poly_seq_scheme.auth_mon_id 
_pdbx_poly_seq_scheme.pdb_strand_id 
_pdbx_poly_seq_scheme.pdb_ins_code 
_pdbx_poly_seq_scheme.hetero 
A 1 1   MET 1   50  ?   ?   ?   AAA . n 
A 1 2   HIS 2   51  ?   ?   ?   AAA . n 
A 1 3   GLY 3   52  ?   ?   ?   AAA . n 
A 1 4   GLU 4   53  ?   ?   ?   AAA . n 
A 1 5   VAL 5   54  ?   ?   ?   AAA . n 
A 1 6   ASP 6   55  ?   ?   ?   AAA . n 
A 1 7   SER 7   56  ?   ?   ?   AAA . n 
A 1 8   SER 8   57  57  SER SER AAA . n 
A 1 9   PRO 9   58  58  PRO PRO AAA . n 
A 1 10  GLY 10  59  59  GLY GLY AAA . n 
A 1 11  ILE 11  60  60  ILE ILE AAA . n 
A 1 12  TRP 12  61  61  TRP TRP AAA . n 
A 1 13  GLN 13  62  62  GLN GLN AAA . n 
A 1 14  LEU 14  63  63  LEU LEU AAA . n 
A 1 15  ASP 15  64  64  ASP ASP AAA . n 
A 1 16  OCS 16  65  65  OCS CSW AAA . n 
A 1 17  THR 17  66  66  THR THR AAA . n 
A 1 18  HIS 18  67  67  HIS HIS AAA . n 
A 1 19  LEU 19  68  68  LEU LEU AAA . n 
A 1 20  GLU 20  69  69  GLU GLU AAA . n 
A 1 21  GLY 21  70  70  GLY GLY AAA . n 
A 1 22  LYS 22  71  71  LYS LYS AAA . n 
A 1 23  VAL 23  72  72  VAL VAL AAA . n 
A 1 24  ILE 24  73  73  ILE ILE AAA . n 
A 1 25  LEU 25  74  74  LEU LEU AAA . n 
A 1 26  VAL 26  75  75  VAL VAL AAA . n 
A 1 27  ALA 27  76  76  ALA ALA AAA . n 
A 1 28  VAL 28  77  77  VAL VAL AAA . n 
A 1 29  HIS 29  78  78  HIS HIS AAA . n 
A 1 30  VAL 30  79  79  VAL VAL AAA . n 
A 1 31  ALA 31  80  80  ALA ALA AAA . n 
A 1 32  SER 32  81  81  SER SER AAA . n 
A 1 33  GLY 33  82  82  GLY GLY AAA . n 
A 1 34  TYR 34  83  83  TYR TYR AAA . n 
A 1 35  ILE 35  84  84  ILE ILE AAA . n 
A 1 36  GLU 36  85  85  GLU GLU AAA . n 
A 1 37  ALA 37  86  86  ALA ALA AAA . n 
A 1 38  GLU 38  87  87  GLU GLU AAA . n 
A 1 39  VAL 39  88  88  VAL VAL AAA . n 
A 1 40  ILE 40  89  89  ILE ILE AAA . n 
A 1 41  PRO 41  90  90  PRO PRO AAA . n 
A 1 42  ALA 42  91  91  ALA ALA AAA . n 
A 1 43  GLU 43  92  92  GLU GLU AAA . n 
A 1 44  THR 44  93  93  THR THR AAA . n 
A 1 45  GLY 45  94  94  GLY GLY AAA . n 
A 1 46  GLN 46  95  95  GLN GLN AAA . n 
A 1 47  GLU 47  96  96  GLU GLU AAA . n 
A 1 48  THR 48  97  97  THR THR AAA . n 
A 1 49  ALA 49  98  98  ALA ALA AAA . n 
A 1 50  TYR 50  99  99  TYR TYR AAA . n 
A 1 51  PHE 51  100 100 PHE PHE AAA . n 
A 1 52  LEU 52  101 101 LEU LEU AAA . n 
A 1 53  LEU 53  102 102 LEU LEU AAA . n 
A 1 54  LYS 54  103 103 LYS LYS AAA . n 
A 1 55  LEU 55  104 104 LEU LEU AAA . n 
A 1 56  ALA 56  105 105 ALA ALA AAA . n 
A 1 57  GLY 57  106 106 GLY GLY AAA . n 
A 1 58  ARG 58  107 107 ARG ARG AAA . n 
A 1 59  TRP 59  108 108 TRP TRP AAA . n 
A 1 60  PRO 60  109 109 PRO PRO AAA . n 
A 1 61  VAL 61  110 110 VAL VAL AAA . n 
A 1 62  LYS 62  111 111 LYS LYS AAA . n 
A 1 63  THR 63  112 112 THR THR AAA . n 
A 1 64  VAL 64  113 113 VAL VAL AAA . n 
A 1 65  HIS 65  114 114 HIS HIS AAA . n 
A 1 66  THR 66  115 115 THR THR AAA . n 
A 1 67  ASP 67  116 116 ASP ASP AAA . n 
A 1 68  ASN 68  117 117 ASN ASN AAA . n 
A 1 69  GLY 69  118 118 GLY GLY AAA . n 
A 1 70  SER 70  119 119 SER SER AAA . n 
A 1 71  ASN 71  120 120 ASN ASN AAA . n 
A 1 72  PHE 72  121 121 PHE PHE AAA . n 
A 1 73  THR 73  122 122 THR THR AAA . n 
A 1 74  SER 74  123 123 SER SER AAA . n 
A 1 75  THR 75  124 124 THR THR AAA . n 
A 1 76  THR 76  125 125 THR THR AAA . n 
A 1 77  VAL 77  126 126 VAL VAL AAA . n 
A 1 78  LYS 78  127 127 LYS LYS AAA . n 
A 1 79  ALA 79  128 128 ALA ALA AAA . n 
A 1 80  ALA 80  129 129 ALA ALA AAA . n 
A 1 81  OCS 81  130 130 OCS CSW AAA . n 
A 1 82  GLU 82  131 131 GLU GLU AAA . n 
A 1 83  TRP 83  132 132 TRP TRP AAA . n 
A 1 84  ALA 84  133 133 ALA ALA AAA . n 
A 1 85  GLY 85  134 134 GLY GLY AAA . n 
A 1 86  ILE 86  135 135 ILE ILE AAA . n 
A 1 87  LYS 87  136 136 LYS LYS AAA . n 
A 1 88  GLN 88  137 137 GLN GLN AAA . n 
A 1 89  GLU 89  138 138 GLU GLU AAA . n 
A 1 90  PHE 90  139 139 PHE PHE AAA . n 
A 1 91  GLY 91  140 140 GLY GLY AAA . n 
A 1 92  ILE 92  141 141 ILE ILE AAA . n 
A 1 93  PRO 93  143 ?   ?   ?   AAA . n 
A 1 94  TYR 94  144 ?   ?   ?   AAA . n 
A 1 95  ASN 95  145 ?   ?   ?   AAA . n 
A 1 96  PRO 96  146 ?   ?   ?   AAA . n 
A 1 97  GLN 97  147 ?   ?   ?   AAA . n 
A 1 98  SER 98  148 ?   ?   ?   AAA . n 
A 1 99  GLN 99  149 ?   ?   ?   AAA . n 
A 1 100 GLY 100 150 ?   ?   ?   AAA . n 
A 1 101 VAL 101 151 ?   ?   ?   AAA . n 
A 1 102 ILE 102 152 ?   ?   ?   AAA . n 
A 1 103 GLU 103 153 ?   ?   ?   AAA . n 
A 1 104 SER 104 154 154 SER SER AAA . n 
A 1 105 ASN 105 155 155 ASN ASN AAA . n 
A 1 106 LYS 106 156 156 LYS LYS AAA . n 
A 1 107 GLU 107 157 157 GLU GLU AAA . n 
A 1 108 LEU 108 158 158 LEU LEU AAA . n 
A 1 109 LYS 109 159 159 LYS LYS AAA . n 
A 1 110 LYS 110 160 160 LYS LYS AAA . n 
A 1 111 ILE 111 161 161 ILE ILE AAA . n 
A 1 112 ILE 112 162 162 ILE ILE AAA . n 
A 1 113 GLY 113 163 163 GLY GLY AAA . n 
A 1 114 GLN 114 164 164 GLN GLN AAA . n 
A 1 115 VAL 115 165 165 VAL VAL AAA . n 
A 1 116 ARG 116 166 166 ARG ARG AAA . n 
A 1 117 ASP 117 167 167 ASP ASP AAA . n 
A 1 118 GLN 118 168 168 GLN GLN AAA . n 
A 1 119 ALA 119 169 169 ALA ALA AAA . n 
A 1 120 GLU 120 170 170 GLU GLU AAA . n 
A 1 121 HIS 121 171 171 HIS HIS AAA . n 
A 1 122 LEU 122 172 172 LEU LEU AAA . n 
A 1 123 LYS 123 173 173 LYS LYS AAA . n 
A 1 124 THR 124 174 174 THR THR AAA . n 
A 1 125 ALA 125 175 175 ALA ALA AAA . n 
A 1 126 VAL 126 176 176 VAL VAL AAA . n 
A 1 127 GLN 127 177 177 GLN GLN AAA . n 
A 1 128 MET 128 178 178 MET MET AAA . n 
A 1 129 ALA 129 179 179 ALA ALA AAA . n 
A 1 130 VAL 130 180 180 VAL VAL AAA . n 
A 1 131 PHE 131 181 181 PHE PHE AAA . n 
A 1 132 ILE 132 182 182 ILE ILE AAA . n 
A 1 133 HIS 133 183 183 HIS HIS AAA . n 
A 1 134 ASN 134 184 184 ASN ASN AAA . n 
A 1 135 LYS 135 185 185 LYS LYS AAA . n 
A 1 136 LYS 136 186 186 LYS LYS AAA . n 
A 1 137 ARG 137 187 187 ARG ARG AAA . n 
A 1 138 LYS 138 188 188 LYS LYS AAA . n 
A 1 139 GLY 139 189 189 GLY GLY AAA . n 
A 1 140 GLY 140 190 190 GLY GLY AAA . n 
A 1 141 ILE 141 191 191 ILE ILE AAA . n 
A 1 142 GLY 142 192 192 GLY GLY AAA . n 
A 1 143 GLY 143 193 193 GLY GLY AAA . n 
A 1 144 TYR 144 194 194 TYR TYR AAA . n 
A 1 145 SER 145 195 195 SER SER AAA . n 
A 1 146 ALA 146 196 196 ALA ALA AAA . n 
A 1 147 GLY 147 197 197 GLY GLY AAA . n 
A 1 148 GLU 148 198 198 GLU GLU AAA . n 
A 1 149 ARG 149 199 199 ARG ARG AAA . n 
A 1 150 ILE 150 200 200 ILE ILE AAA . n 
A 1 151 VAL 151 201 201 VAL VAL AAA . n 
A 1 152 ASP 152 202 202 ASP ASP AAA . n 
A 1 153 ILE 153 203 203 ILE ILE AAA . n 
A 1 154 ILE 154 204 204 ILE ILE AAA . n 
A 1 155 ALA 155 205 205 ALA ALA AAA . n 
A 1 156 THR 156 206 206 THR THR AAA . n 
A 1 157 ASP 157 207 207 ASP ASP AAA . n 
A 1 158 ILE 158 208 ?   ?   ?   AAA . n 
A 1 159 GLU 159 209 ?   ?   ?   AAA . n 
A 1 160 THR 160 210 ?   ?   ?   AAA . n 
A 1 161 LYS 161 211 ?   ?   ?   AAA . n 
A 1 162 GLU 162 212 ?   ?   ?   AAA . n 
# 
loop_
_pdbx_nonpoly_scheme.asym_id 
_pdbx_nonpoly_scheme.entity_id 
_pdbx_nonpoly_scheme.mon_id 
_pdbx_nonpoly_scheme.ndb_seq_num 
_pdbx_nonpoly_scheme.pdb_seq_num 
_pdbx_nonpoly_scheme.auth_seq_num 
_pdbx_nonpoly_scheme.pdb_mon_id 
_pdbx_nonpoly_scheme.auth_mon_id 
_pdbx_nonpoly_scheme.pdb_strand_id 
_pdbx_nonpoly_scheme.pdb_ins_code 
B 2 SO4 1  301 1   SO4 SO4 AAA . 
C 2 SO4 1  302 2   SO4 SO4 AAA . 
D 2 SO4 1  303 3   SO4 SO4 AAA . 
E 3 IOD 1  304 1   IOD IOD AAA . 
F 3 IOD 1  305 3   IOD IOD AAA . 
G 3 IOD 1  306 4   IOD IOD AAA . 
H 3 IOD 1  307 5   IOD IOD AAA . 
I 3 IOD 1  308 6   IOD IOD AAA . 
J 4 XHY 1  309 1   XHY LIG AAA . 
K 2 SO4 1  310 1   SO4 SO4 AAA . 
L 5 HOH 1  401 38  HOH HOH AAA . 
L 5 HOH 2  402 117 HOH HOH AAA . 
L 5 HOH 3  403 102 HOH HOH AAA . 
L 5 HOH 4  404 96  HOH HOH AAA . 
L 5 HOH 5  405 99  HOH HOH AAA . 
L 5 HOH 6  406 79  HOH HOH AAA . 
L 5 HOH 7  407 80  HOH HOH AAA . 
L 5 HOH 8  408 108 HOH HOH AAA . 
L 5 HOH 9  409 34  HOH HOH AAA . 
L 5 HOH 10 410 109 HOH HOH AAA . 
L 5 HOH 11 411 110 HOH HOH AAA . 
L 5 HOH 12 412 111 HOH HOH AAA . 
L 5 HOH 13 413 11  HOH HOH AAA . 
L 5 HOH 14 414 103 HOH HOH AAA . 
L 5 HOH 15 415 86  HOH HOH AAA . 
L 5 HOH 16 416 10  HOH HOH AAA . 
L 5 HOH 17 417 19  HOH HOH AAA . 
L 5 HOH 18 418 51  HOH HOH AAA . 
L 5 HOH 19 419 60  HOH HOH AAA . 
L 5 HOH 20 420 101 HOH HOH AAA . 
L 5 HOH 21 421 6   HOH HOH AAA . 
L 5 HOH 22 422 115 HOH HOH AAA . 
L 5 HOH 23 423 107 HOH HOH AAA . 
L 5 HOH 24 424 87  HOH HOH AAA . 
L 5 HOH 25 425 50  HOH HOH AAA . 
L 5 HOH 26 426 112 HOH HOH AAA . 
L 5 HOH 27 427 91  HOH HOH AAA . 
L 5 HOH 28 428 41  HOH HOH AAA . 
L 5 HOH 29 429 94  HOH HOH AAA . 
L 5 HOH 30 430 48  HOH HOH AAA . 
L 5 HOH 31 431 31  HOH HOH AAA . 
L 5 HOH 32 432 30  HOH HOH AAA . 
L 5 HOH 33 433 52  HOH HOH AAA . 
L 5 HOH 34 434 81  HOH HOH AAA . 
L 5 HOH 35 435 93  HOH HOH AAA . 
L 5 HOH 36 436 73  HOH HOH AAA . 
L 5 HOH 37 437 83  HOH HOH AAA . 
L 5 HOH 38 438 89  HOH HOH AAA . 
L 5 HOH 39 439 88  HOH HOH AAA . 
L 5 HOH 40 440 82  HOH HOH AAA . 
L 5 HOH 41 441 104 HOH HOH AAA . 
L 5 HOH 42 442 98  HOH HOH AAA . 
# 
loop_
_pdbx_struct_mod_residue.id 
_pdbx_struct_mod_residue.label_asym_id 
_pdbx_struct_mod_residue.label_comp_id 
_pdbx_struct_mod_residue.label_seq_id 
_pdbx_struct_mod_residue.auth_asym_id 
_pdbx_struct_mod_residue.auth_comp_id 
_pdbx_struct_mod_residue.auth_seq_id 
_pdbx_struct_mod_residue.PDB_ins_code 
_pdbx_struct_mod_residue.parent_comp_id 
_pdbx_struct_mod_residue.details 
1 A OCS 16 AAA OCS 65  ? CYS 'modified residue' 
2 A OCS 81 AAA OCS 130 ? CYS 'modified residue' 
# 
_pdbx_struct_assembly.id                   1 
_pdbx_struct_assembly.details              author_and_software_defined_assembly 
_pdbx_struct_assembly.method_details       PISA 
_pdbx_struct_assembly.oligomeric_details   dimeric 
_pdbx_struct_assembly.oligomeric_count     2 
# 
_pdbx_struct_assembly_gen.assembly_id       1 
_pdbx_struct_assembly_gen.oper_expression   1,2 
_pdbx_struct_assembly_gen.asym_id_list      A,B,C,D,E,F,G,H,I,J,K,L 
# 
loop_
_pdbx_struct_assembly_prop.biol_id 
_pdbx_struct_assembly_prop.type 
_pdbx_struct_assembly_prop.value 
_pdbx_struct_assembly_prop.details 
1 'ABSA (A^2)' 5910  ? 
1 MORE         -107  ? 
1 'SSA (A^2)'  12760 ? 
# 
loop_
_pdbx_struct_oper_list.id 
_pdbx_struct_oper_list.type 
_pdbx_struct_oper_list.name 
_pdbx_struct_oper_list.symmetry_operation 
_pdbx_struct_oper_list.matrix[1][1] 
_pdbx_struct_oper_list.matrix[1][2] 
_pdbx_struct_oper_list.matrix[1][3] 
_pdbx_struct_oper_list.vector[1] 
_pdbx_struct_oper_list.matrix[2][1] 
_pdbx_struct_oper_list.matrix[2][2] 
_pdbx_struct_oper_list.matrix[2][3] 
_pdbx_struct_oper_list.vector[2] 
_pdbx_struct_oper_list.matrix[3][1] 
_pdbx_struct_oper_list.matrix[3][2] 
_pdbx_struct_oper_list.matrix[3][3] 
_pdbx_struct_oper_list.vector[3] 
1 'identity operation'         1_555 x,y,z  1.0000000000  0.0000000000  0.0000000000 0.0000000000 0.0000000000  1.0000000000 0.0000000000  0.0000000000 0.0000000000 0.0000000000  1.0000000000  0.0000000000   
2 'crystal symmetry operation' 7_555 y,x,-z -0.1190136147 -0.9550738839 0.2714215093 8.6718539837 -0.9550738839 0.0353918505 -0.2942469934 3.1268560585 0.2714215093 -0.2942469934 -0.9163782359 -17.1445761479 
# 
_pdbx_audit_revision_history.ordinal             1 
_pdbx_audit_revision_history.data_content_type   'Structure model' 
_pdbx_audit_revision_history.major_revision      1 
_pdbx_audit_revision_history.minor_revision      0 
_pdbx_audit_revision_history.revision_date       2021-12-22 
# 
_pdbx_audit_revision_details.ordinal             1 
_pdbx_audit_revision_details.revision_ordinal    1 
_pdbx_audit_revision_details.data_content_type   'Structure model' 
_pdbx_audit_revision_details.provider            repository 
_pdbx_audit_revision_details.type                'Initial release' 
_pdbx_audit_revision_details.description         ? 
_pdbx_audit_revision_details.details             ? 
# 
loop_
_software.citation_id 
_software.classification 
_software.compiler_name 
_software.compiler_version 
_software.contact_author 
_software.contact_author_email 
_software.date 
_software.description 
_software.dependencies 
_software.hardware 
_software.language 
_software.location 
_software.mods 
_software.name 
_software.os 
_software.os_version 
_software.type 
_software.version 
_software.pdbx_ordinal 
? refinement       ? ? ? ? ? ? ? ? ? ? ? REFMAC  ? ? ? 5.8.0267 1 
? 'data reduction' ? ? ? ? ? ? ? ? ? ? ? Aimless ? ? ? .        2 
? 'data scaling'   ? ? ? ? ? ? ? ? ? ? ? Aimless ? ? ? .        3 
? phasing          ? ? ? ? ? ? ? ? ? ? ? REFMAC  ? ? ? .        4 
# 
_pdbx_entry_details.entry_id                 7L2Y 
_pdbx_entry_details.has_ligand_of_interest   Y 
_pdbx_entry_details.compound_details         ? 
_pdbx_entry_details.source_details           ? 
_pdbx_entry_details.nonpolymer_details       ? 
_pdbx_entry_details.sequence_details         ? 
# 
loop_
_pdbx_validate_close_contact.id 
_pdbx_validate_close_contact.PDB_model_num 
_pdbx_validate_close_contact.auth_atom_id_1 
_pdbx_validate_close_contact.auth_asym_id_1 
_pdbx_validate_close_contact.auth_comp_id_1 
_pdbx_validate_close_contact.auth_seq_id_1 
_pdbx_validate_close_contact.PDB_ins_code_1 
_pdbx_validate_close_contact.label_alt_id_1 
_pdbx_validate_close_contact.auth_atom_id_2 
_pdbx_validate_close_contact.auth_asym_id_2 
_pdbx_validate_close_contact.auth_comp_id_2 
_pdbx_validate_close_contact.auth_seq_id_2 
_pdbx_validate_close_contact.PDB_ins_code_2 
_pdbx_validate_close_contact.label_alt_id_2 
_pdbx_validate_close_contact.dist 
1 1 O AAA HOH 426 ? ? O   AAA HOH 432 ? ? 1.75 
2 1 O AAA HOH 429 ? ? O   AAA HOH 437 ? ? 1.79 
3 1 O AAA VAL 126 ? ? OD3 AAA OCS 130 ? ? 2.17 
# 
_pdbx_validate_symm_contact.id                1 
_pdbx_validate_symm_contact.PDB_model_num     1 
_pdbx_validate_symm_contact.auth_atom_id_1    O 
_pdbx_validate_symm_contact.auth_asym_id_1    AAA 
_pdbx_validate_symm_contact.auth_comp_id_1    HOH 
_pdbx_validate_symm_contact.auth_seq_id_1     434 
_pdbx_validate_symm_contact.PDB_ins_code_1    ? 
_pdbx_validate_symm_contact.label_alt_id_1    ? 
_pdbx_validate_symm_contact.site_symmetry_1   1_555 
_pdbx_validate_symm_contact.auth_atom_id_2    O 
_pdbx_validate_symm_contact.auth_asym_id_2    AAA 
_pdbx_validate_symm_contact.auth_comp_id_2    HOH 
_pdbx_validate_symm_contact.auth_seq_id_2     436 
_pdbx_validate_symm_contact.PDB_ins_code_2    ? 
_pdbx_validate_symm_contact.label_alt_id_2    ? 
_pdbx_validate_symm_contact.site_symmetry_2   7_545 
_pdbx_validate_symm_contact.dist              1.74 
# 
_pdbx_validate_torsion.id              1 
_pdbx_validate_torsion.PDB_model_num   1 
_pdbx_validate_torsion.auth_comp_id    THR 
_pdbx_validate_torsion.auth_asym_id    AAA 
_pdbx_validate_torsion.auth_seq_id     206 
_pdbx_validate_torsion.PDB_ins_code    ? 
_pdbx_validate_torsion.label_alt_id    ? 
_pdbx_validate_torsion.phi             -73.96 
_pdbx_validate_torsion.psi             44.99 
# 
loop_
_pdbx_unobs_or_zero_occ_residues.id 
_pdbx_unobs_or_zero_occ_residues.PDB_model_num 
_pdbx_unobs_or_zero_occ_residues.polymer_flag 
_pdbx_unobs_or_zero_occ_residues.occupancy_flag 
_pdbx_unobs_or_zero_occ_residues.auth_asym_id 
_pdbx_unobs_or_zero_occ_residues.auth_comp_id 
_pdbx_unobs_or_zero_occ_residues.auth_seq_id 
_pdbx_unobs_or_zero_occ_residues.PDB_ins_code 
_pdbx_unobs_or_zero_occ_residues.label_asym_id 
_pdbx_unobs_or_zero_occ_residues.label_comp_id 
_pdbx_unobs_or_zero_occ_residues.label_seq_id 
1  1 Y 1 AAA MET 50  ? A MET 1   
2  1 Y 1 AAA HIS 51  ? A HIS 2   
3  1 Y 1 AAA GLY 52  ? A GLY 3   
4  1 Y 1 AAA GLU 53  ? A GLU 4   
5  1 Y 1 AAA VAL 54  ? A VAL 5   
6  1 Y 1 AAA ASP 55  ? A ASP 6   
7  1 Y 1 AAA SER 56  ? A SER 7   
8  1 Y 1 AAA PRO 143 ? A PRO 93  
9  1 Y 1 AAA TYR 144 ? A TYR 94  
10 1 Y 1 AAA ASN 145 ? A ASN 95  
11 1 Y 1 AAA PRO 146 ? A PRO 96  
12 1 Y 1 AAA GLN 147 ? A GLN 97  
13 1 Y 1 AAA SER 148 ? A SER 98  
14 1 Y 1 AAA GLN 149 ? A GLN 99  
15 1 Y 1 AAA GLY 150 ? A GLY 100 
16 1 Y 1 AAA VAL 151 ? A VAL 101 
17 1 Y 1 AAA ILE 152 ? A ILE 102 
18 1 Y 1 AAA GLU 153 ? A GLU 103 
19 1 Y 1 AAA ILE 208 ? A ILE 158 
20 1 Y 1 AAA GLU 209 ? A GLU 159 
21 1 Y 1 AAA THR 210 ? A THR 160 
22 1 Y 1 AAA LYS 211 ? A LYS 161 
23 1 Y 1 AAA GLU 212 ? A GLU 162 
# 
_pdbx_entity_instance_feature.ordinal        1 
_pdbx_entity_instance_feature.comp_id        XHY 
_pdbx_entity_instance_feature.asym_id        ? 
_pdbx_entity_instance_feature.seq_num        ? 
_pdbx_entity_instance_feature.auth_comp_id   XHY 
_pdbx_entity_instance_feature.auth_asym_id   ? 
_pdbx_entity_instance_feature.auth_seq_num   ? 
_pdbx_entity_instance_feature.feature_type   'SUBJECT OF INVESTIGATION' 
_pdbx_entity_instance_feature.details        ? 
# 
loop_
_pdbx_entity_nonpoly.entity_id 
_pdbx_entity_nonpoly.name 
_pdbx_entity_nonpoly.comp_id 
2 'SULFATE ION'                                                           SO4 
3 'IODIDE ION'                                                            IOD 
4 '4-{[3-(carboxymethyl)-5-methyl-1-benzofuran-2-yl]ethynyl}benzoic acid' XHY 
5 water                                                                   HOH 
# 
_pdbx_struct_assembly_auth_evidence.id                     1 
_pdbx_struct_assembly_auth_evidence.assembly_id            1 
_pdbx_struct_assembly_auth_evidence.experimental_support   none 
_pdbx_struct_assembly_auth_evidence.details                ? 
# 
